data_1DRO
#
_entry.id   1DRO
#
_cell.length_a   1.000
_cell.length_b   1.000
_cell.length_c   1.000
_cell.angle_alpha   90.00
_cell.angle_beta   90.00
_cell.angle_gamma   90.00
#
_symmetry.space_group_name_H-M   'P 1'
#
_entity_poly.entity_id   1
_entity_poly.type   'polypeptide(L)'
_entity_poly.pdbx_seq_one_letter_code
;GSGTGAGEGHEGYVTRKHEWDSTTKKASNRSWDKVYMAAKAGRISFYKDQKGYKSNPELTFRGEPSYDLQNAAIEIASDY
TKKKHVLRVKLANGALFLLQAHDDTEMSQWVTSLKAQSDSTA
;
_entity_poly.pdbx_strand_id   A
#
# COMPACT_ATOMS: atom_id res chain seq x y z
N GLY A 1 3.29 -9.45 16.82
CA GLY A 1 4.64 -9.82 17.23
C GLY A 1 4.95 -9.29 18.61
N SER A 2 6.19 -8.93 18.84
CA SER A 2 6.64 -8.44 20.14
C SER A 2 7.29 -7.08 20.02
N GLY A 3 8.26 -6.98 19.13
CA GLY A 3 8.92 -5.71 18.84
C GLY A 3 8.56 -5.21 17.46
N THR A 4 9.37 -4.31 16.93
CA THR A 4 9.14 -3.75 15.60
C THR A 4 9.73 -4.64 14.53
N GLY A 5 9.13 -4.60 13.35
CA GLY A 5 9.57 -5.42 12.22
C GLY A 5 10.71 -4.75 11.49
N ALA A 6 10.66 -4.81 10.17
CA ALA A 6 11.69 -4.20 9.33
C ALA A 6 11.59 -2.70 9.34
N GLY A 7 10.69 -2.17 8.54
CA GLY A 7 10.42 -0.73 8.52
C GLY A 7 9.29 -0.38 9.46
N GLU A 8 8.39 0.46 9.00
CA GLU A 8 7.19 0.81 9.75
C GLU A 8 5.95 0.54 8.95
N GLY A 9 5.37 -0.64 9.11
CA GLY A 9 4.07 -0.94 8.52
C GLY A 9 3.68 -2.39 8.79
N HIS A 10 2.70 -2.84 8.01
CA HIS A 10 2.33 -4.26 8.02
C HIS A 10 2.87 -4.93 6.77
N GLU A 11 3.24 -6.19 6.84
CA GLU A 11 3.92 -6.84 5.72
C GLU A 11 3.44 -8.27 5.51
N GLY A 12 3.02 -8.56 4.29
CA GLY A 12 2.67 -9.91 3.88
C GLY A 12 2.70 -10.04 2.38
N TYR A 13 2.85 -11.25 1.88
CA TYR A 13 2.72 -11.50 0.43
C TYR A 13 1.28 -11.43 0.01
N VAL A 14 0.88 -10.27 -0.49
CA VAL A 14 -0.52 -10.00 -0.80
C VAL A 14 -0.68 -9.39 -2.16
N THR A 15 -1.91 -9.02 -2.49
CA THR A 15 -2.22 -8.41 -3.78
C THR A 15 -2.59 -6.95 -3.62
N ARG A 16 -1.59 -6.09 -3.60
CA ARG A 16 -1.82 -4.65 -3.37
C ARG A 16 -1.70 -3.88 -4.65
N LYS A 17 -2.22 -2.66 -4.64
CA LYS A 17 -2.08 -1.75 -5.77
C LYS A 17 -1.51 -0.42 -5.32
N HIS A 18 -0.19 -0.30 -5.33
CA HIS A 18 0.48 0.90 -4.85
C HIS A 18 0.07 2.11 -5.66
N GLU A 19 0.68 3.24 -5.34
CA GLU A 19 0.56 4.50 -6.06
C GLU A 19 0.05 4.33 -7.48
N TRP A 20 -0.97 5.10 -7.82
CA TRP A 20 -1.70 4.94 -9.07
C TRP A 20 -1.81 6.24 -9.84
N ASP A 21 -1.94 6.13 -11.15
CA ASP A 21 -2.20 7.26 -12.02
C ASP A 21 -2.66 6.81 -13.38
N SER A 22 -3.44 5.75 -13.40
CA SER A 22 -3.94 5.17 -14.65
C SER A 22 -5.40 4.79 -14.53
N THR A 23 -6.10 4.79 -15.65
CA THR A 23 -7.54 4.54 -15.66
C THR A 23 -7.94 3.66 -16.82
N THR A 24 -7.10 2.68 -17.11
CA THR A 24 -7.42 1.66 -18.11
C THR A 24 -8.03 0.44 -17.46
N LYS A 25 -9.19 0.03 -17.95
CA LYS A 25 -9.93 -1.07 -17.34
C LYS A 25 -11.02 -1.57 -18.26
N LYS A 26 -12.08 -0.80 -18.38
CA LYS A 26 -13.27 -1.21 -19.11
C LYS A 26 -13.85 -2.48 -18.53
N ALA A 27 -13.55 -3.63 -19.12
CA ALA A 27 -14.10 -4.91 -18.63
C ALA A 27 -13.37 -5.35 -17.38
N SER A 28 -12.07 -5.54 -17.52
CA SER A 28 -11.20 -5.84 -16.38
C SER A 28 -9.79 -5.39 -16.65
N ASN A 29 -8.96 -6.29 -17.17
CA ASN A 29 -7.55 -5.99 -17.43
C ASN A 29 -6.82 -5.70 -16.14
N ARG A 30 -6.01 -6.66 -15.71
CA ARG A 30 -5.34 -6.60 -14.42
C ARG A 30 -4.54 -5.32 -14.28
N SER A 31 -4.42 -4.86 -13.04
CA SER A 31 -3.68 -3.62 -12.77
C SER A 31 -2.86 -3.70 -11.49
N TRP A 32 -3.48 -4.29 -10.49
CA TRP A 32 -2.80 -4.59 -9.22
C TRP A 32 -1.69 -5.58 -9.42
N ASP A 33 -0.94 -5.85 -8.37
CA ASP A 33 0.13 -6.84 -8.40
C ASP A 33 0.15 -7.68 -7.15
N LYS A 34 0.70 -8.87 -7.25
CA LYS A 34 0.81 -9.79 -6.12
C LYS A 34 2.26 -10.06 -5.77
N VAL A 35 2.75 -9.35 -4.77
CA VAL A 35 4.17 -9.41 -4.40
C VAL A 35 4.34 -9.52 -2.90
N TYR A 36 5.55 -9.34 -2.43
CA TYR A 36 5.80 -9.28 -0.99
C TYR A 36 5.89 -7.85 -0.51
N MET A 37 4.74 -7.30 -0.15
CA MET A 37 4.65 -5.88 0.20
C MET A 37 5.07 -5.65 1.63
N ALA A 38 5.79 -4.57 1.86
CA ALA A 38 6.17 -4.13 3.19
C ALA A 38 5.90 -2.65 3.36
N ALA A 39 4.64 -2.32 3.57
CA ALA A 39 4.17 -0.93 3.60
C ALA A 39 2.92 -0.82 4.44
N LYS A 40 2.47 0.39 4.74
CA LYS A 40 1.18 0.58 5.41
C LYS A 40 0.65 1.98 5.22
N ALA A 41 1.23 2.92 5.94
CA ALA A 41 0.69 4.28 6.00
C ALA A 41 1.61 5.17 6.82
N GLY A 42 2.89 4.90 6.69
CA GLY A 42 3.96 5.60 7.41
C GLY A 42 5.18 5.65 6.50
N ARG A 43 5.42 4.53 5.85
CA ARG A 43 6.37 4.41 4.74
C ARG A 43 6.04 3.18 3.92
N ILE A 44 6.29 3.21 2.62
CA ILE A 44 6.13 2.02 1.79
C ILE A 44 7.46 1.35 1.53
N SER A 45 7.42 0.04 1.32
CA SER A 45 8.58 -0.73 0.91
C SER A 45 8.17 -1.96 0.14
N PHE A 46 8.72 -2.14 -1.05
CA PHE A 46 8.26 -3.19 -1.96
C PHE A 46 9.34 -4.19 -2.34
N TYR A 47 8.94 -5.45 -2.41
CA TYR A 47 9.79 -6.51 -2.95
C TYR A 47 8.96 -7.69 -3.37
N LYS A 48 9.20 -8.23 -4.56
CA LYS A 48 8.55 -9.47 -4.99
C LYS A 48 9.09 -10.65 -4.20
N ASP A 49 10.40 -10.70 -4.10
CA ASP A 49 11.13 -11.64 -3.26
C ASP A 49 12.39 -11.01 -2.72
N GLN A 50 13.25 -11.82 -2.14
CA GLN A 50 14.59 -11.37 -1.76
C GLN A 50 15.53 -11.48 -2.93
N LYS A 51 15.35 -10.63 -3.91
CA LYS A 51 16.01 -10.71 -5.21
C LYS A 51 17.00 -9.58 -5.39
N GLY A 52 16.59 -8.46 -5.95
CA GLY A 52 17.44 -7.24 -5.89
C GLY A 52 17.84 -7.10 -4.41
N TYR A 53 16.91 -7.47 -3.55
CA TYR A 53 17.13 -7.62 -2.13
C TYR A 53 18.32 -8.50 -1.86
N LYS A 54 18.37 -9.68 -2.44
CA LYS A 54 19.58 -10.51 -2.41
C LYS A 54 20.82 -9.68 -2.65
N SER A 55 20.83 -8.99 -3.77
CA SER A 55 21.99 -8.19 -4.17
C SER A 55 22.15 -6.98 -3.29
N ASN A 56 21.37 -5.95 -3.57
CA ASN A 56 21.51 -4.66 -2.88
C ASN A 56 20.21 -4.26 -2.22
N PRO A 57 20.28 -3.80 -0.99
CA PRO A 57 19.10 -3.37 -0.11
C PRO A 57 18.36 -2.12 -0.57
N GLU A 58 18.68 -1.59 -1.73
CA GLU A 58 17.93 -0.48 -2.32
C GLU A 58 17.15 -0.95 -3.53
N LEU A 59 17.68 -1.94 -4.23
CA LEU A 59 17.00 -2.51 -5.39
C LEU A 59 16.19 -3.73 -5.00
N THR A 60 15.21 -4.07 -5.82
CA THR A 60 14.44 -5.30 -5.63
C THR A 60 13.93 -5.81 -6.96
N PHE A 61 12.65 -6.01 -7.17
CA PHE A 61 12.15 -6.68 -8.39
C PHE A 61 11.85 -5.69 -9.49
N ARG A 62 12.32 -4.46 -9.36
CA ARG A 62 11.98 -3.34 -10.25
C ARG A 62 10.62 -2.76 -9.90
N GLY A 63 9.72 -3.52 -9.31
CA GLY A 63 8.53 -2.96 -8.65
C GLY A 63 8.96 -2.73 -7.18
N GLU A 64 10.04 -1.97 -7.10
CA GLU A 64 10.81 -1.80 -5.87
C GLU A 64 10.38 -0.68 -4.95
N PRO A 65 9.67 0.34 -5.41
CA PRO A 65 9.26 1.64 -4.73
C PRO A 65 9.03 1.65 -3.23
N SER A 66 8.99 2.87 -2.68
CA SER A 66 8.88 3.11 -1.26
C SER A 66 8.42 4.53 -0.98
N TYR A 67 7.88 4.76 0.20
CA TYR A 67 7.27 6.04 0.53
C TYR A 67 7.46 6.37 1.99
N ASP A 68 6.99 7.54 2.39
CA ASP A 68 6.96 7.96 3.78
C ASP A 68 5.72 8.77 4.07
N LEU A 69 4.61 8.12 4.37
CA LEU A 69 3.32 8.81 4.45
C LEU A 69 2.55 8.56 5.73
N GLN A 70 2.85 9.28 6.80
CA GLN A 70 1.96 9.35 7.96
C GLN A 70 0.97 10.49 7.81
N ASN A 71 0.81 10.93 6.57
CA ASN A 71 -0.09 12.01 6.16
C ASN A 71 -1.36 11.48 5.53
N ALA A 72 -1.26 10.31 4.91
CA ALA A 72 -2.35 9.75 4.10
C ALA A 72 -3.59 9.50 4.94
N ALA A 73 -4.56 8.87 4.31
CA ALA A 73 -5.89 8.65 4.90
C ALA A 73 -6.26 7.19 4.85
N ILE A 74 -7.54 6.89 4.91
CA ILE A 74 -8.01 5.51 5.02
C ILE A 74 -9.26 5.29 4.19
N GLU A 75 -9.43 4.08 3.69
CA GLU A 75 -10.67 3.73 2.99
C GLU A 75 -10.75 2.24 2.74
N ILE A 76 -11.98 1.76 2.60
CA ILE A 76 -12.25 0.38 2.23
C ILE A 76 -13.13 0.31 1.00
N ALA A 77 -12.95 -0.71 0.19
CA ALA A 77 -13.63 -0.81 -1.10
C ALA A 77 -15.13 -0.89 -0.90
N SER A 78 -15.62 -2.07 -0.61
CA SER A 78 -17.06 -2.26 -0.36
C SER A 78 -17.88 -1.85 -1.57
N ASP A 79 -17.35 -2.12 -2.75
CA ASP A 79 -18.07 -1.88 -3.99
C ASP A 79 -17.48 -2.69 -5.12
N TYR A 80 -17.26 -3.96 -4.86
CA TYR A 80 -16.67 -4.87 -5.85
C TYR A 80 -17.09 -6.29 -5.60
N THR A 81 -16.52 -7.21 -6.36
CA THR A 81 -16.78 -8.63 -6.18
C THR A 81 -15.55 -9.36 -5.69
N LYS A 82 -14.38 -8.80 -5.92
CA LYS A 82 -13.13 -9.37 -5.41
C LYS A 82 -12.40 -8.37 -4.56
N LYS A 83 -12.29 -7.15 -5.06
CA LYS A 83 -11.70 -6.03 -4.33
C LYS A 83 -12.60 -5.55 -3.21
N LYS A 84 -13.76 -6.13 -3.02
CA LYS A 84 -14.62 -5.81 -1.87
C LYS A 84 -14.24 -6.53 -0.59
N HIS A 85 -12.98 -6.88 -0.46
CA HIS A 85 -12.39 -7.39 0.78
C HIS A 85 -11.01 -6.79 0.94
N VAL A 86 -10.90 -5.54 0.52
CA VAL A 86 -9.63 -4.82 0.41
C VAL A 86 -9.65 -3.56 1.25
N LEU A 87 -8.48 -3.07 1.61
CA LEU A 87 -8.34 -1.80 2.29
C LEU A 87 -7.41 -0.88 1.54
N ARG A 88 -7.47 0.42 1.83
CA ARG A 88 -6.72 1.40 1.05
C ARG A 88 -6.44 2.65 1.86
N VAL A 89 -5.17 3.04 1.90
CA VAL A 89 -4.78 4.32 2.51
C VAL A 89 -4.33 5.28 1.43
N LYS A 90 -4.82 6.51 1.49
CA LYS A 90 -4.59 7.49 0.42
C LYS A 90 -3.65 8.57 0.86
N LEU A 91 -2.51 8.66 0.18
CA LEU A 91 -1.56 9.74 0.43
C LEU A 91 -2.17 11.08 0.08
N ALA A 92 -1.30 12.07 -0.06
CA ALA A 92 -1.68 13.38 -0.58
C ALA A 92 -0.93 13.67 -1.86
N ASN A 93 -0.61 12.64 -2.61
CA ASN A 93 0.04 12.80 -3.92
C ASN A 93 -0.69 12.02 -4.99
N GLY A 94 -1.98 11.83 -4.83
CA GLY A 94 -2.79 11.19 -5.85
C GLY A 94 -2.77 9.68 -5.77
N ALA A 95 -1.82 9.11 -5.07
CA ALA A 95 -1.62 7.66 -5.06
C ALA A 95 -2.44 6.98 -3.99
N LEU A 96 -2.72 5.71 -4.17
CA LEU A 96 -3.34 4.90 -3.11
C LEU A 96 -2.63 3.58 -2.94
N PHE A 97 -2.57 3.08 -1.72
CA PHE A 97 -2.04 1.75 -1.46
C PHE A 97 -3.14 0.80 -1.04
N LEU A 98 -3.60 0.01 -2.00
CA LEU A 98 -4.70 -0.94 -1.78
C LEU A 98 -4.17 -2.25 -1.25
N LEU A 99 -4.99 -3.00 -0.52
CA LEU A 99 -4.52 -4.22 0.15
C LEU A 99 -5.55 -5.33 0.06
N GLN A 100 -5.33 -6.30 -0.82
CA GLN A 100 -6.16 -7.50 -0.84
C GLN A 100 -5.43 -8.65 -0.19
N ALA A 101 -5.75 -8.88 1.08
CA ALA A 101 -5.02 -9.85 1.90
C ALA A 101 -5.49 -11.26 1.64
N HIS A 102 -4.88 -12.21 2.33
CA HIS A 102 -5.11 -13.63 2.07
C HIS A 102 -6.25 -14.18 2.88
N ASP A 103 -6.19 -14.08 4.20
CA ASP A 103 -7.12 -14.77 5.08
C ASP A 103 -8.36 -13.96 5.37
N ASP A 104 -8.21 -13.05 6.33
CA ASP A 104 -9.30 -12.28 6.90
C ASP A 104 -8.89 -11.70 8.24
N THR A 105 -8.01 -12.43 8.93
CA THR A 105 -7.47 -11.97 10.20
C THR A 105 -6.27 -11.09 9.98
N GLU A 106 -5.59 -11.29 8.87
CA GLU A 106 -4.50 -10.42 8.44
C GLU A 106 -5.07 -9.27 7.65
N MET A 107 -6.15 -9.52 6.94
CA MET A 107 -6.75 -8.50 6.07
C MET A 107 -7.30 -7.37 6.90
N SER A 108 -7.96 -7.74 7.98
CA SER A 108 -8.46 -6.77 8.96
C SER A 108 -7.32 -6.19 9.76
N GLN A 109 -6.28 -6.96 10.01
CA GLN A 109 -5.07 -6.46 10.67
C GLN A 109 -4.29 -5.53 9.78
N TRP A 110 -4.46 -5.63 8.47
CA TRP A 110 -3.89 -4.66 7.54
C TRP A 110 -4.58 -3.32 7.72
N VAL A 111 -5.88 -3.37 7.94
CA VAL A 111 -6.65 -2.16 8.24
C VAL A 111 -6.36 -1.66 9.63
N THR A 112 -6.15 -2.58 10.56
CA THR A 112 -5.74 -2.20 11.91
C THR A 112 -4.42 -1.47 11.87
N SER A 113 -3.42 -2.09 11.28
CA SER A 113 -2.13 -1.41 11.07
C SER A 113 -2.37 -0.11 10.33
N LEU A 114 -2.72 -0.23 9.06
CA LEU A 114 -2.83 0.87 8.12
C LEU A 114 -3.55 2.07 8.71
N LYS A 115 -4.66 1.85 9.38
CA LYS A 115 -5.46 2.95 9.91
C LYS A 115 -4.70 3.72 10.97
N ALA A 116 -4.04 2.99 11.85
CA ALA A 116 -3.20 3.60 12.87
C ALA A 116 -2.13 4.51 12.29
N GLN A 117 -1.68 4.26 11.08
CA GLN A 117 -0.52 4.98 10.53
C GLN A 117 -0.89 6.09 9.56
N SER A 118 -1.62 5.81 8.50
CA SER A 118 -1.91 6.74 7.40
C SER A 118 -2.07 8.16 7.86
N ASP A 119 -3.04 8.38 8.73
CA ASP A 119 -3.37 9.72 9.22
C ASP A 119 -2.93 9.88 10.67
N SER A 120 -1.63 9.89 10.88
CA SER A 120 -1.07 10.13 12.20
C SER A 120 -1.13 11.59 12.57
N THR A 121 -1.49 11.85 13.82
CA THR A 121 -1.45 13.21 14.36
C THR A 121 -1.06 13.19 15.82
N ALA A 122 -1.80 12.45 16.61
CA ALA A 122 -1.50 12.29 18.03
C ALA A 122 -1.61 10.84 18.45
N GLY A 1 5.31 -20.14 3.90
CA GLY A 1 5.59 -18.78 4.34
C GLY A 1 7.05 -18.44 4.14
N SER A 2 7.31 -17.47 3.27
CA SER A 2 8.66 -16.97 3.06
C SER A 2 8.67 -15.46 3.02
N GLY A 3 9.62 -14.87 3.72
CA GLY A 3 9.81 -13.42 3.71
C GLY A 3 9.90 -12.87 5.10
N THR A 4 11.11 -12.78 5.62
CA THR A 4 11.36 -12.17 6.92
C THR A 4 12.14 -10.89 6.78
N GLY A 5 13.02 -10.84 5.79
CA GLY A 5 13.94 -9.71 5.63
C GLY A 5 13.38 -8.69 4.67
N ALA A 6 12.82 -9.16 3.57
CA ALA A 6 12.35 -8.29 2.50
C ALA A 6 11.28 -7.34 3.02
N GLY A 7 11.27 -6.14 2.48
CA GLY A 7 10.23 -5.16 2.80
C GLY A 7 9.12 -5.19 1.78
N GLU A 8 7.89 -5.26 2.25
CA GLU A 8 6.75 -5.44 1.36
C GLU A 8 5.59 -4.56 1.77
N GLY A 9 4.52 -4.60 0.97
CA GLY A 9 3.23 -3.93 1.18
C GLY A 9 2.13 -4.85 0.66
N HIS A 10 1.32 -4.34 -0.25
CA HIS A 10 0.35 -5.19 -0.96
C HIS A 10 0.15 -4.68 -2.37
N GLU A 11 -0.31 -5.58 -3.24
CA GLU A 11 -0.42 -5.28 -4.66
C GLU A 11 -1.58 -6.01 -5.29
N GLY A 12 -2.52 -5.24 -5.82
CA GLY A 12 -3.67 -5.79 -6.53
C GLY A 12 -4.30 -4.77 -7.44
N TYR A 13 -5.30 -5.16 -8.20
CA TYR A 13 -6.06 -4.21 -9.01
C TYR A 13 -7.33 -3.80 -8.30
N VAL A 14 -7.39 -2.56 -7.86
CA VAL A 14 -8.50 -2.09 -7.04
C VAL A 14 -8.79 -0.63 -7.29
N THR A 15 -9.69 -0.08 -6.49
CA THR A 15 -10.00 1.35 -6.58
C THR A 15 -9.25 2.14 -5.53
N ARG A 16 -8.08 2.62 -5.91
CA ARG A 16 -7.22 3.41 -5.04
C ARG A 16 -7.69 4.85 -4.99
N LYS A 17 -6.89 5.68 -4.32
CA LYS A 17 -7.06 7.12 -4.28
C LYS A 17 -5.71 7.80 -4.18
N HIS A 18 -4.78 7.29 -4.97
CA HIS A 18 -3.38 7.70 -4.91
C HIS A 18 -3.22 9.21 -4.95
N GLU A 19 -2.13 9.69 -4.39
CA GLU A 19 -1.68 11.07 -4.39
C GLU A 19 -2.53 12.02 -5.20
N TRP A 20 -3.15 12.97 -4.52
CA TRP A 20 -3.89 14.06 -5.15
C TRP A 20 -2.96 15.20 -5.50
N ASP A 21 -2.88 15.55 -6.77
CA ASP A 21 -1.90 16.52 -7.25
C ASP A 21 -2.33 17.94 -6.97
N SER A 22 -1.82 18.49 -5.87
CA SER A 22 -2.00 19.89 -5.51
C SER A 22 -3.45 20.31 -5.62
N THR A 23 -3.83 20.96 -6.70
CA THR A 23 -5.16 21.55 -6.84
C THR A 23 -5.37 22.65 -5.83
N THR A 24 -6.23 23.60 -6.18
CA THR A 24 -6.63 24.65 -5.26
C THR A 24 -8.12 24.57 -4.96
N LYS A 25 -8.45 23.91 -3.86
CA LYS A 25 -9.83 23.61 -3.52
C LYS A 25 -10.42 22.64 -4.53
N LYS A 26 -10.78 21.46 -4.04
CA LYS A 26 -11.23 20.38 -4.92
C LYS A 26 -12.37 20.82 -5.80
N ALA A 27 -12.22 20.60 -7.09
CA ALA A 27 -13.24 20.95 -8.08
C ALA A 27 -12.78 20.61 -9.48
N SER A 28 -13.58 19.83 -10.18
CA SER A 28 -13.40 19.50 -11.60
C SER A 28 -12.66 18.19 -11.74
N ASN A 29 -11.46 18.10 -11.21
CA ASN A 29 -10.62 16.92 -11.37
C ASN A 29 -10.20 16.37 -10.03
N ARG A 30 -11.02 15.52 -9.46
CA ARG A 30 -10.80 15.02 -8.10
C ARG A 30 -11.71 13.85 -7.81
N SER A 31 -11.38 12.70 -8.37
CA SER A 31 -12.08 11.46 -8.07
C SER A 31 -11.13 10.28 -8.03
N TRP A 32 -11.53 9.23 -7.36
CA TRP A 32 -10.67 8.07 -7.14
C TRP A 32 -10.33 7.40 -8.45
N ASP A 33 -9.47 6.40 -8.40
CA ASP A 33 -8.96 5.77 -9.61
C ASP A 33 -8.86 4.27 -9.46
N LYS A 34 -8.81 3.58 -10.59
CA LYS A 34 -8.58 2.14 -10.63
C LYS A 34 -7.30 1.83 -11.36
N VAL A 35 -6.51 0.91 -10.86
CA VAL A 35 -5.18 0.64 -11.42
C VAL A 35 -4.58 -0.62 -10.83
N TYR A 36 -3.50 -1.07 -11.43
CA TYR A 36 -2.72 -2.19 -10.89
C TYR A 36 -1.61 -1.67 -10.02
N MET A 37 -1.88 -1.59 -8.72
CA MET A 37 -0.96 -0.96 -7.79
C MET A 37 -0.06 -1.94 -7.09
N ALA A 38 1.14 -1.48 -6.79
CA ALA A 38 2.11 -2.18 -5.95
C ALA A 38 2.65 -1.21 -4.93
N ALA A 39 1.76 -0.83 -4.03
CA ALA A 39 2.02 0.24 -3.07
C ALA A 39 1.56 -0.15 -1.69
N LYS A 40 1.84 0.73 -0.73
CA LYS A 40 1.61 0.45 0.68
C LYS A 40 1.81 1.68 1.52
N ALA A 41 1.92 1.45 2.82
CA ALA A 41 2.32 2.46 3.78
C ALA A 41 3.83 2.49 3.95
N GLY A 42 4.59 2.00 2.98
CA GLY A 42 6.03 1.83 3.09
C GLY A 42 6.72 2.33 1.85
N ARG A 43 6.17 2.01 0.69
CA ARG A 43 6.66 2.56 -0.58
C ARG A 43 5.56 2.61 -1.60
N ILE A 44 5.84 3.15 -2.78
CA ILE A 44 4.88 3.12 -3.88
C ILE A 44 5.51 2.64 -5.17
N SER A 45 4.72 1.96 -5.98
CA SER A 45 5.11 1.58 -7.33
C SER A 45 3.86 1.39 -8.18
N PHE A 46 3.53 2.38 -8.99
CA PHE A 46 2.26 2.38 -9.72
C PHE A 46 2.36 1.89 -11.15
N TYR A 47 1.34 1.19 -11.59
CA TYR A 47 1.19 0.79 -12.98
C TYR A 47 -0.26 0.45 -13.30
N LYS A 48 -0.96 1.40 -13.89
CA LYS A 48 -2.40 1.24 -14.17
C LYS A 48 -2.67 -0.06 -14.89
N ASP A 49 -1.71 -0.47 -15.69
CA ASP A 49 -1.72 -1.77 -16.35
C ASP A 49 -0.31 -2.22 -16.67
N GLN A 50 -0.18 -3.17 -17.58
CA GLN A 50 1.14 -3.58 -18.07
C GLN A 50 1.66 -2.63 -19.15
N LYS A 51 0.91 -1.63 -19.54
CA LYS A 51 1.23 -0.74 -20.67
C LYS A 51 2.63 -0.15 -20.68
N GLY A 52 2.92 0.78 -19.77
CA GLY A 52 4.27 1.35 -19.66
C GLY A 52 5.23 0.24 -19.28
N TYR A 53 4.78 -0.57 -18.32
CA TYR A 53 5.50 -1.77 -17.93
C TYR A 53 5.97 -2.56 -19.13
N LYS A 54 5.19 -2.49 -20.20
CA LYS A 54 5.46 -3.15 -21.47
C LYS A 54 6.65 -2.50 -22.16
N SER A 55 6.64 -1.18 -22.19
CA SER A 55 7.74 -0.40 -22.74
C SER A 55 8.78 -0.10 -21.67
N ASN A 56 8.55 0.94 -20.91
CA ASN A 56 9.53 1.43 -19.94
C ASN A 56 9.00 1.36 -18.52
N PRO A 57 9.84 0.94 -17.61
CA PRO A 57 9.51 0.69 -16.13
C PRO A 57 9.33 1.92 -15.28
N GLU A 58 9.78 3.08 -15.74
CA GLU A 58 9.51 4.34 -15.04
C GLU A 58 8.53 5.20 -15.81
N LEU A 59 7.87 4.69 -16.82
CA LEU A 59 6.78 5.41 -17.51
C LEU A 59 5.61 4.49 -17.75
N THR A 60 5.10 3.91 -16.68
CA THR A 60 4.06 2.89 -16.79
C THR A 60 2.83 3.44 -17.49
N PHE A 61 1.95 4.09 -16.76
CA PHE A 61 0.76 4.71 -17.34
C PHE A 61 0.77 6.21 -17.16
N ARG A 62 1.92 6.78 -16.87
CA ARG A 62 2.12 8.19 -16.52
C ARG A 62 1.71 8.48 -15.09
N GLY A 63 0.88 7.71 -14.45
CA GLY A 63 0.66 7.79 -12.98
C GLY A 63 1.62 6.73 -12.40
N GLU A 64 2.81 6.76 -12.95
CA GLU A 64 3.85 5.75 -12.77
C GLU A 64 4.67 5.80 -11.49
N PRO A 65 4.86 6.96 -10.90
CA PRO A 65 5.71 7.33 -9.70
C PRO A 65 5.74 6.34 -8.56
N SER A 66 6.67 6.60 -7.64
CA SER A 66 6.97 5.71 -6.53
C SER A 66 7.31 6.49 -5.28
N TYR A 67 7.46 5.78 -4.17
CA TYR A 67 7.66 6.39 -2.87
C TYR A 67 8.31 5.43 -1.91
N ASP A 68 8.86 5.96 -0.84
CA ASP A 68 9.56 5.17 0.17
C ASP A 68 9.18 5.63 1.56
N LEU A 69 7.89 5.65 1.82
CA LEU A 69 7.36 6.23 3.06
C LEU A 69 7.17 5.22 4.16
N GLN A 70 8.13 5.03 5.05
CA GLN A 70 7.90 4.26 6.28
C GLN A 70 7.44 5.17 7.39
N ASN A 71 7.09 6.39 7.02
CA ASN A 71 6.71 7.49 7.90
C ASN A 71 5.23 7.77 7.86
N ALA A 72 4.61 7.46 6.73
CA ALA A 72 3.19 7.74 6.48
C ALA A 72 2.33 7.42 7.68
N ALA A 73 1.23 8.16 7.80
CA ALA A 73 0.21 7.90 8.82
C ALA A 73 -0.78 6.87 8.33
N ILE A 74 -1.71 6.52 9.19
CA ILE A 74 -2.68 5.45 8.88
C ILE A 74 -3.98 5.66 9.63
N GLU A 75 -5.08 5.38 8.95
CA GLU A 75 -6.40 5.39 9.56
C GLU A 75 -7.43 4.79 8.63
N ILE A 76 -8.61 4.49 9.16
CA ILE A 76 -9.63 3.76 8.41
C ILE A 76 -10.78 4.66 8.01
N ALA A 77 -10.84 5.02 6.75
CA ALA A 77 -11.97 5.75 6.19
C ALA A 77 -12.30 6.97 7.03
N SER A 78 -13.58 7.26 7.23
CA SER A 78 -13.98 8.34 8.12
C SER A 78 -15.45 8.22 8.50
N ASP A 79 -16.31 8.68 7.60
CA ASP A 79 -17.75 8.65 7.85
C ASP A 79 -18.52 8.69 6.54
N TYR A 80 -17.94 8.11 5.50
CA TYR A 80 -18.60 8.08 4.19
C TYR A 80 -19.83 7.20 4.23
N THR A 81 -19.70 5.92 3.91
CA THR A 81 -20.84 5.02 3.78
C THR A 81 -20.45 3.75 3.05
N LYS A 82 -20.18 3.88 1.77
CA LYS A 82 -19.72 2.75 0.95
C LYS A 82 -18.21 2.66 0.96
N LYS A 83 -17.57 3.80 1.06
CA LYS A 83 -16.11 3.89 1.23
C LYS A 83 -15.68 3.65 2.65
N LYS A 84 -16.60 3.37 3.55
CA LYS A 84 -16.29 3.05 4.96
C LYS A 84 -15.66 1.68 5.20
N HIS A 85 -15.23 1.06 4.11
CA HIS A 85 -14.46 -0.17 4.16
C HIS A 85 -13.11 0.03 3.52
N VAL A 86 -12.59 1.23 3.66
CA VAL A 86 -11.37 1.67 3.00
C VAL A 86 -10.28 1.98 4.01
N LEU A 87 -9.05 1.65 3.68
CA LEU A 87 -7.90 2.00 4.52
C LEU A 87 -7.12 3.15 3.92
N ARG A 88 -6.74 4.08 4.77
CA ARG A 88 -6.10 5.32 4.34
C ARG A 88 -4.73 5.48 4.94
N VAL A 89 -3.71 5.53 4.10
CA VAL A 89 -2.35 5.82 4.53
C VAL A 89 -1.83 7.08 3.87
N LYS A 90 -1.50 8.06 4.69
CA LYS A 90 -1.13 9.39 4.20
C LYS A 90 0.33 9.69 4.43
N LEU A 91 0.85 10.66 3.69
CA LEU A 91 2.20 11.17 3.87
C LEU A 91 2.16 12.55 4.50
N ALA A 92 3.24 13.28 4.35
CA ALA A 92 3.28 14.69 4.75
C ALA A 92 3.74 15.57 3.62
N ASN A 93 3.44 15.18 2.39
CA ASN A 93 3.71 16.00 1.21
C ASN A 93 2.42 16.54 0.64
N GLY A 94 1.35 15.77 0.76
CA GLY A 94 0.04 16.18 0.27
C GLY A 94 -0.75 15.03 -0.29
N ALA A 95 -0.09 13.94 -0.64
CA ALA A 95 -0.76 12.83 -1.33
C ALA A 95 -1.40 11.88 -0.34
N LEU A 96 -2.44 11.20 -0.77
CA LEU A 96 -3.08 10.15 0.02
C LEU A 96 -3.09 8.82 -0.71
N PHE A 97 -3.17 7.74 0.05
CA PHE A 97 -3.34 6.41 -0.53
C PHE A 97 -4.48 5.68 0.15
N LEU A 98 -5.69 5.92 -0.32
CA LEU A 98 -6.90 5.26 0.19
C LEU A 98 -7.19 3.99 -0.58
N LEU A 99 -7.49 2.91 0.09
CA LEU A 99 -7.62 1.60 -0.55
C LEU A 99 -9.02 1.02 -0.47
N GLN A 100 -9.71 0.99 -1.59
CA GLN A 100 -10.98 0.27 -1.68
C GLN A 100 -10.74 -1.03 -2.43
N ALA A 101 -10.34 -2.04 -1.69
CA ALA A 101 -9.89 -3.31 -2.28
C ALA A 101 -11.05 -4.19 -2.73
N HIS A 102 -10.70 -5.40 -3.10
CA HIS A 102 -11.64 -6.33 -3.71
C HIS A 102 -12.56 -6.97 -2.69
N ASP A 103 -12.13 -8.04 -2.07
CA ASP A 103 -12.99 -8.84 -1.19
C ASP A 103 -12.92 -8.35 0.24
N ASP A 104 -13.27 -9.22 1.16
CA ASP A 104 -13.09 -8.98 2.58
C ASP A 104 -11.75 -9.49 3.04
N THR A 105 -11.18 -10.42 2.29
CA THR A 105 -9.80 -10.86 2.57
C THR A 105 -8.86 -9.74 2.20
N GLU A 106 -8.82 -9.41 0.92
CA GLU A 106 -8.09 -8.24 0.43
C GLU A 106 -8.36 -7.01 1.27
N MET A 107 -9.60 -6.77 1.66
CA MET A 107 -9.92 -5.49 2.32
C MET A 107 -9.06 -5.31 3.56
N SER A 108 -9.32 -6.17 4.54
CA SER A 108 -8.57 -6.17 5.79
C SER A 108 -7.15 -6.63 5.59
N GLN A 109 -6.81 -7.22 4.47
CA GLN A 109 -5.42 -7.59 4.17
C GLN A 109 -4.59 -6.36 3.86
N TRP A 110 -4.99 -5.61 2.85
CA TRP A 110 -4.39 -4.32 2.53
C TRP A 110 -4.20 -3.49 3.78
N VAL A 111 -5.10 -3.60 4.74
CA VAL A 111 -5.00 -2.82 5.97
C VAL A 111 -3.93 -3.38 6.89
N THR A 112 -3.95 -4.68 7.13
CA THR A 112 -2.88 -5.33 7.90
C THR A 112 -1.53 -5.03 7.30
N SER A 113 -1.49 -4.99 5.98
CA SER A 113 -0.25 -4.73 5.24
C SER A 113 0.16 -3.28 5.44
N LEU A 114 -0.70 -2.38 5.01
CA LEU A 114 -0.56 -0.95 5.24
C LEU A 114 -0.11 -0.65 6.65
N LYS A 115 -0.62 -1.40 7.61
CA LYS A 115 -0.21 -1.23 9.01
C LYS A 115 1.29 -1.41 9.16
N ALA A 116 1.76 -2.62 8.89
CA ALA A 116 3.18 -2.93 9.01
C ALA A 116 4.03 -2.04 8.12
N GLN A 117 3.45 -1.41 7.12
CA GLN A 117 4.22 -0.65 6.13
C GLN A 117 4.53 0.74 6.63
N SER A 118 3.53 1.48 7.08
CA SER A 118 3.72 2.78 7.72
C SER A 118 4.60 2.64 8.94
N ASP A 119 4.70 3.69 9.73
CA ASP A 119 5.40 3.62 11.01
C ASP A 119 4.42 3.57 12.16
N SER A 120 3.64 4.63 12.31
CA SER A 120 2.59 4.69 13.31
C SER A 120 1.51 5.67 12.90
N THR A 121 0.55 5.87 13.78
CA THR A 121 -0.51 6.84 13.56
C THR A 121 -0.04 8.25 13.84
N ALA A 122 0.92 8.38 14.75
CA ALA A 122 1.56 9.66 15.02
C ALA A 122 0.53 10.68 15.46
N GLY A 1 19.48 -17.92 -8.10
CA GLY A 1 18.84 -16.88 -7.30
C GLY A 1 19.80 -16.32 -6.27
N SER A 2 19.74 -15.01 -6.09
CA SER A 2 20.66 -14.31 -5.21
C SER A 2 20.10 -12.98 -4.78
N GLY A 3 18.94 -13.02 -4.14
CA GLY A 3 18.31 -11.81 -3.61
C GLY A 3 17.01 -11.51 -4.34
N THR A 4 16.05 -10.97 -3.62
CA THR A 4 14.77 -10.60 -4.20
C THR A 4 14.11 -9.51 -3.39
N GLY A 5 14.18 -8.29 -3.90
CA GLY A 5 13.54 -7.14 -3.25
C GLY A 5 12.91 -6.22 -4.28
N ALA A 6 12.07 -6.80 -5.13
CA ALA A 6 11.47 -6.04 -6.23
C ALA A 6 10.44 -5.07 -5.71
N GLY A 7 9.59 -5.53 -4.80
CA GLY A 7 8.49 -4.72 -4.29
C GLY A 7 8.58 -4.54 -2.79
N GLU A 8 7.84 -3.58 -2.27
CA GLU A 8 7.90 -3.23 -0.86
C GLU A 8 6.55 -2.77 -0.36
N GLY A 9 5.51 -3.48 -0.77
CA GLY A 9 4.15 -3.21 -0.35
C GLY A 9 3.17 -4.19 -0.99
N HIS A 10 1.91 -4.00 -0.67
CA HIS A 10 0.86 -4.93 -1.07
C HIS A 10 0.32 -4.57 -2.43
N GLU A 11 0.00 -5.55 -3.26
CA GLU A 11 -0.39 -5.28 -4.64
C GLU A 11 -1.64 -6.03 -5.03
N GLY A 12 -2.57 -5.30 -5.61
CA GLY A 12 -3.79 -5.88 -6.17
C GLY A 12 -4.39 -4.96 -7.23
N TYR A 13 -5.59 -5.25 -7.67
CA TYR A 13 -6.32 -4.36 -8.58
C TYR A 13 -7.65 -3.97 -7.98
N VAL A 14 -7.85 -2.67 -7.81
CA VAL A 14 -9.03 -2.16 -7.12
C VAL A 14 -9.24 -0.69 -7.40
N THR A 15 -10.00 -0.05 -6.53
CA THR A 15 -10.17 1.40 -6.58
C THR A 15 -9.28 2.06 -5.55
N ARG A 16 -8.28 2.79 -6.02
CA ARG A 16 -7.26 3.35 -5.16
C ARG A 16 -6.91 4.77 -5.58
N LYS A 17 -6.62 5.64 -4.63
CA LYS A 17 -6.14 6.98 -4.91
C LYS A 17 -4.74 7.17 -4.37
N HIS A 18 -4.05 8.21 -4.81
CA HIS A 18 -2.65 8.40 -4.47
C HIS A 18 -2.24 9.86 -4.53
N GLU A 19 -3.15 10.76 -4.21
CA GLU A 19 -2.87 12.20 -4.29
C GLU A 19 -4.06 13.02 -3.85
N TRP A 20 -3.79 14.26 -3.49
CA TRP A 20 -4.83 15.24 -3.18
C TRP A 20 -4.21 16.54 -2.71
N ASP A 21 -3.85 16.61 -1.45
CA ASP A 21 -3.31 17.84 -0.87
C ASP A 21 -4.25 19.00 -1.08
N SER A 22 -3.77 20.19 -0.77
CA SER A 22 -4.56 21.41 -0.93
C SER A 22 -4.05 22.25 -2.08
N THR A 23 -4.88 22.43 -3.08
CA THR A 23 -4.50 23.15 -4.29
C THR A 23 -5.62 24.04 -4.77
N THR A 24 -6.80 23.46 -4.93
CA THR A 24 -7.98 24.20 -5.36
C THR A 24 -9.25 23.46 -4.97
N LYS A 25 -10.28 24.22 -4.65
CA LYS A 25 -11.58 23.65 -4.30
C LYS A 25 -11.46 22.74 -3.10
N LYS A 26 -12.40 21.82 -2.96
CA LYS A 26 -12.36 20.82 -1.90
C LYS A 26 -12.73 19.45 -2.42
N ALA A 27 -13.88 19.36 -3.06
CA ALA A 27 -14.36 18.10 -3.61
C ALA A 27 -15.62 18.31 -4.42
N SER A 28 -15.64 17.72 -5.61
CA SER A 28 -16.77 17.89 -6.52
C SER A 28 -17.26 16.54 -7.00
N ASN A 29 -16.39 15.79 -7.65
CA ASN A 29 -16.73 14.47 -8.16
C ASN A 29 -15.62 13.49 -7.91
N ARG A 30 -15.78 12.27 -8.41
CA ARG A 30 -14.82 11.20 -8.21
C ARG A 30 -13.42 11.65 -8.57
N SER A 31 -12.51 11.51 -7.63
CA SER A 31 -11.08 11.78 -7.87
C SER A 31 -10.24 10.53 -7.85
N TRP A 32 -10.76 9.46 -7.28
CA TRP A 32 -10.06 8.19 -7.22
C TRP A 32 -9.98 7.54 -8.58
N ASP A 33 -9.29 6.42 -8.68
CA ASP A 33 -9.08 5.76 -9.97
C ASP A 33 -8.80 4.29 -9.79
N LYS A 34 -9.26 3.49 -10.74
CA LYS A 34 -8.95 2.07 -10.80
C LYS A 34 -7.55 1.84 -11.32
N VAL A 35 -6.82 0.93 -10.70
CA VAL A 35 -5.41 0.73 -11.04
C VAL A 35 -4.88 -0.58 -10.49
N TYR A 36 -3.71 -0.96 -10.99
CA TYR A 36 -2.98 -2.11 -10.48
C TYR A 36 -1.79 -1.65 -9.65
N MET A 37 -2.04 -1.44 -8.38
CA MET A 37 -1.03 -0.85 -7.50
C MET A 37 -0.11 -1.89 -6.90
N ALA A 38 1.09 -1.43 -6.56
CA ALA A 38 2.08 -2.24 -5.84
C ALA A 38 2.75 -1.38 -4.78
N ALA A 39 1.95 -0.98 -3.80
CA ALA A 39 2.34 -0.03 -2.78
C ALA A 39 1.59 -0.29 -1.49
N LYS A 40 1.93 0.35 -0.39
CA LYS A 40 1.09 0.31 0.81
C LYS A 40 1.59 1.29 1.84
N ALA A 41 2.91 1.39 1.94
CA ALA A 41 3.54 2.38 2.81
C ALA A 41 5.03 2.41 2.58
N GLY A 42 5.65 1.25 2.75
CA GLY A 42 7.11 1.11 2.73
C GLY A 42 7.64 1.84 1.49
N ARG A 43 6.95 1.59 0.40
CA ARG A 43 7.16 2.33 -0.85
C ARG A 43 5.95 2.19 -1.76
N ILE A 44 6.05 2.77 -2.93
CA ILE A 44 4.95 2.75 -3.89
C ILE A 44 5.44 2.47 -5.29
N SER A 45 4.70 1.68 -6.03
CA SER A 45 4.96 1.44 -7.45
C SER A 45 3.66 1.30 -8.19
N PHE A 46 3.25 2.34 -8.88
CA PHE A 46 1.93 2.39 -9.50
C PHE A 46 1.91 1.92 -10.94
N TYR A 47 0.84 1.24 -11.32
CA TYR A 47 0.59 0.89 -12.72
C TYR A 47 -0.88 0.59 -12.93
N LYS A 48 -1.41 0.92 -14.09
CA LYS A 48 -2.79 0.54 -14.44
C LYS A 48 -2.82 -0.86 -15.02
N ASP A 49 -1.79 -1.17 -15.78
CA ASP A 49 -1.57 -2.52 -16.32
C ASP A 49 -0.11 -2.73 -16.62
N GLN A 50 0.18 -3.70 -17.47
CA GLN A 50 1.54 -3.91 -17.96
C GLN A 50 1.80 -3.12 -19.22
N LYS A 51 1.65 -1.82 -19.14
CA LYS A 51 1.71 -0.93 -20.30
C LYS A 51 2.98 -0.13 -20.30
N GLY A 52 3.15 0.73 -19.31
CA GLY A 52 4.44 1.44 -19.13
C GLY A 52 5.52 0.38 -18.92
N TYR A 53 5.13 -0.64 -18.16
CA TYR A 53 5.96 -1.82 -17.96
C TYR A 53 6.27 -2.50 -19.28
N LYS A 54 5.25 -2.66 -20.10
CA LYS A 54 5.42 -3.17 -21.47
C LYS A 54 6.65 -2.59 -22.14
N SER A 55 6.81 -1.28 -22.04
CA SER A 55 7.98 -0.60 -22.57
C SER A 55 9.05 -0.45 -21.51
N ASN A 56 8.88 0.53 -20.66
CA ASN A 56 9.89 0.90 -19.66
C ASN A 56 9.47 0.43 -18.29
N PRO A 57 10.15 -0.58 -17.76
CA PRO A 57 9.86 -1.25 -16.41
C PRO A 57 9.86 -0.31 -15.22
N GLU A 58 10.74 0.67 -15.28
CA GLU A 58 10.81 1.72 -14.27
C GLU A 58 9.58 2.59 -14.30
N LEU A 59 9.06 2.83 -15.49
CA LEU A 59 7.83 3.60 -15.66
C LEU A 59 6.64 2.68 -15.79
N THR A 60 5.48 3.27 -16.03
CA THR A 60 4.22 2.53 -16.12
C THR A 60 3.20 3.32 -16.94
N PHE A 61 1.96 3.43 -16.50
CA PHE A 61 0.99 4.26 -17.21
C PHE A 61 1.29 5.73 -16.93
N ARG A 62 0.34 6.63 -16.78
CA ARG A 62 0.63 8.01 -16.40
C ARG A 62 0.39 8.30 -14.94
N GLY A 63 -0.33 7.43 -14.25
CA GLY A 63 -0.44 7.49 -12.78
C GLY A 63 0.67 6.55 -12.25
N GLU A 64 1.83 6.75 -12.83
CA GLU A 64 2.97 5.84 -12.70
C GLU A 64 3.87 6.01 -11.48
N PRO A 65 3.92 7.16 -10.85
CA PRO A 65 4.81 7.55 -9.67
C PRO A 65 5.14 6.47 -8.67
N SER A 66 6.19 6.73 -7.89
CA SER A 66 6.63 5.86 -6.81
C SER A 66 6.99 6.66 -5.58
N TYR A 67 7.04 5.99 -4.44
CA TYR A 67 7.31 6.64 -3.16
C TYR A 67 8.01 5.68 -2.22
N ASP A 68 8.63 6.23 -1.19
CA ASP A 68 9.21 5.45 -0.10
C ASP A 68 8.75 6.01 1.22
N LEU A 69 7.75 5.40 1.84
CA LEU A 69 7.10 6.01 3.01
C LEU A 69 6.75 5.06 4.14
N GLN A 70 7.72 4.56 4.87
CA GLN A 70 7.47 3.85 6.12
C GLN A 70 7.38 4.82 7.28
N ASN A 71 7.25 6.10 6.93
CA ASN A 71 7.01 7.22 7.84
C ASN A 71 5.54 7.53 7.97
N ALA A 72 4.82 7.44 6.86
CA ALA A 72 3.43 7.85 6.77
C ALA A 72 2.58 7.19 7.84
N ALA A 73 1.37 7.69 7.98
CA ALA A 73 0.44 7.20 9.01
C ALA A 73 -0.62 6.31 8.39
N ILE A 74 -1.51 5.79 9.21
CA ILE A 74 -2.63 4.98 8.72
C ILE A 74 -3.92 5.35 9.42
N GLU A 75 -5.01 5.25 8.69
CA GLU A 75 -6.33 5.59 9.22
C GLU A 75 -7.42 5.15 8.26
N ILE A 76 -8.54 4.71 8.81
CA ILE A 76 -9.69 4.31 7.99
C ILE A 76 -10.63 5.47 7.76
N ALA A 77 -11.08 5.62 6.53
CA ALA A 77 -11.95 6.73 6.15
C ALA A 77 -13.28 6.63 6.87
N SER A 78 -13.43 7.41 7.93
CA SER A 78 -14.60 7.33 8.78
C SER A 78 -15.49 8.55 8.57
N ASP A 79 -15.52 9.05 7.35
CA ASP A 79 -16.35 10.20 7.02
C ASP A 79 -16.46 10.37 5.52
N TYR A 80 -17.36 9.61 4.91
CA TYR A 80 -17.56 9.67 3.47
C TYR A 80 -18.86 9.02 3.07
N THR A 81 -19.17 7.88 3.67
CA THR A 81 -20.32 7.08 3.26
C THR A 81 -20.10 6.47 1.90
N LYS A 82 -20.31 5.18 1.79
CA LYS A 82 -20.00 4.37 0.61
C LYS A 82 -18.53 4.00 0.60
N LYS A 83 -17.68 4.99 0.42
CA LYS A 83 -16.23 4.85 0.57
C LYS A 83 -15.82 4.75 2.02
N LYS A 84 -16.77 4.76 2.93
CA LYS A 84 -16.51 4.51 4.38
C LYS A 84 -16.18 3.08 4.75
N HIS A 85 -15.85 2.29 3.75
CA HIS A 85 -15.34 0.94 3.94
C HIS A 85 -13.98 0.81 3.28
N VAL A 86 -13.15 1.83 3.52
CA VAL A 86 -11.87 1.99 2.86
C VAL A 86 -10.75 2.13 3.86
N LEU A 87 -9.54 1.81 3.44
CA LEU A 87 -8.33 2.03 4.24
C LEU A 87 -7.45 3.07 3.58
N ARG A 88 -6.62 3.76 4.35
CA ARG A 88 -5.79 4.83 3.79
C ARG A 88 -4.59 5.17 4.64
N VAL A 89 -3.40 5.19 4.07
CA VAL A 89 -2.22 5.69 4.77
C VAL A 89 -1.89 7.09 4.28
N LYS A 90 -1.86 8.03 5.20
CA LYS A 90 -1.69 9.44 4.87
C LYS A 90 -0.31 9.92 5.26
N LEU A 91 0.42 10.45 4.30
CA LEU A 91 1.70 11.09 4.58
C LEU A 91 1.49 12.39 5.32
N ALA A 92 2.59 12.98 5.75
CA ALA A 92 2.58 14.32 6.31
C ALA A 92 3.36 15.28 5.42
N ASN A 93 3.49 14.92 4.16
CA ASN A 93 4.27 15.70 3.20
C ASN A 93 3.40 16.22 2.08
N GLY A 94 2.15 15.81 2.02
CA GLY A 94 1.21 16.39 1.05
C GLY A 94 0.00 15.54 0.78
N ALA A 95 0.18 14.48 0.00
CA ALA A 95 -0.94 13.67 -0.48
C ALA A 95 -1.28 12.55 0.47
N LEU A 96 -2.20 11.71 0.03
CA LEU A 96 -2.57 10.48 0.74
C LEU A 96 -2.82 9.34 -0.22
N PHE A 97 -3.25 8.22 0.33
CA PHE A 97 -3.58 7.02 -0.42
C PHE A 97 -4.78 6.32 0.18
N LEU A 98 -5.88 6.17 -0.53
CA LEU A 98 -7.04 5.41 -0.05
C LEU A 98 -7.14 4.08 -0.75
N LEU A 99 -7.80 3.09 -0.17
CA LEU A 99 -7.87 1.76 -0.77
C LEU A 99 -9.26 1.15 -0.63
N GLN A 100 -9.99 1.05 -1.72
CA GLN A 100 -11.26 0.33 -1.73
C GLN A 100 -11.11 -1.01 -2.43
N ALA A 101 -10.83 -2.04 -1.65
CA ALA A 101 -10.50 -3.35 -2.19
C ALA A 101 -11.75 -4.10 -2.58
N HIS A 102 -11.57 -5.07 -3.48
CA HIS A 102 -12.66 -5.90 -3.96
C HIS A 102 -13.37 -6.59 -2.81
N ASP A 103 -12.73 -7.60 -2.26
CA ASP A 103 -13.36 -8.45 -1.24
C ASP A 103 -13.08 -7.92 0.15
N ASP A 104 -13.88 -8.27 1.13
CA ASP A 104 -13.56 -7.95 2.52
C ASP A 104 -12.31 -8.67 2.95
N THR A 105 -11.90 -9.70 2.24
CA THR A 105 -10.77 -10.53 2.66
C THR A 105 -9.46 -9.91 2.23
N GLU A 106 -9.46 -9.35 1.03
CA GLU A 106 -8.33 -8.59 0.54
C GLU A 106 -8.34 -7.20 1.15
N MET A 107 -9.51 -6.76 1.62
CA MET A 107 -9.64 -5.38 2.10
C MET A 107 -8.78 -5.20 3.34
N SER A 108 -8.87 -6.21 4.21
CA SER A 108 -8.12 -6.24 5.46
C SER A 108 -6.68 -6.67 5.22
N GLN A 109 -6.46 -7.54 4.25
CA GLN A 109 -5.10 -7.91 3.84
C GLN A 109 -4.31 -6.69 3.41
N TRP A 110 -5.00 -5.76 2.78
CA TRP A 110 -4.42 -4.47 2.39
C TRP A 110 -4.04 -3.67 3.63
N VAL A 111 -4.99 -3.47 4.52
CA VAL A 111 -4.75 -2.68 5.72
C VAL A 111 -3.63 -3.27 6.56
N THR A 112 -3.63 -4.60 6.65
CA THR A 112 -2.62 -5.31 7.44
C THR A 112 -1.23 -5.06 6.88
N SER A 113 -1.06 -5.30 5.60
CA SER A 113 0.20 -4.96 4.94
C SER A 113 0.57 -3.52 5.23
N LEU A 114 -0.34 -2.62 4.90
CA LEU A 114 -0.13 -1.19 5.07
C LEU A 114 0.43 -0.86 6.44
N LYS A 115 -0.06 -1.55 7.46
CA LYS A 115 0.40 -1.30 8.84
C LYS A 115 1.81 -1.82 9.03
N ALA A 116 2.11 -2.94 8.41
CA ALA A 116 3.47 -3.49 8.40
C ALA A 116 4.49 -2.44 8.06
N GLN A 117 4.14 -1.57 7.13
CA GLN A 117 5.09 -0.59 6.60
C GLN A 117 4.87 0.78 7.20
N SER A 118 3.70 1.35 6.99
CA SER A 118 3.37 2.72 7.36
C SER A 118 4.08 3.14 8.63
N ASP A 119 4.04 2.27 9.62
CA ASP A 119 4.80 2.43 10.86
C ASP A 119 5.06 1.09 11.51
N SER A 120 6.17 0.97 12.21
CA SER A 120 6.61 -0.30 12.77
C SER A 120 5.53 -0.91 13.62
N THR A 121 5.60 -2.21 13.82
CA THR A 121 4.56 -2.97 14.50
C THR A 121 5.06 -3.50 15.82
N ALA A 122 4.19 -4.25 16.50
CA ALA A 122 4.45 -4.75 17.84
C ALA A 122 5.01 -3.65 18.72
N GLY A 1 13.70 1.91 11.77
CA GLY A 1 14.67 2.30 12.80
C GLY A 1 15.08 1.10 13.63
N SER A 2 15.66 1.38 14.79
CA SER A 2 16.03 0.33 15.73
C SER A 2 15.36 0.56 17.07
N GLY A 3 15.00 -0.52 17.74
CA GLY A 3 14.45 -0.46 19.09
C GLY A 3 12.96 -0.61 19.07
N THR A 4 12.28 0.19 19.86
CA THR A 4 10.82 0.23 19.87
C THR A 4 10.31 1.64 19.67
N GLY A 5 9.48 1.81 18.66
CA GLY A 5 8.98 3.14 18.29
C GLY A 5 7.48 3.23 18.47
N ALA A 6 6.83 3.92 17.55
CA ALA A 6 5.37 4.00 17.53
C ALA A 6 4.76 2.78 16.87
N GLY A 7 3.64 2.96 16.21
CA GLY A 7 3.03 1.87 15.44
C GLY A 7 3.96 1.35 14.38
N GLU A 8 3.78 0.10 14.01
CA GLU A 8 4.50 -0.50 12.89
C GLU A 8 3.54 -0.95 11.81
N GLY A 9 3.93 -0.78 10.55
CA GLY A 9 3.08 -1.22 9.46
C GLY A 9 2.83 -2.72 9.48
N HIS A 10 2.43 -3.23 8.33
CA HIS A 10 2.31 -4.68 8.13
C HIS A 10 3.07 -5.10 6.90
N GLU A 11 3.40 -6.37 6.79
CA GLU A 11 4.27 -6.83 5.70
C GLU A 11 4.01 -8.29 5.38
N GLY A 12 3.53 -8.54 4.17
CA GLY A 12 3.09 -9.87 3.76
C GLY A 12 3.06 -9.99 2.26
N TYR A 13 2.98 -11.22 1.76
CA TYR A 13 2.76 -11.44 0.34
C TYR A 13 1.30 -11.53 0.00
N VAL A 14 0.78 -10.44 -0.56
CA VAL A 14 -0.65 -10.30 -0.81
C VAL A 14 -0.91 -9.70 -2.18
N THR A 15 -2.16 -9.38 -2.43
CA THR A 15 -2.53 -8.64 -3.63
C THR A 15 -2.70 -7.18 -3.34
N ARG A 16 -1.87 -6.35 -3.94
CA ARG A 16 -1.84 -4.93 -3.61
C ARG A 16 -1.65 -4.06 -4.85
N LYS A 17 -1.58 -2.76 -4.61
CA LYS A 17 -1.21 -1.78 -5.61
C LYS A 17 -0.75 -0.50 -4.95
N HIS A 18 -0.04 0.36 -5.67
CA HIS A 18 0.51 1.59 -5.10
C HIS A 18 0.46 2.70 -6.11
N GLU A 19 -0.67 2.86 -6.77
CA GLU A 19 -0.77 3.78 -7.90
C GLU A 19 -2.15 3.83 -8.50
N TRP A 20 -2.46 4.96 -9.13
CA TRP A 20 -3.65 5.15 -9.93
C TRP A 20 -3.87 6.62 -10.22
N ASP A 21 -3.95 6.96 -11.50
CA ASP A 21 -4.01 8.35 -11.93
C ASP A 21 -5.41 8.75 -12.34
N SER A 22 -5.57 10.01 -12.71
CA SER A 22 -6.84 10.51 -13.24
C SER A 22 -6.76 10.67 -14.74
N THR A 23 -5.60 11.08 -15.23
CA THR A 23 -5.35 11.14 -16.68
C THR A 23 -5.33 9.76 -17.27
N THR A 24 -4.84 8.81 -16.50
CA THR A 24 -4.84 7.39 -16.89
C THR A 24 -3.96 7.16 -18.09
N LYS A 25 -3.61 5.90 -18.31
CA LYS A 25 -2.83 5.49 -19.47
C LYS A 25 -2.47 4.03 -19.39
N LYS A 26 -2.28 3.41 -20.55
CA LYS A 26 -1.94 1.99 -20.61
C LYS A 26 -2.90 1.15 -19.80
N ALA A 27 -4.14 1.60 -19.75
CA ALA A 27 -5.16 0.97 -18.90
C ALA A 27 -5.67 -0.30 -19.53
N SER A 28 -5.36 -1.43 -18.92
CA SER A 28 -5.78 -2.73 -19.44
C SER A 28 -6.54 -3.51 -18.41
N ASN A 29 -5.81 -4.15 -17.50
CA ASN A 29 -6.43 -4.94 -16.44
C ASN A 29 -5.39 -5.54 -15.53
N ARG A 30 -4.49 -4.70 -15.03
CA ARG A 30 -3.38 -5.17 -14.19
C ARG A 30 -2.69 -4.01 -13.50
N SER A 31 -3.39 -3.36 -12.59
CA SER A 31 -2.78 -2.33 -11.76
C SER A 31 -2.45 -2.88 -10.38
N TRP A 32 -3.33 -3.75 -9.90
CA TRP A 32 -3.10 -4.50 -8.68
C TRP A 32 -2.05 -5.56 -8.89
N ASP A 33 -0.87 -5.39 -8.33
CA ASP A 33 0.22 -6.35 -8.49
C ASP A 33 0.31 -7.27 -7.31
N LYS A 34 0.60 -8.53 -7.58
CA LYS A 34 0.81 -9.52 -6.52
C LYS A 34 2.28 -9.67 -6.21
N VAL A 35 2.65 -9.40 -4.97
CA VAL A 35 4.06 -9.37 -4.58
C VAL A 35 4.20 -9.43 -3.07
N TYR A 36 5.41 -9.20 -2.59
CA TYR A 36 5.65 -9.04 -1.16
C TYR A 36 5.80 -7.58 -0.82
N MET A 37 5.36 -7.18 0.36
CA MET A 37 5.41 -5.77 0.74
C MET A 37 5.78 -5.59 2.20
N ALA A 38 6.24 -4.38 2.49
CA ALA A 38 6.52 -3.92 3.85
C ALA A 38 6.15 -2.45 3.97
N ALA A 39 4.84 -2.20 3.93
CA ALA A 39 4.30 -0.86 3.84
C ALA A 39 3.03 -0.75 4.66
N LYS A 40 2.47 0.45 4.66
CA LYS A 40 1.15 0.71 5.24
C LYS A 40 0.57 2.01 4.75
N ALA A 41 1.37 3.05 4.88
CA ALA A 41 0.92 4.44 4.75
C ALA A 41 2.07 5.39 5.04
N GLY A 42 2.34 5.54 6.33
CA GLY A 42 3.49 6.25 6.85
C GLY A 42 4.71 6.10 5.97
N ARG A 43 4.95 4.91 5.45
CA ARG A 43 5.97 4.69 4.42
C ARG A 43 5.68 3.44 3.64
N ILE A 44 6.44 3.21 2.58
CA ILE A 44 6.38 1.95 1.84
C ILE A 44 7.76 1.43 1.54
N SER A 45 7.87 0.12 1.45
CA SER A 45 9.09 -0.54 0.98
C SER A 45 8.73 -1.80 0.23
N PHE A 46 9.07 -1.89 -1.05
CA PHE A 46 8.58 -2.98 -1.90
C PHE A 46 9.63 -4.02 -2.21
N TYR A 47 9.18 -5.27 -2.33
CA TYR A 47 10.03 -6.37 -2.78
C TYR A 47 9.20 -7.50 -3.32
N LYS A 48 9.37 -7.87 -4.57
CA LYS A 48 8.73 -9.07 -5.11
C LYS A 48 9.16 -10.30 -4.35
N ASP A 49 10.38 -10.27 -3.86
CA ASP A 49 10.98 -11.41 -3.15
C ASP A 49 12.31 -11.04 -2.55
N GLN A 50 13.12 -12.04 -2.25
CA GLN A 50 14.49 -11.82 -1.82
C GLN A 50 15.43 -11.77 -3.00
N LYS A 51 15.24 -10.77 -3.85
CA LYS A 51 15.94 -10.70 -5.14
C LYS A 51 16.87 -9.51 -5.17
N GLY A 52 16.39 -8.34 -5.49
CA GLY A 52 17.19 -7.11 -5.30
C GLY A 52 17.69 -7.16 -3.84
N TYR A 53 16.78 -7.63 -3.00
CA TYR A 53 17.08 -7.93 -1.60
C TYR A 53 18.19 -8.94 -1.47
N LYS A 54 18.17 -10.04 -2.19
CA LYS A 54 19.28 -10.98 -2.25
C LYS A 54 20.61 -10.27 -2.35
N SER A 55 20.79 -9.50 -3.40
CA SER A 55 22.08 -8.87 -3.69
C SER A 55 22.22 -7.56 -2.96
N ASN A 56 21.35 -6.61 -3.28
CA ASN A 56 21.43 -5.27 -2.74
C ASN A 56 20.17 -4.89 -2.00
N PRO A 57 20.19 -5.08 -0.69
CA PRO A 57 18.99 -4.89 0.26
C PRO A 57 18.35 -3.52 0.22
N GLU A 58 19.10 -2.52 -0.20
CA GLU A 58 18.58 -1.18 -0.44
C GLU A 58 17.60 -1.17 -1.59
N LEU A 59 17.96 -1.81 -2.68
CA LEU A 59 17.05 -2.00 -3.81
C LEU A 59 16.31 -3.31 -3.72
N THR A 60 15.53 -3.60 -4.73
CA THR A 60 14.69 -4.80 -4.77
C THR A 60 14.27 -5.10 -6.20
N PHE A 61 13.24 -5.91 -6.38
CA PHE A 61 12.65 -6.07 -7.73
C PHE A 61 12.37 -4.70 -8.30
N ARG A 62 12.51 -4.47 -9.60
CA ARG A 62 12.47 -3.11 -10.14
C ARG A 62 11.20 -2.39 -9.76
N GLY A 63 10.22 -3.06 -9.18
CA GLY A 63 9.12 -2.38 -8.51
C GLY A 63 9.54 -2.22 -7.02
N GLU A 64 10.70 -1.60 -6.90
CA GLU A 64 11.40 -1.50 -5.61
C GLU A 64 11.03 -0.34 -4.72
N PRO A 65 10.55 0.76 -5.26
CA PRO A 65 10.21 2.09 -4.60
C PRO A 65 9.65 2.08 -3.19
N SER A 66 9.57 3.29 -2.62
CA SER A 66 9.14 3.51 -1.25
C SER A 66 8.24 4.72 -1.15
N TYR A 67 7.83 5.05 0.06
CA TYR A 67 6.92 6.16 0.32
C TYR A 67 7.10 6.67 1.73
N ASP A 68 6.45 7.79 2.03
CA ASP A 68 6.63 8.47 3.31
C ASP A 68 5.37 9.21 3.69
N LEU A 69 4.27 8.48 3.86
CA LEU A 69 2.96 9.08 4.05
C LEU A 69 2.32 8.85 5.39
N GLN A 70 2.57 9.69 6.39
CA GLN A 70 1.78 9.71 7.61
C GLN A 70 0.60 10.66 7.49
N ASN A 71 0.26 10.97 6.25
CA ASN A 71 -0.73 11.97 5.88
C ASN A 71 -1.95 11.33 5.26
N ALA A 72 -1.71 10.29 4.47
CA ALA A 72 -2.74 9.64 3.68
C ALA A 72 -3.96 9.32 4.50
N ALA A 73 -5.12 9.62 3.95
CA ALA A 73 -6.40 9.25 4.55
C ALA A 73 -6.56 7.75 4.59
N ILE A 74 -7.78 7.31 4.85
CA ILE A 74 -8.06 5.90 5.06
C ILE A 74 -9.46 5.55 4.61
N GLU A 75 -9.59 4.46 3.87
CA GLU A 75 -10.91 3.96 3.46
C GLU A 75 -10.83 2.54 2.97
N ILE A 76 -11.98 1.96 2.67
CA ILE A 76 -12.08 0.57 2.24
C ILE A 76 -12.95 0.44 1.02
N ALA A 77 -12.76 -0.62 0.26
CA ALA A 77 -13.64 -0.93 -0.86
C ALA A 77 -15.06 -1.05 -0.40
N SER A 78 -15.98 -0.47 -1.15
CA SER A 78 -17.38 -0.37 -0.71
C SER A 78 -18.33 -1.04 -1.69
N ASP A 79 -18.21 -0.73 -2.97
CA ASP A 79 -19.18 -1.19 -3.96
C ASP A 79 -18.67 -2.35 -4.78
N TYR A 80 -17.38 -2.64 -4.76
CA TYR A 80 -16.82 -3.72 -5.55
C TYR A 80 -17.33 -5.07 -5.08
N THR A 81 -17.19 -6.08 -5.92
CA THR A 81 -17.73 -7.41 -5.63
C THR A 81 -16.66 -8.34 -5.13
N LYS A 82 -15.80 -8.79 -6.03
CA LYS A 82 -14.67 -9.63 -5.64
C LYS A 82 -13.75 -8.89 -4.71
N LYS A 83 -13.77 -7.57 -4.78
CA LYS A 83 -13.09 -6.75 -3.76
C LYS A 83 -14.07 -6.44 -2.65
N LYS A 84 -14.11 -5.25 -2.09
CA LYS A 84 -14.88 -5.03 -0.86
C LYS A 84 -14.39 -5.92 0.26
N HIS A 85 -13.19 -6.45 0.07
CA HIS A 85 -12.49 -7.32 1.00
C HIS A 85 -11.06 -6.81 1.12
N VAL A 86 -10.95 -5.49 1.00
CA VAL A 86 -9.68 -4.79 0.84
C VAL A 86 -9.57 -3.63 1.80
N LEU A 87 -8.41 -2.99 1.80
CA LEU A 87 -8.22 -1.74 2.53
C LEU A 87 -7.47 -0.76 1.66
N ARG A 88 -7.69 0.54 1.87
CA ARG A 88 -7.17 1.55 0.96
C ARG A 88 -6.82 2.84 1.67
N VAL A 89 -5.54 3.05 1.87
CA VAL A 89 -5.05 4.33 2.40
C VAL A 89 -4.60 5.22 1.26
N LYS A 90 -5.21 6.37 1.14
CA LYS A 90 -4.97 7.25 -0.01
C LYS A 90 -4.09 8.42 0.38
N LEU A 91 -2.99 8.58 -0.35
CA LEU A 91 -2.14 9.76 -0.19
C LEU A 91 -2.89 11.00 -0.60
N ALA A 92 -2.14 12.06 -0.87
CA ALA A 92 -2.69 13.27 -1.48
C ALA A 92 -1.92 13.65 -2.71
N ASN A 93 -1.20 12.71 -3.31
CA ASN A 93 -0.54 12.95 -4.59
C ASN A 93 -1.34 12.39 -5.74
N GLY A 94 -2.26 11.48 -5.45
CA GLY A 94 -3.19 10.98 -6.47
C GLY A 94 -3.39 9.49 -6.32
N ALA A 95 -2.36 8.79 -5.88
CA ALA A 95 -2.40 7.33 -5.82
C ALA A 95 -2.96 6.85 -4.50
N LEU A 96 -3.28 5.58 -4.41
CA LEU A 96 -3.69 4.97 -3.14
C LEU A 96 -3.16 3.57 -3.01
N PHE A 97 -2.77 3.18 -1.81
CA PHE A 97 -2.31 1.81 -1.56
C PHE A 97 -3.48 0.92 -1.19
N LEU A 98 -3.99 0.20 -2.17
CA LEU A 98 -5.07 -0.77 -1.92
C LEU A 98 -4.50 -2.09 -1.47
N LEU A 99 -5.21 -2.81 -0.62
CA LEU A 99 -4.67 -4.02 0.00
C LEU A 99 -5.70 -5.12 0.09
N GLN A 100 -5.59 -6.14 -0.75
CA GLN A 100 -6.42 -7.32 -0.63
C GLN A 100 -5.60 -8.49 -0.12
N ALA A 101 -5.71 -8.76 1.17
CA ALA A 101 -4.87 -9.74 1.84
C ALA A 101 -5.37 -11.15 1.58
N HIS A 102 -4.73 -12.12 2.22
CA HIS A 102 -5.03 -13.53 1.93
C HIS A 102 -6.27 -13.98 2.67
N ASP A 103 -6.24 -14.00 3.98
CA ASP A 103 -7.35 -14.51 4.78
C ASP A 103 -8.32 -13.38 5.11
N ASP A 104 -8.95 -13.46 6.26
CA ASP A 104 -9.71 -12.35 6.81
C ASP A 104 -9.24 -12.02 8.21
N THR A 105 -8.22 -12.70 8.70
CA THR A 105 -7.60 -12.35 9.98
C THR A 105 -6.47 -11.35 9.76
N GLU A 106 -5.71 -11.60 8.70
CA GLU A 106 -4.64 -10.72 8.25
C GLU A 106 -5.16 -9.70 7.24
N MET A 107 -6.38 -9.81 6.77
CA MET A 107 -6.97 -8.75 5.95
C MET A 107 -7.34 -7.58 6.83
N SER A 108 -8.07 -7.89 7.90
CA SER A 108 -8.46 -6.90 8.90
C SER A 108 -7.24 -6.29 9.56
N GLN A 109 -6.28 -7.11 9.92
CA GLN A 109 -5.07 -6.64 10.60
C GLN A 109 -4.27 -5.73 9.71
N TRP A 110 -4.38 -5.83 8.40
CA TRP A 110 -3.79 -4.83 7.50
C TRP A 110 -4.46 -3.50 7.73
N VAL A 111 -5.77 -3.51 7.77
CA VAL A 111 -6.55 -2.30 8.04
C VAL A 111 -6.24 -1.76 9.42
N THR A 112 -6.03 -2.66 10.37
CA THR A 112 -5.72 -2.28 11.74
C THR A 112 -4.38 -1.57 11.80
N SER A 113 -3.40 -2.14 11.13
CA SER A 113 -2.05 -1.61 11.11
C SER A 113 -1.97 -0.32 10.33
N LEU A 114 -2.69 -0.29 9.22
CA LEU A 114 -2.72 0.86 8.33
C LEU A 114 -3.38 2.05 8.99
N LYS A 115 -4.42 1.77 9.75
CA LYS A 115 -5.10 2.80 10.54
C LYS A 115 -4.12 3.48 11.48
N ALA A 116 -3.33 2.68 12.17
CA ALA A 116 -2.32 3.19 13.08
C ALA A 116 -1.39 4.16 12.38
N GLN A 117 -1.14 3.93 11.11
CA GLN A 117 -0.13 4.70 10.38
C GLN A 117 -0.73 5.85 9.59
N SER A 118 -1.25 5.57 8.41
CA SER A 118 -1.75 6.53 7.43
C SER A 118 -2.08 7.88 8.00
N ASP A 119 -3.00 7.90 8.95
CA ASP A 119 -3.34 9.13 9.68
C ASP A 119 -3.87 8.82 11.05
N SER A 120 -3.89 9.82 11.91
CA SER A 120 -4.28 9.63 13.31
C SER A 120 -4.87 10.90 13.89
N THR A 121 -6.13 11.14 13.59
CA THR A 121 -6.84 12.29 14.13
C THR A 121 -8.34 12.07 14.09
N ALA A 122 -8.83 11.67 12.94
CA ALA A 122 -10.26 11.47 12.74
C ALA A 122 -10.55 10.91 11.36
N GLY A 1 7.87 -9.42 23.66
CA GLY A 1 9.02 -8.51 23.61
C GLY A 1 8.59 -7.09 23.86
N SER A 2 8.10 -6.44 22.81
CA SER A 2 7.57 -5.08 22.93
C SER A 2 6.12 -5.10 23.36
N GLY A 3 5.39 -6.10 22.89
CA GLY A 3 3.97 -6.23 23.21
C GLY A 3 3.20 -6.72 22.00
N THR A 4 2.17 -5.97 21.63
CA THR A 4 1.40 -6.24 20.42
C THR A 4 1.65 -5.16 19.38
N GLY A 5 0.72 -4.94 18.48
CA GLY A 5 0.91 -3.97 17.39
C GLY A 5 0.30 -2.64 17.73
N ALA A 6 0.92 -1.92 18.64
CA ALA A 6 0.47 -0.58 19.00
C ALA A 6 0.97 0.45 18.01
N GLY A 7 0.05 0.93 17.18
CA GLY A 7 0.39 1.91 16.16
C GLY A 7 1.41 1.36 15.18
N GLU A 8 0.99 0.41 14.38
CA GLU A 8 1.88 -0.26 13.43
C GLU A 8 1.14 -0.62 12.16
N GLY A 9 1.89 -0.75 11.08
CA GLY A 9 1.33 -1.12 9.78
C GLY A 9 1.48 -2.61 9.55
N HIS A 10 1.95 -3.05 8.40
CA HIS A 10 2.15 -4.49 8.20
C HIS A 10 3.10 -4.77 7.06
N GLU A 11 3.35 -6.05 6.83
CA GLU A 11 4.36 -6.49 5.86
C GLU A 11 4.21 -7.96 5.57
N GLY A 12 3.64 -8.26 4.41
CA GLY A 12 3.30 -9.64 4.06
C GLY A 12 3.21 -9.81 2.56
N TYR A 13 2.30 -10.67 2.14
CA TYR A 13 2.09 -10.92 0.71
C TYR A 13 0.61 -10.92 0.37
N VAL A 14 0.24 -10.19 -0.66
CA VAL A 14 -1.18 -10.08 -1.03
C VAL A 14 -1.35 -9.65 -2.47
N THR A 15 -2.58 -9.28 -2.79
CA THR A 15 -2.91 -8.68 -4.07
C THR A 15 -3.19 -7.21 -3.89
N ARG A 16 -2.12 -6.42 -3.88
CA ARG A 16 -2.19 -5.00 -3.56
C ARG A 16 -2.32 -4.13 -4.80
N LYS A 17 -2.34 -2.83 -4.56
CA LYS A 17 -2.29 -1.81 -5.60
C LYS A 17 -1.70 -0.54 -5.03
N HIS A 18 -0.39 -0.52 -4.83
CA HIS A 18 0.30 0.57 -4.14
C HIS A 18 0.80 1.64 -5.08
N GLU A 19 0.02 1.93 -6.10
CA GLU A 19 0.33 2.95 -7.10
C GLU A 19 -0.78 3.09 -8.10
N TRP A 20 -1.03 4.30 -8.58
CA TRP A 20 -2.04 4.52 -9.62
C TRP A 20 -2.19 5.99 -9.93
N ASP A 21 -1.07 6.60 -10.32
CA ASP A 21 -1.06 7.98 -10.79
C ASP A 21 0.35 8.42 -11.15
N SER A 22 0.75 8.19 -12.38
CA SER A 22 2.09 8.53 -12.85
C SER A 22 2.03 9.54 -13.97
N THR A 23 1.06 9.38 -14.85
CA THR A 23 0.92 10.23 -16.03
C THR A 23 1.99 9.91 -17.05
N THR A 24 1.78 10.38 -18.27
CA THR A 24 2.72 10.14 -19.36
C THR A 24 2.75 8.67 -19.73
N LYS A 25 3.40 8.37 -20.84
CA LYS A 25 3.50 7.00 -21.33
C LYS A 25 4.89 6.45 -21.15
N LYS A 26 5.25 6.16 -19.91
CA LYS A 26 6.51 5.50 -19.61
C LYS A 26 6.33 4.51 -18.47
N ALA A 27 5.16 3.91 -18.40
CA ALA A 27 4.80 3.02 -17.30
C ALA A 27 3.89 1.91 -17.76
N SER A 28 4.45 0.72 -17.90
CA SER A 28 3.66 -0.46 -18.24
C SER A 28 3.08 -1.10 -17.01
N ASN A 29 1.77 -1.23 -16.98
CA ASN A 29 1.06 -1.74 -15.80
C ASN A 29 -0.37 -2.11 -16.13
N ARG A 30 -0.69 -3.36 -15.93
CA ARG A 30 -2.02 -3.89 -16.26
C ARG A 30 -3.04 -3.48 -15.23
N SER A 31 -2.87 -3.97 -14.02
CA SER A 31 -3.85 -3.76 -12.95
C SER A 31 -3.21 -4.00 -11.60
N TRP A 32 -3.96 -4.51 -10.63
CA TRP A 32 -3.39 -4.84 -9.32
C TRP A 32 -2.30 -5.87 -9.46
N ASP A 33 -1.32 -5.83 -8.58
CA ASP A 33 -0.16 -6.71 -8.66
C ASP A 33 0.12 -7.36 -7.33
N LYS A 34 0.52 -8.62 -7.37
CA LYS A 34 0.78 -9.38 -6.15
C LYS A 34 2.26 -9.42 -5.84
N VAL A 35 2.62 -9.22 -4.58
CA VAL A 35 4.02 -9.10 -4.19
C VAL A 35 4.22 -9.31 -2.71
N TYR A 36 5.46 -9.19 -2.29
CA TYR A 36 5.82 -9.22 -0.87
C TYR A 36 6.13 -7.82 -0.39
N MET A 37 5.18 -7.17 0.27
CA MET A 37 5.35 -5.75 0.62
C MET A 37 5.74 -5.59 2.08
N ALA A 38 6.19 -4.38 2.38
CA ALA A 38 6.50 -3.94 3.73
C ALA A 38 6.13 -2.47 3.86
N ALA A 39 4.84 -2.21 3.94
CA ALA A 39 4.30 -0.86 3.89
C ALA A 39 3.04 -0.74 4.69
N LYS A 40 2.47 0.46 4.67
CA LYS A 40 1.25 0.76 5.38
C LYS A 40 0.70 2.11 5.00
N ALA A 41 1.59 3.08 5.01
CA ALA A 41 1.27 4.49 4.84
C ALA A 41 2.44 5.35 5.28
N GLY A 42 2.57 5.47 6.58
CA GLY A 42 3.72 6.09 7.24
C GLY A 42 4.98 5.81 6.46
N ARG A 43 5.07 4.67 5.80
CA ARG A 43 6.17 4.38 4.88
C ARG A 43 5.76 3.34 3.86
N ILE A 44 6.69 2.98 3.00
CA ILE A 44 6.53 1.88 2.05
C ILE A 44 7.82 1.14 1.87
N SER A 45 7.76 -0.14 1.52
CA SER A 45 8.93 -0.92 1.15
C SER A 45 8.53 -2.05 0.22
N PHE A 46 9.09 -2.13 -0.97
CA PHE A 46 8.63 -3.10 -1.98
C PHE A 46 9.66 -4.16 -2.31
N TYR A 47 9.19 -5.41 -2.37
CA TYR A 47 10.00 -6.53 -2.84
C TYR A 47 9.12 -7.70 -3.26
N LYS A 48 8.95 -7.89 -4.55
CA LYS A 48 8.18 -9.02 -5.07
C LYS A 48 8.68 -10.31 -4.46
N ASP A 49 9.99 -10.39 -4.31
CA ASP A 49 10.67 -11.47 -3.60
C ASP A 49 12.17 -11.26 -3.62
N GLN A 50 12.75 -11.12 -2.45
CA GLN A 50 14.14 -10.72 -2.22
C GLN A 50 15.05 -10.92 -3.41
N LYS A 51 14.96 -10.02 -4.39
CA LYS A 51 15.65 -10.15 -5.67
C LYS A 51 16.64 -9.03 -5.83
N GLY A 52 16.18 -7.87 -6.29
CA GLY A 52 17.06 -6.68 -6.24
C GLY A 52 17.57 -6.61 -4.78
N TYR A 53 16.65 -6.95 -3.89
CA TYR A 53 16.94 -7.15 -2.48
C TYR A 53 18.05 -8.16 -2.28
N LYS A 54 17.95 -9.32 -2.89
CA LYS A 54 19.04 -10.31 -2.91
C LYS A 54 20.40 -9.65 -3.02
N SER A 55 20.51 -8.69 -3.92
CA SER A 55 21.77 -7.99 -4.14
C SER A 55 21.87 -6.77 -3.26
N ASN A 56 21.22 -5.69 -3.68
CA ASN A 56 21.34 -4.40 -3.01
C ASN A 56 20.07 -4.06 -2.26
N PRO A 57 20.22 -3.35 -1.16
CA PRO A 57 19.09 -2.79 -0.29
C PRO A 57 18.39 -1.57 -0.84
N GLU A 58 19.07 -0.80 -1.68
CA GLU A 58 18.46 0.33 -2.37
C GLU A 58 17.69 -0.13 -3.60
N LEU A 59 17.95 -1.32 -4.11
CA LEU A 59 17.29 -1.82 -5.31
C LEU A 59 16.46 -3.05 -5.01
N THR A 60 15.36 -3.21 -5.72
CA THR A 60 14.56 -4.43 -5.65
C THR A 60 13.79 -4.65 -6.93
N PHE A 61 12.82 -5.53 -6.86
CA PHE A 61 11.87 -5.73 -7.95
C PHE A 61 11.42 -4.38 -8.48
N ARG A 62 11.40 -4.14 -9.78
CA ARG A 62 11.05 -2.80 -10.26
C ARG A 62 9.79 -2.33 -9.58
N GLY A 63 9.81 -1.11 -9.10
CA GLY A 63 8.79 -0.59 -8.17
C GLY A 63 9.37 -0.88 -6.76
N GLU A 64 10.68 -0.75 -6.70
CA GLU A 64 11.52 -1.21 -5.59
C GLU A 64 11.54 -0.29 -4.37
N PRO A 65 11.44 1.01 -4.54
CA PRO A 65 11.55 2.13 -3.52
C PRO A 65 10.72 2.00 -2.26
N SER A 66 10.66 3.13 -1.53
CA SER A 66 10.04 3.21 -0.21
C SER A 66 9.43 4.58 0.00
N TYR A 67 8.38 4.70 0.79
CA TYR A 67 7.75 5.99 1.05
C TYR A 67 7.89 6.40 2.50
N ASP A 68 7.44 7.62 2.79
CA ASP A 68 7.33 8.16 4.13
C ASP A 68 6.05 8.95 4.26
N LEU A 69 4.94 8.25 4.37
CA LEU A 69 3.61 8.88 4.30
C LEU A 69 2.82 8.85 5.58
N GLN A 70 3.02 9.81 6.46
CA GLN A 70 2.13 10.02 7.60
C GLN A 70 1.03 11.00 7.25
N ASN A 71 0.85 11.19 5.95
CA ASN A 71 -0.03 12.19 5.35
C ASN A 71 -1.31 11.55 4.87
N ALA A 72 -1.16 10.38 4.27
CA ALA A 72 -2.27 9.69 3.61
C ALA A 72 -3.40 9.41 4.57
N ALA A 73 -4.46 8.83 4.03
CA ALA A 73 -5.66 8.54 4.80
C ALA A 73 -6.09 7.10 4.61
N ILE A 74 -7.34 6.81 4.92
CA ILE A 74 -7.87 5.44 4.87
C ILE A 74 -9.10 5.37 4.01
N GLU A 75 -9.40 4.18 3.53
CA GLU A 75 -10.62 3.94 2.75
C GLU A 75 -10.84 2.47 2.53
N ILE A 76 -12.07 2.12 2.20
CA ILE A 76 -12.43 0.76 1.80
C ILE A 76 -12.83 0.70 0.35
N ALA A 77 -12.86 -0.49 -0.22
CA ALA A 77 -13.18 -0.66 -1.64
C ALA A 77 -14.54 -0.09 -1.96
N SER A 78 -14.66 0.47 -3.15
CA SER A 78 -15.91 1.10 -3.58
C SER A 78 -16.39 0.49 -4.89
N ASP A 79 -15.51 0.47 -5.87
CA ASP A 79 -15.78 -0.21 -7.14
C ASP A 79 -15.15 -1.58 -7.15
N TYR A 80 -15.55 -2.39 -6.18
CA TYR A 80 -14.93 -3.69 -5.94
C TYR A 80 -15.63 -4.80 -6.70
N THR A 81 -14.83 -5.69 -7.26
CA THR A 81 -15.30 -6.92 -7.87
C THR A 81 -14.73 -8.09 -7.07
N LYS A 82 -15.51 -8.51 -6.08
CA LYS A 82 -15.02 -9.48 -5.10
C LYS A 82 -13.76 -8.95 -4.45
N LYS A 83 -13.62 -7.64 -4.43
CA LYS A 83 -12.56 -6.91 -3.75
C LYS A 83 -13.09 -6.13 -2.56
N LYS A 84 -14.33 -6.38 -2.19
CA LYS A 84 -14.89 -5.80 -0.95
C LYS A 84 -14.38 -6.44 0.33
N HIS A 85 -13.41 -7.31 0.18
CA HIS A 85 -12.65 -7.89 1.28
C HIS A 85 -11.26 -7.30 1.30
N VAL A 86 -11.20 -6.02 0.94
CA VAL A 86 -9.95 -5.29 0.73
C VAL A 86 -9.91 -4.05 1.59
N LEU A 87 -8.85 -3.29 1.45
CA LEU A 87 -8.63 -2.11 2.28
C LEU A 87 -7.65 -1.18 1.60
N ARG A 88 -7.76 0.12 1.80
CA ARG A 88 -6.98 1.09 1.04
C ARG A 88 -6.60 2.31 1.83
N VAL A 89 -5.40 2.81 1.57
CA VAL A 89 -4.95 4.09 2.13
C VAL A 89 -4.66 5.07 1.01
N LYS A 90 -5.37 6.17 0.98
CA LYS A 90 -5.29 7.13 -0.13
C LYS A 90 -4.19 8.14 0.11
N LEU A 91 -3.64 8.65 -0.97
CA LEU A 91 -2.57 9.65 -0.90
C LEU A 91 -3.03 10.99 -1.40
N ALA A 92 -2.22 12.01 -1.16
CA ALA A 92 -2.47 13.33 -1.71
C ALA A 92 -2.09 13.40 -3.17
N ASN A 93 -1.10 12.64 -3.56
CA ASN A 93 -0.58 12.69 -4.94
C ASN A 93 -1.55 12.06 -5.90
N GLY A 94 -2.25 11.04 -5.45
CA GLY A 94 -3.29 10.40 -6.25
C GLY A 94 -3.40 8.92 -5.94
N ALA A 95 -2.28 8.23 -6.05
CA ALA A 95 -2.25 6.77 -5.93
C ALA A 95 -2.83 6.34 -4.60
N LEU A 96 -3.07 5.05 -4.47
CA LEU A 96 -3.49 4.47 -3.21
C LEU A 96 -2.72 3.21 -2.89
N PHE A 97 -3.01 2.57 -1.76
CA PHE A 97 -2.43 1.28 -1.44
C PHE A 97 -3.52 0.31 -1.02
N LEU A 98 -4.06 -0.42 -1.98
CA LEU A 98 -5.13 -1.37 -1.75
C LEU A 98 -4.58 -2.67 -1.19
N LEU A 99 -5.32 -3.39 -0.37
CA LEU A 99 -4.80 -4.62 0.23
C LEU A 99 -5.79 -5.77 0.13
N GLN A 100 -5.46 -6.79 -0.65
CA GLN A 100 -6.26 -8.00 -0.70
C GLN A 100 -5.48 -9.17 -0.15
N ALA A 101 -5.41 -9.26 1.16
CA ALA A 101 -4.56 -10.23 1.85
C ALA A 101 -5.17 -11.61 1.89
N HIS A 102 -4.51 -12.49 2.63
CA HIS A 102 -4.84 -13.91 2.67
C HIS A 102 -6.04 -14.17 3.55
N ASP A 103 -5.89 -13.99 4.85
CA ASP A 103 -6.94 -14.36 5.80
C ASP A 103 -7.90 -13.23 6.04
N ASP A 104 -9.00 -13.50 6.69
CA ASP A 104 -9.91 -12.44 7.14
C ASP A 104 -9.49 -11.89 8.48
N THR A 105 -8.46 -12.46 9.08
CA THR A 105 -7.93 -11.95 10.34
C THR A 105 -6.85 -10.92 10.07
N GLU A 106 -6.11 -11.15 9.01
CA GLU A 106 -5.07 -10.24 8.54
C GLU A 106 -5.65 -9.26 7.54
N MET A 107 -6.81 -9.55 6.96
CA MET A 107 -7.44 -8.57 6.07
C MET A 107 -7.69 -7.28 6.85
N SER A 108 -8.48 -7.45 7.91
CA SER A 108 -8.80 -6.35 8.82
C SER A 108 -7.54 -5.81 9.46
N GLN A 109 -6.77 -6.66 10.12
CA GLN A 109 -5.57 -6.22 10.84
C GLN A 109 -4.70 -5.35 9.96
N TRP A 110 -4.56 -5.66 8.68
CA TRP A 110 -3.87 -4.76 7.75
C TRP A 110 -4.52 -3.39 7.81
N VAL A 111 -5.81 -3.33 7.54
CA VAL A 111 -6.52 -2.05 7.46
C VAL A 111 -6.34 -1.25 8.74
N THR A 112 -6.63 -1.89 9.86
CA THR A 112 -6.36 -1.32 11.17
C THR A 112 -4.91 -0.95 11.32
N SER A 113 -4.02 -1.72 10.72
CA SER A 113 -2.60 -1.42 10.74
C SER A 113 -2.30 -0.17 9.92
N LEU A 114 -3.05 0.03 8.85
CA LEU A 114 -2.90 1.19 7.99
C LEU A 114 -3.35 2.44 8.70
N LYS A 115 -4.42 2.31 9.47
CA LYS A 115 -4.92 3.35 10.34
C LYS A 115 -3.80 3.94 11.18
N ALA A 116 -3.20 3.08 12.00
CA ALA A 116 -2.11 3.50 12.88
C ALA A 116 -1.03 4.21 12.11
N GLN A 117 -0.86 3.85 10.84
CA GLN A 117 0.26 4.37 10.05
C GLN A 117 -0.15 5.55 9.21
N SER A 118 -0.97 5.35 8.19
CA SER A 118 -1.54 6.45 7.43
C SER A 118 -2.27 7.41 8.35
N ASP A 119 -1.66 8.41 8.94
CA ASP A 119 -2.33 9.24 9.96
C ASP A 119 -2.91 10.50 9.36
N SER A 120 -4.20 10.70 9.58
CA SER A 120 -4.88 11.93 9.20
C SER A 120 -6.08 12.18 10.08
N THR A 121 -6.62 13.38 10.02
CA THR A 121 -7.83 13.73 10.76
C THR A 121 -8.72 14.64 9.94
N ALA A 122 -9.64 15.31 10.59
CA ALA A 122 -10.55 16.24 9.93
C ALA A 122 -11.25 15.57 8.78
N GLY A 1 -3.86 -13.64 22.53
CA GLY A 1 -4.24 -12.26 22.24
C GLY A 1 -3.16 -11.30 22.65
N SER A 2 -2.20 -11.07 21.76
CA SER A 2 -1.10 -10.15 22.01
C SER A 2 -1.22 -8.92 21.15
N GLY A 3 -1.94 -7.92 21.65
CA GLY A 3 -2.07 -6.65 20.95
C GLY A 3 -3.13 -5.78 21.61
N THR A 4 -2.70 -4.89 22.47
CA THR A 4 -3.59 -3.93 23.11
C THR A 4 -3.28 -2.52 22.66
N GLY A 5 -2.01 -2.25 22.47
CA GLY A 5 -1.56 -0.94 21.97
C GLY A 5 -1.33 -0.98 20.48
N ALA A 6 -1.89 0.00 19.79
CA ALA A 6 -1.73 0.10 18.34
C ALA A 6 -0.28 0.03 17.95
N GLY A 7 0.07 -0.96 17.16
CA GLY A 7 1.45 -1.16 16.73
C GLY A 7 1.82 -0.19 15.64
N GLU A 8 1.97 -0.70 14.43
CA GLU A 8 2.45 0.12 13.31
C GLU A 8 1.68 -0.24 12.05
N GLY A 9 2.34 -0.42 10.92
CA GLY A 9 1.67 -0.86 9.68
C GLY A 9 1.87 -2.34 9.51
N HIS A 10 2.25 -2.86 8.36
CA HIS A 10 2.28 -4.32 8.18
C HIS A 10 3.17 -4.74 7.03
N GLU A 11 3.65 -5.98 7.11
CA GLU A 11 4.41 -6.57 6.01
C GLU A 11 4.15 -8.06 5.91
N GLY A 12 3.72 -8.48 4.74
CA GLY A 12 3.57 -9.90 4.42
C GLY A 12 3.69 -10.12 2.92
N TYR A 13 2.73 -10.82 2.35
CA TYR A 13 2.65 -10.97 0.89
C TYR A 13 1.22 -11.12 0.45
N VAL A 14 0.73 -10.11 -0.24
CA VAL A 14 -0.69 -10.05 -0.61
C VAL A 14 -0.86 -9.48 -2.01
N THR A 15 -2.11 -9.24 -2.38
CA THR A 15 -2.41 -8.56 -3.63
C THR A 15 -2.83 -7.13 -3.37
N ARG A 16 -1.97 -6.20 -3.75
CA ARG A 16 -2.16 -4.78 -3.44
C ARG A 16 -2.17 -3.93 -4.68
N LYS A 17 -2.95 -2.87 -4.66
CA LYS A 17 -2.96 -1.89 -5.74
C LYS A 17 -2.16 -0.67 -5.35
N HIS A 18 -0.84 -0.77 -5.48
CA HIS A 18 0.05 0.32 -5.09
C HIS A 18 -0.25 1.58 -5.87
N GLU A 19 0.50 2.62 -5.59
CA GLU A 19 0.42 3.90 -6.29
C GLU A 19 0.15 3.73 -7.77
N TRP A 20 -0.68 4.61 -8.30
CA TRP A 20 -0.97 4.67 -9.73
C TRP A 20 -0.21 5.81 -10.39
N ASP A 21 0.00 5.68 -11.68
CA ASP A 21 0.65 6.73 -12.47
C ASP A 21 0.39 6.54 -13.95
N SER A 22 -0.87 6.70 -14.33
CA SER A 22 -1.27 6.63 -15.73
C SER A 22 -1.01 7.93 -16.46
N THR A 23 -1.07 9.04 -15.74
CA THR A 23 -0.96 10.37 -16.36
C THR A 23 0.29 10.48 -17.20
N THR A 24 0.11 10.36 -18.50
CA THR A 24 1.21 10.51 -19.45
C THR A 24 2.20 9.38 -19.33
N LYS A 25 2.94 9.14 -20.40
CA LYS A 25 4.01 8.15 -20.39
C LYS A 25 3.44 6.74 -20.36
N LYS A 26 4.21 5.80 -20.88
CA LYS A 26 3.85 4.39 -20.84
C LYS A 26 4.67 3.66 -19.80
N ALA A 27 4.23 3.71 -18.56
CA ALA A 27 4.99 3.15 -17.44
C ALA A 27 5.13 1.66 -17.59
N SER A 28 6.31 1.15 -17.26
CA SER A 28 6.56 -0.29 -17.25
C SER A 28 6.46 -0.85 -15.85
N ASN A 29 5.42 -0.44 -15.13
CA ASN A 29 5.22 -0.86 -13.76
C ASN A 29 3.97 -0.27 -13.17
N ARG A 30 2.86 -0.97 -13.29
CA ARG A 30 1.56 -0.43 -12.90
C ARG A 30 0.56 -1.54 -12.65
N SER A 31 -0.68 -1.13 -12.40
CA SER A 31 -1.77 -2.06 -12.13
C SER A 31 -1.67 -2.63 -10.74
N TRP A 32 -2.51 -3.64 -10.49
CA TRP A 32 -2.45 -4.41 -9.25
C TRP A 32 -1.39 -5.48 -9.37
N ASP A 33 -0.87 -5.96 -8.25
CA ASP A 33 0.21 -6.96 -8.27
C ASP A 33 0.31 -7.69 -6.96
N LYS A 34 0.88 -8.88 -7.00
CA LYS A 34 1.19 -9.65 -5.80
C LYS A 34 2.67 -9.61 -5.50
N VAL A 35 3.01 -9.34 -4.25
CA VAL A 35 4.40 -9.13 -3.85
C VAL A 35 4.55 -9.18 -2.36
N TYR A 36 5.79 -9.32 -1.91
CA TYR A 36 6.11 -9.24 -0.48
C TYR A 36 6.15 -7.80 -0.02
N MET A 37 4.99 -7.29 0.39
CA MET A 37 4.88 -5.88 0.76
C MET A 37 5.39 -5.65 2.17
N ALA A 38 6.09 -4.54 2.32
CA ALA A 38 6.53 -4.03 3.62
C ALA A 38 6.16 -2.57 3.70
N ALA A 39 4.86 -2.32 3.71
CA ALA A 39 4.33 -0.96 3.59
C ALA A 39 3.16 -0.74 4.52
N LYS A 40 2.74 0.53 4.58
CA LYS A 40 1.54 0.92 5.31
C LYS A 40 1.21 2.36 5.02
N ALA A 41 0.50 3.00 5.94
CA ALA A 41 0.27 4.44 5.87
C ALA A 41 1.25 5.17 6.77
N GLY A 42 2.45 4.65 6.88
CA GLY A 42 3.55 5.33 7.58
C GLY A 42 4.69 5.49 6.58
N ARG A 43 5.05 4.37 5.99
CA ARG A 43 5.97 4.31 4.85
C ARG A 43 5.80 3.02 4.09
N ILE A 44 6.01 3.09 2.78
CA ILE A 44 5.97 1.90 1.94
C ILE A 44 7.36 1.30 1.78
N SER A 45 7.40 -0.01 1.62
CA SER A 45 8.63 -0.73 1.29
C SER A 45 8.28 -1.96 0.47
N PHE A 46 8.68 -1.99 -0.79
CA PHE A 46 8.23 -3.04 -1.71
C PHE A 46 9.32 -4.02 -2.09
N TYR A 47 8.96 -5.28 -2.14
CA TYR A 47 9.83 -6.34 -2.67
C TYR A 47 9.01 -7.56 -3.04
N LYS A 48 9.20 -8.08 -4.24
CA LYS A 48 8.52 -9.31 -4.66
C LYS A 48 9.01 -10.48 -3.84
N ASP A 49 10.33 -10.52 -3.70
CA ASP A 49 11.03 -11.47 -2.84
C ASP A 49 12.40 -10.92 -2.47
N GLN A 50 13.36 -11.78 -2.23
CA GLN A 50 14.74 -11.34 -2.04
C GLN A 50 15.47 -11.33 -3.37
N LYS A 51 15.13 -10.42 -4.25
CA LYS A 51 15.64 -10.36 -5.63
C LYS A 51 16.50 -9.15 -5.84
N GLY A 52 15.93 -8.01 -6.21
CA GLY A 52 16.71 -6.75 -6.22
C GLY A 52 17.41 -6.68 -4.86
N TYR A 53 16.70 -7.17 -3.87
CA TYR A 53 17.22 -7.36 -2.51
C TYR A 53 18.34 -8.38 -2.47
N LYS A 54 18.20 -9.52 -3.12
CA LYS A 54 19.27 -10.51 -3.28
C LYS A 54 20.63 -9.88 -3.46
N SER A 55 20.73 -8.89 -4.33
CA SER A 55 22.03 -8.32 -4.69
C SER A 55 22.33 -7.08 -3.87
N ASN A 56 21.38 -6.17 -3.78
CA ASN A 56 21.60 -4.91 -3.06
C ASN A 56 20.39 -4.54 -2.23
N PRO A 57 20.62 -3.97 -1.06
CA PRO A 57 19.57 -3.44 -0.09
C PRO A 57 18.79 -2.22 -0.54
N GLU A 58 19.23 -1.55 -1.60
CA GLU A 58 18.56 -0.34 -2.07
C GLU A 58 17.71 -0.61 -3.29
N LEU A 59 17.81 -1.78 -3.89
CA LEU A 59 16.91 -2.17 -4.97
C LEU A 59 16.09 -3.38 -4.60
N THR A 60 15.02 -3.62 -5.36
CA THR A 60 14.20 -4.82 -5.22
C THR A 60 13.47 -5.11 -6.50
N PHE A 61 12.43 -5.91 -6.44
CA PHE A 61 11.53 -6.09 -7.58
C PHE A 61 11.25 -4.74 -8.20
N ARG A 62 11.36 -4.54 -9.49
CA ARG A 62 11.04 -3.21 -10.05
C ARG A 62 9.73 -2.74 -9.47
N GLY A 63 9.73 -1.51 -9.00
CA GLY A 63 8.65 -0.97 -8.14
C GLY A 63 9.15 -1.21 -6.68
N GLU A 64 10.46 -1.06 -6.55
CA GLU A 64 11.23 -1.46 -5.38
C GLU A 64 11.18 -0.46 -4.23
N PRO A 65 11.13 0.82 -4.49
CA PRO A 65 11.20 2.02 -3.54
C PRO A 65 10.22 2.02 -2.37
N SER A 66 10.10 3.21 -1.77
CA SER A 66 9.32 3.43 -0.56
C SER A 66 8.43 4.64 -0.70
N TYR A 67 7.50 4.83 0.22
CA TYR A 67 6.68 6.04 0.29
C TYR A 67 6.30 6.36 1.73
N ASP A 68 7.10 7.14 2.42
CA ASP A 68 6.76 7.63 3.76
C ASP A 68 5.42 8.31 3.79
N LEU A 69 4.32 7.61 4.04
CA LEU A 69 2.99 8.20 3.97
C LEU A 69 2.38 8.52 5.32
N GLN A 70 2.99 9.34 6.15
CA GLN A 70 2.32 9.85 7.36
C GLN A 70 1.44 11.03 7.03
N ASN A 71 1.18 11.20 5.75
CA ASN A 71 0.24 12.16 5.16
C ASN A 71 -1.00 11.46 4.67
N ALA A 72 -0.82 10.26 4.16
CA ALA A 72 -1.87 9.49 3.50
C ALA A 72 -3.06 9.32 4.40
N ALA A 73 -4.18 8.96 3.79
CA ALA A 73 -5.41 8.63 4.50
C ALA A 73 -5.76 7.18 4.34
N ILE A 74 -7.00 6.83 4.65
CA ILE A 74 -7.44 5.44 4.65
C ILE A 74 -8.88 5.31 4.23
N GLU A 75 -9.21 4.23 3.56
CA GLU A 75 -10.54 4.00 3.02
C GLU A 75 -10.75 2.55 2.67
N ILE A 76 -12.00 2.13 2.62
CA ILE A 76 -12.36 0.73 2.40
C ILE A 76 -13.03 0.55 1.07
N ALA A 77 -13.11 -0.68 0.61
CA ALA A 77 -13.86 -1.02 -0.60
C ALA A 77 -15.34 -0.74 -0.41
N SER A 78 -16.07 -0.65 -1.50
CA SER A 78 -17.47 -0.24 -1.45
C SER A 78 -18.34 -1.11 -2.33
N ASP A 79 -18.36 -0.79 -3.61
CA ASP A 79 -19.26 -1.42 -4.57
C ASP A 79 -18.49 -2.10 -5.68
N TYR A 80 -17.82 -3.19 -5.35
CA TYR A 80 -17.15 -4.03 -6.34
C TYR A 80 -17.70 -5.45 -6.32
N THR A 81 -17.44 -6.18 -7.38
CA THR A 81 -17.75 -7.59 -7.47
C THR A 81 -16.47 -8.41 -7.39
N LYS A 82 -15.53 -7.91 -6.63
CA LYS A 82 -14.16 -8.38 -6.51
C LYS A 82 -13.26 -7.23 -6.10
N LYS A 83 -12.48 -7.44 -5.05
CA LYS A 83 -11.70 -6.40 -4.38
C LYS A 83 -12.55 -5.70 -3.35
N LYS A 84 -13.83 -6.03 -3.24
CA LYS A 84 -14.67 -5.52 -2.15
C LYS A 84 -14.32 -6.07 -0.77
N HIS A 85 -13.23 -6.79 -0.72
CA HIS A 85 -12.62 -7.28 0.51
C HIS A 85 -11.25 -6.65 0.69
N VAL A 86 -11.06 -5.47 0.14
CA VAL A 86 -9.75 -4.81 0.12
C VAL A 86 -9.77 -3.53 0.91
N LEU A 87 -8.59 -3.09 1.32
CA LEU A 87 -8.40 -1.79 1.96
C LEU A 87 -7.84 -0.79 0.98
N ARG A 88 -7.69 0.45 1.41
CA ARG A 88 -7.17 1.51 0.56
C ARG A 88 -6.60 2.64 1.37
N VAL A 89 -5.28 2.71 1.48
CA VAL A 89 -4.63 3.85 2.13
C VAL A 89 -4.13 4.83 1.08
N LYS A 90 -4.94 5.87 0.87
CA LYS A 90 -4.74 6.84 -0.20
C LYS A 90 -3.73 7.90 0.18
N LEU A 91 -3.26 8.64 -0.81
CA LEU A 91 -2.36 9.76 -0.61
C LEU A 91 -3.01 11.07 -0.98
N ALA A 92 -2.29 12.16 -0.75
CA ALA A 92 -2.75 13.48 -1.20
C ALA A 92 -2.14 13.86 -2.52
N ASN A 93 -1.64 12.91 -3.27
CA ASN A 93 -0.94 13.20 -4.54
C ASN A 93 -1.67 12.57 -5.70
N GLY A 94 -2.21 11.38 -5.50
CA GLY A 94 -3.04 10.73 -6.50
C GLY A 94 -3.03 9.22 -6.34
N ALA A 95 -1.94 8.67 -5.86
CA ALA A 95 -1.76 7.22 -5.81
C ALA A 95 -2.35 6.64 -4.54
N LEU A 96 -2.55 5.33 -4.53
CA LEU A 96 -3.16 4.64 -3.40
C LEU A 96 -2.40 3.39 -3.05
N PHE A 97 -2.64 2.85 -1.86
CA PHE A 97 -2.05 1.57 -1.47
C PHE A 97 -3.12 0.66 -0.90
N LEU A 98 -3.80 -0.05 -1.79
CA LEU A 98 -4.91 -0.92 -1.44
C LEU A 98 -4.43 -2.30 -1.05
N LEU A 99 -5.17 -3.02 -0.23
CA LEU A 99 -4.67 -4.29 0.31
C LEU A 99 -5.70 -5.40 0.22
N GLN A 100 -5.44 -6.43 -0.56
CA GLN A 100 -6.28 -7.61 -0.58
C GLN A 100 -5.56 -8.80 0.03
N ALA A 101 -5.79 -9.04 1.31
CA ALA A 101 -5.03 -10.04 2.05
C ALA A 101 -5.53 -11.44 1.78
N HIS A 102 -4.86 -12.40 2.38
CA HIS A 102 -5.08 -13.82 2.11
C HIS A 102 -6.16 -14.42 2.99
N ASP A 103 -6.12 -14.15 4.29
CA ASP A 103 -6.99 -14.85 5.23
C ASP A 103 -8.33 -14.18 5.40
N ASP A 104 -8.36 -12.86 5.35
CA ASP A 104 -9.50 -12.02 5.68
C ASP A 104 -9.37 -11.49 7.09
N THR A 105 -8.77 -12.31 7.94
CA THR A 105 -8.41 -11.90 9.30
C THR A 105 -7.20 -11.00 9.28
N GLU A 106 -6.29 -11.27 8.36
CA GLU A 106 -5.12 -10.41 8.16
C GLU A 106 -5.51 -9.24 7.30
N MET A 107 -6.50 -9.43 6.45
CA MET A 107 -7.05 -8.33 5.66
C MET A 107 -7.36 -7.14 6.54
N SER A 108 -8.20 -7.40 7.53
CA SER A 108 -8.66 -6.36 8.45
C SER A 108 -7.51 -5.84 9.30
N GLN A 109 -6.66 -6.73 9.77
CA GLN A 109 -5.47 -6.36 10.52
C GLN A 109 -4.58 -5.42 9.74
N TRP A 110 -4.40 -5.60 8.45
CA TRP A 110 -3.68 -4.63 7.61
C TRP A 110 -4.31 -3.26 7.72
N VAL A 111 -5.63 -3.22 7.72
CA VAL A 111 -6.36 -1.95 7.69
C VAL A 111 -6.36 -1.27 9.05
N THR A 112 -6.40 -2.08 10.10
CA THR A 112 -6.28 -1.60 11.47
C THR A 112 -4.87 -1.18 11.78
N SER A 113 -3.86 -1.88 11.29
CA SER A 113 -2.48 -1.44 11.43
C SER A 113 -2.24 -0.17 10.64
N LEU A 114 -2.59 -0.23 9.37
CA LEU A 114 -2.59 0.91 8.46
C LEU A 114 -3.36 2.09 9.02
N LYS A 115 -4.36 1.84 9.84
CA LYS A 115 -5.13 2.93 10.46
C LYS A 115 -4.26 3.70 11.43
N ALA A 116 -3.58 2.97 12.29
CA ALA A 116 -2.58 3.58 13.19
C ALA A 116 -1.48 4.27 12.43
N GLN A 117 -1.31 3.95 11.15
CA GLN A 117 -0.17 4.45 10.38
C GLN A 117 -0.49 5.75 9.66
N SER A 118 -1.40 5.70 8.71
CA SER A 118 -1.85 6.89 7.98
C SER A 118 -2.16 8.00 8.95
N ASP A 119 -1.60 9.19 8.80
CA ASP A 119 -1.75 10.24 9.81
C ASP A 119 -2.53 11.42 9.24
N SER A 120 -2.94 12.31 10.14
CA SER A 120 -3.68 13.52 9.79
C SER A 120 -5.15 13.22 9.59
N THR A 121 -5.94 14.29 9.63
CA THR A 121 -7.40 14.18 9.59
C THR A 121 -7.87 13.33 8.44
N ALA A 122 -8.34 12.15 8.77
CA ALA A 122 -8.97 11.26 7.78
C ALA A 122 -10.41 10.96 8.17
N GLY A 1 16.23 -5.36 29.10
CA GLY A 1 14.90 -5.32 28.50
C GLY A 1 14.99 -5.00 27.02
N SER A 2 13.94 -5.33 26.30
CA SER A 2 13.88 -5.11 24.85
C SER A 2 13.35 -3.73 24.53
N GLY A 3 12.15 -3.46 24.99
CA GLY A 3 11.52 -2.15 24.81
C GLY A 3 11.52 -1.74 23.36
N THR A 4 11.35 -2.72 22.48
CA THR A 4 11.18 -2.45 21.06
C THR A 4 9.76 -2.05 20.73
N GLY A 5 8.83 -2.95 21.00
CA GLY A 5 7.42 -2.68 20.79
C GLY A 5 7.05 -2.77 19.33
N ALA A 6 6.48 -1.71 18.81
CA ALA A 6 6.05 -1.68 17.41
C ALA A 6 7.22 -1.54 16.48
N GLY A 7 6.96 -1.11 15.26
CA GLY A 7 8.02 -0.93 14.26
C GLY A 7 7.46 -0.37 12.97
N GLU A 8 6.64 -1.15 12.29
CA GLU A 8 6.15 -0.79 10.96
C GLU A 8 4.67 -1.02 10.83
N GLY A 9 4.15 -0.78 9.63
CA GLY A 9 2.74 -1.11 9.36
C GLY A 9 2.55 -2.61 9.42
N HIS A 10 2.28 -3.20 8.26
CA HIS A 10 2.22 -4.66 8.15
C HIS A 10 3.06 -5.12 6.98
N GLU A 11 3.42 -6.38 6.97
CA GLU A 11 4.24 -6.95 5.89
C GLU A 11 3.85 -8.38 5.62
N GLY A 12 3.54 -8.68 4.37
CA GLY A 12 3.01 -10.00 4.02
C GLY A 12 3.22 -10.33 2.56
N TYR A 13 2.55 -11.38 2.12
CA TYR A 13 2.52 -11.78 0.71
C TYR A 13 1.08 -11.89 0.22
N VAL A 14 0.69 -11.03 -0.70
CA VAL A 14 -0.72 -10.97 -1.12
C VAL A 14 -0.89 -10.41 -2.51
N THR A 15 -2.11 -9.96 -2.79
CA THR A 15 -2.40 -9.25 -4.04
C THR A 15 -2.51 -7.77 -3.77
N ARG A 16 -1.37 -7.11 -3.73
CA ARG A 16 -1.30 -5.71 -3.31
C ARG A 16 -1.46 -4.72 -4.45
N LYS A 17 -1.36 -3.45 -4.08
CA LYS A 17 -1.64 -2.29 -4.92
C LYS A 17 -0.46 -1.37 -5.21
N HIS A 18 -0.83 -0.15 -5.60
CA HIS A 18 0.05 1.01 -5.66
C HIS A 18 -0.67 2.23 -6.20
N GLU A 19 -0.07 3.38 -5.93
CA GLU A 19 -0.49 4.68 -6.47
C GLU A 19 -1.00 4.57 -7.89
N TRP A 20 -1.89 5.49 -8.23
CA TRP A 20 -2.57 5.46 -9.53
C TRP A 20 -2.76 6.86 -10.08
N ASP A 21 -2.85 6.96 -11.39
CA ASP A 21 -3.15 8.22 -12.07
C ASP A 21 -4.41 8.11 -12.88
N SER A 22 -4.86 9.24 -13.39
CA SER A 22 -6.15 9.32 -14.09
C SER A 22 -5.95 9.63 -15.55
N THR A 23 -5.04 10.56 -15.83
CA THR A 23 -4.77 10.98 -17.20
C THR A 23 -3.81 10.04 -17.89
N THR A 24 -4.34 9.24 -18.80
CA THR A 24 -3.53 8.28 -19.55
C THR A 24 -4.39 7.51 -20.52
N LYS A 25 -3.82 7.14 -21.66
CA LYS A 25 -4.51 6.29 -22.63
C LYS A 25 -4.89 4.96 -21.99
N LYS A 26 -3.91 4.28 -21.45
CA LYS A 26 -4.07 2.98 -20.78
C LYS A 26 -2.75 2.26 -20.72
N ALA A 27 -2.07 2.32 -19.60
CA ALA A 27 -0.74 1.74 -19.45
C ALA A 27 -0.26 1.82 -18.02
N SER A 28 1.05 1.71 -17.84
CA SER A 28 1.65 1.69 -16.51
C SER A 28 1.35 0.39 -15.81
N ASN A 29 2.24 -0.58 -15.97
CA ASN A 29 2.16 -1.83 -15.23
C ASN A 29 0.94 -2.61 -15.65
N ARG A 30 0.67 -3.70 -14.94
CA ARG A 30 -0.47 -4.57 -15.24
C ARG A 30 -1.38 -4.70 -14.04
N SER A 31 -2.26 -3.72 -13.86
CA SER A 31 -3.26 -3.78 -12.80
C SER A 31 -2.62 -3.98 -11.46
N TRP A 32 -3.29 -4.64 -10.53
CA TRP A 32 -2.69 -5.00 -9.24
C TRP A 32 -1.64 -6.08 -9.42
N ASP A 33 -0.81 -6.27 -8.41
CA ASP A 33 0.33 -7.18 -8.53
C ASP A 33 0.50 -8.02 -7.28
N LYS A 34 0.88 -9.27 -7.47
CA LYS A 34 1.23 -10.15 -6.36
C LYS A 34 2.68 -9.96 -5.97
N VAL A 35 2.93 -9.74 -4.69
CA VAL A 35 4.26 -9.40 -4.22
C VAL A 35 4.37 -9.52 -2.71
N TYR A 36 5.57 -9.28 -2.21
CA TYR A 36 5.83 -9.18 -0.78
C TYR A 36 6.03 -7.74 -0.39
N MET A 37 5.53 -7.28 0.73
CA MET A 37 5.59 -5.86 1.06
C MET A 37 5.90 -5.61 2.53
N ALA A 38 6.26 -4.37 2.80
CA ALA A 38 6.46 -3.86 4.15
C ALA A 38 6.14 -2.38 4.20
N ALA A 39 4.85 -2.11 4.15
CA ALA A 39 4.31 -0.76 4.02
C ALA A 39 2.97 -0.67 4.71
N LYS A 40 2.41 0.53 4.72
CA LYS A 40 1.03 0.73 5.16
C LYS A 40 0.56 2.14 4.89
N ALA A 41 1.43 3.11 5.13
CA ALA A 41 1.01 4.51 5.10
C ALA A 41 2.20 5.41 5.35
N GLY A 42 2.44 5.70 6.62
CA GLY A 42 3.61 6.40 7.13
C GLY A 42 4.85 6.18 6.30
N ARG A 43 4.98 5.03 5.69
CA ARG A 43 6.05 4.75 4.73
C ARG A 43 5.70 3.58 3.86
N ILE A 44 6.56 3.25 2.90
CA ILE A 44 6.42 2.04 2.09
C ILE A 44 7.77 1.41 1.82
N SER A 45 7.81 0.10 1.69
CA SER A 45 9.00 -0.62 1.26
C SER A 45 8.62 -1.85 0.48
N PHE A 46 9.03 -1.95 -0.78
CA PHE A 46 8.57 -3.04 -1.65
C PHE A 46 9.63 -4.10 -1.92
N TYR A 47 9.16 -5.33 -2.03
CA TYR A 47 9.99 -6.46 -2.45
C TYR A 47 9.15 -7.61 -2.94
N LYS A 48 8.98 -7.74 -4.25
CA LYS A 48 8.27 -8.88 -4.83
C LYS A 48 8.79 -10.18 -4.24
N ASP A 49 10.11 -10.21 -4.05
CA ASP A 49 10.80 -11.30 -3.36
C ASP A 49 12.10 -10.82 -2.78
N GLN A 50 12.87 -11.74 -2.23
CA GLN A 50 14.22 -11.44 -1.75
C GLN A 50 15.12 -10.96 -2.89
N LYS A 51 14.77 -11.24 -4.12
CA LYS A 51 15.60 -11.02 -5.32
C LYS A 51 16.52 -9.82 -5.27
N GLY A 52 15.94 -8.64 -5.32
CA GLY A 52 16.73 -7.39 -5.36
C GLY A 52 17.37 -7.20 -4.00
N TYR A 53 16.56 -7.40 -2.96
CA TYR A 53 17.05 -7.43 -1.59
C TYR A 53 18.29 -8.30 -1.47
N LYS A 54 18.40 -9.29 -2.33
CA LYS A 54 19.46 -10.28 -2.30
C LYS A 54 20.75 -9.71 -2.88
N SER A 55 20.63 -9.10 -4.04
CA SER A 55 21.78 -8.55 -4.76
C SER A 55 21.96 -7.09 -4.46
N ASN A 56 20.92 -6.31 -4.69
CA ASN A 56 20.94 -4.87 -4.48
C ASN A 56 19.78 -4.43 -3.60
N PRO A 57 20.02 -4.34 -2.32
CA PRO A 57 18.99 -3.98 -1.23
C PRO A 57 18.27 -2.68 -1.45
N GLU A 58 18.88 -1.73 -2.14
CA GLU A 58 18.21 -0.49 -2.52
C GLU A 58 17.32 -0.70 -3.72
N LEU A 59 17.75 -1.56 -4.63
CA LEU A 59 16.93 -1.93 -5.78
C LEU A 59 16.37 -3.33 -5.64
N THR A 60 15.24 -3.44 -4.96
CA THR A 60 14.50 -4.71 -4.87
C THR A 60 13.96 -5.09 -6.23
N PHE A 61 12.94 -5.92 -6.29
CA PHE A 61 12.25 -6.16 -7.55
C PHE A 61 11.94 -4.83 -8.21
N ARG A 62 12.01 -4.67 -9.52
CA ARG A 62 11.91 -3.35 -10.14
C ARG A 62 10.70 -2.56 -9.66
N GLY A 63 9.74 -3.19 -9.01
CA GLY A 63 8.70 -2.45 -8.29
C GLY A 63 9.24 -2.29 -6.84
N GLU A 64 10.39 -1.65 -6.81
CA GLU A 64 11.21 -1.53 -5.60
C GLU A 64 10.88 -0.37 -4.68
N PRO A 65 10.30 0.70 -5.15
CA PRO A 65 9.98 2.03 -4.45
C PRO A 65 9.64 1.99 -2.97
N SER A 66 9.66 3.19 -2.39
CA SER A 66 9.30 3.42 -0.99
C SER A 66 8.65 4.77 -0.81
N TYR A 67 8.08 5.01 0.36
CA TYR A 67 7.36 6.25 0.64
C TYR A 67 7.52 6.65 2.09
N ASP A 68 7.03 7.83 2.42
CA ASP A 68 6.95 8.32 3.79
C ASP A 68 5.64 9.04 4.00
N LEU A 69 4.55 8.32 4.15
CA LEU A 69 3.20 8.91 4.17
C LEU A 69 2.45 8.76 5.48
N GLN A 70 2.78 9.50 6.51
CA GLN A 70 1.97 9.56 7.73
C GLN A 70 0.86 10.58 7.61
N ASN A 71 0.64 11.04 6.38
CA ASN A 71 -0.36 12.03 6.02
C ASN A 71 -1.63 11.40 5.48
N ALA A 72 -1.45 10.33 4.72
CA ALA A 72 -2.54 9.68 4.00
C ALA A 72 -3.75 9.42 4.87
N ALA A 73 -4.88 9.23 4.21
CA ALA A 73 -6.14 8.84 4.86
C ALA A 73 -6.42 7.38 4.62
N ILE A 74 -7.51 6.89 5.19
CA ILE A 74 -7.87 5.48 5.07
C ILE A 74 -9.34 5.29 4.73
N GLU A 75 -9.62 4.22 4.01
CA GLU A 75 -11.00 3.85 3.68
C GLU A 75 -11.06 2.45 3.11
N ILE A 76 -12.22 2.08 2.61
CA ILE A 76 -12.41 0.79 1.94
C ILE A 76 -12.85 0.99 0.51
N ALA A 77 -12.77 -0.08 -0.26
CA ALA A 77 -13.24 -0.07 -1.65
C ALA A 77 -14.73 0.17 -1.72
N SER A 78 -15.16 0.72 -2.84
CA SER A 78 -16.59 0.91 -3.11
C SER A 78 -16.97 0.32 -4.45
N ASP A 79 -16.14 0.52 -5.44
CA ASP A 79 -16.30 -0.10 -6.75
C ASP A 79 -15.36 -1.27 -6.90
N TYR A 80 -15.51 -2.24 -5.99
CA TYR A 80 -14.59 -3.36 -5.89
C TYR A 80 -14.83 -4.42 -6.95
N THR A 81 -15.90 -5.17 -6.76
CA THR A 81 -16.18 -6.33 -7.60
C THR A 81 -15.07 -7.35 -7.47
N LYS A 82 -15.11 -8.12 -6.39
CA LYS A 82 -14.09 -9.06 -5.95
C LYS A 82 -13.08 -8.38 -5.04
N LYS A 83 -12.86 -7.10 -5.25
CA LYS A 83 -12.04 -6.28 -4.36
C LYS A 83 -12.75 -5.89 -3.08
N LYS A 84 -13.97 -6.39 -2.88
CA LYS A 84 -14.71 -6.20 -1.62
C LYS A 84 -14.12 -6.88 -0.39
N HIS A 85 -12.92 -7.40 -0.56
CA HIS A 85 -12.10 -7.93 0.53
C HIS A 85 -10.78 -7.17 0.59
N VAL A 86 -10.86 -5.89 0.27
CA VAL A 86 -9.69 -5.03 0.12
C VAL A 86 -9.79 -3.79 0.97
N LEU A 87 -8.65 -3.25 1.35
CA LEU A 87 -8.54 -1.97 2.05
C LEU A 87 -7.64 -1.02 1.30
N ARG A 88 -7.66 0.24 1.67
CA ARG A 88 -6.96 1.28 0.92
C ARG A 88 -6.67 2.50 1.75
N VAL A 89 -5.44 2.98 1.76
CA VAL A 89 -5.12 4.27 2.39
C VAL A 89 -4.74 5.28 1.32
N LYS A 90 -5.65 6.21 1.08
CA LYS A 90 -5.52 7.16 -0.02
C LYS A 90 -4.57 8.29 0.33
N LEU A 91 -4.13 9.00 -0.70
CA LEU A 91 -3.16 10.08 -0.56
C LEU A 91 -3.74 11.40 -1.00
N ALA A 92 -3.00 12.47 -0.79
CA ALA A 92 -3.38 13.78 -1.29
C ALA A 92 -2.94 13.96 -2.73
N ASN A 93 -1.78 13.41 -3.04
CA ASN A 93 -1.21 13.54 -4.38
C ASN A 93 -1.94 12.67 -5.39
N GLY A 94 -2.61 11.63 -4.94
CA GLY A 94 -3.26 10.68 -5.84
C GLY A 94 -2.73 9.28 -5.68
N ALA A 95 -1.57 9.11 -5.08
CA ALA A 95 -0.94 7.80 -4.96
C ALA A 95 -1.54 7.00 -3.83
N LEU A 96 -2.55 6.22 -4.15
CA LEU A 96 -3.27 5.44 -3.14
C LEU A 96 -2.73 4.02 -3.06
N PHE A 97 -2.82 3.43 -1.89
CA PHE A 97 -2.27 2.09 -1.64
C PHE A 97 -3.37 1.14 -1.25
N LEU A 98 -4.11 0.52 -2.16
CA LEU A 98 -5.09 -0.53 -1.83
C LEU A 98 -4.42 -1.80 -1.35
N LEU A 99 -5.17 -2.74 -0.80
CA LEU A 99 -4.58 -3.94 -0.20
C LEU A 99 -5.51 -5.13 -0.28
N GLN A 100 -5.19 -6.19 -1.00
CA GLN A 100 -6.01 -7.41 -0.98
C GLN A 100 -5.30 -8.51 -0.22
N ALA A 101 -5.65 -8.72 1.03
CA ALA A 101 -4.92 -9.67 1.88
C ALA A 101 -5.34 -11.09 1.60
N HIS A 102 -4.53 -12.03 2.05
CA HIS A 102 -4.70 -13.44 1.72
C HIS A 102 -5.59 -14.16 2.69
N ASP A 103 -5.52 -13.85 3.97
CA ASP A 103 -6.24 -14.63 4.99
C ASP A 103 -7.67 -14.15 5.17
N ASP A 104 -7.88 -12.86 5.05
CA ASP A 104 -9.16 -12.19 5.32
C ASP A 104 -9.27 -11.82 6.77
N THR A 105 -8.60 -12.51 7.67
CA THR A 105 -8.53 -12.10 9.07
C THR A 105 -7.39 -11.11 9.26
N GLU A 106 -6.34 -11.30 8.48
CA GLU A 106 -5.23 -10.36 8.40
C GLU A 106 -5.62 -9.21 7.51
N MET A 107 -6.59 -9.42 6.63
CA MET A 107 -7.14 -8.32 5.83
C MET A 107 -7.53 -7.18 6.74
N SER A 108 -8.17 -7.54 7.85
CA SER A 108 -8.49 -6.59 8.90
C SER A 108 -7.22 -6.06 9.55
N GLN A 109 -6.45 -6.96 10.13
CA GLN A 109 -5.17 -6.63 10.76
C GLN A 109 -4.35 -5.68 9.91
N TRP A 110 -4.53 -5.70 8.61
CA TRP A 110 -3.89 -4.73 7.71
C TRP A 110 -4.51 -3.37 7.88
N VAL A 111 -5.81 -3.27 7.65
CA VAL A 111 -6.57 -2.04 7.85
C VAL A 111 -6.25 -1.39 9.18
N THR A 112 -6.12 -2.23 10.19
CA THR A 112 -5.87 -1.76 11.56
C THR A 112 -4.44 -1.32 11.73
N SER A 113 -3.50 -1.93 11.03
CA SER A 113 -2.11 -1.47 11.03
C SER A 113 -2.00 -0.13 10.33
N LEU A 114 -2.67 0.02 9.21
CA LEU A 114 -2.63 1.25 8.43
C LEU A 114 -3.39 2.36 9.12
N LYS A 115 -4.41 2.01 9.86
CA LYS A 115 -5.12 3.00 10.68
C LYS A 115 -4.19 3.65 11.68
N ALA A 116 -3.31 2.84 12.24
CA ALA A 116 -2.29 3.34 13.17
C ALA A 116 -1.32 4.26 12.47
N GLN A 117 -1.09 4.05 11.18
CA GLN A 117 -0.04 4.78 10.46
C GLN A 117 -0.60 5.91 9.62
N SER A 118 -1.22 5.62 8.50
CA SER A 118 -1.70 6.59 7.50
C SER A 118 -1.98 7.95 8.10
N ASP A 119 -2.83 7.97 9.12
CA ASP A 119 -3.10 9.18 9.89
C ASP A 119 -2.52 9.07 11.28
N SER A 120 -1.49 9.86 11.54
CA SER A 120 -0.85 9.89 12.85
C SER A 120 -1.11 11.19 13.56
N THR A 121 -1.10 11.15 14.88
CA THR A 121 -1.43 12.33 15.69
C THR A 121 -0.33 12.62 16.69
N ALA A 122 -0.51 12.32 17.96
CA ALA A 122 0.48 12.66 18.98
C ALA A 122 0.99 11.41 19.66
N GLY A 1 10.13 8.08 18.44
CA GLY A 1 11.58 7.91 18.41
C GLY A 1 11.98 6.91 17.35
N SER A 2 13.12 6.26 17.56
CA SER A 2 13.63 5.28 16.61
C SER A 2 14.63 4.36 17.28
N GLY A 3 14.87 3.21 16.67
CA GLY A 3 15.90 2.28 17.13
C GLY A 3 15.43 0.86 17.02
N THR A 4 14.22 0.61 17.50
CA THR A 4 13.62 -0.73 17.44
C THR A 4 12.52 -0.78 16.42
N GLY A 5 11.41 -0.14 16.71
CA GLY A 5 10.28 -0.11 15.81
C GLY A 5 9.09 -0.86 16.37
N ALA A 6 8.40 -0.24 17.32
CA ALA A 6 7.32 -0.89 18.03
C ALA A 6 6.18 -1.24 17.10
N GLY A 7 5.37 -0.24 16.78
CA GLY A 7 4.14 -0.46 16.00
C GLY A 7 4.35 -0.06 14.57
N GLU A 8 4.56 -1.05 13.71
CA GLU A 8 4.87 -0.81 12.30
C GLU A 8 3.83 -1.45 11.40
N GLY A 9 2.98 -0.61 10.83
CA GLY A 9 1.84 -1.00 10.02
C GLY A 9 1.66 -2.49 9.85
N HIS A 10 2.02 -2.98 8.66
CA HIS A 10 2.01 -4.43 8.45
C HIS A 10 2.94 -4.81 7.31
N GLU A 11 2.95 -6.10 7.00
CA GLU A 11 3.86 -6.64 6.01
C GLU A 11 3.59 -8.11 5.76
N GLY A 12 3.19 -8.43 4.55
CA GLY A 12 2.91 -9.81 4.17
C GLY A 12 2.94 -9.98 2.67
N TYR A 13 2.74 -11.22 2.23
CA TYR A 13 2.60 -11.52 0.81
C TYR A 13 1.14 -11.64 0.43
N VAL A 14 0.64 -10.62 -0.24
CA VAL A 14 -0.77 -10.55 -0.62
C VAL A 14 -0.94 -9.91 -1.97
N THR A 15 -2.18 -9.60 -2.31
CA THR A 15 -2.45 -8.84 -3.54
C THR A 15 -2.64 -7.37 -3.24
N ARG A 16 -1.59 -6.61 -3.44
CA ARG A 16 -1.61 -5.16 -3.23
C ARG A 16 -1.17 -4.43 -4.48
N LYS A 17 -1.29 -3.12 -4.49
CA LYS A 17 -0.75 -2.31 -5.58
C LYS A 17 0.19 -1.25 -5.03
N HIS A 18 0.30 -0.11 -5.70
CA HIS A 18 1.09 1.00 -5.17
C HIS A 18 0.95 2.24 -6.00
N GLU A 19 -0.20 2.43 -6.64
CA GLU A 19 -0.36 3.52 -7.60
C GLU A 19 -1.77 3.54 -8.17
N TRP A 20 -2.32 4.71 -8.34
CA TRP A 20 -3.62 4.89 -8.97
C TRP A 20 -3.99 6.34 -9.11
N ASP A 21 -3.44 6.99 -10.12
CA ASP A 21 -3.83 8.37 -10.46
C ASP A 21 -4.75 8.40 -11.65
N SER A 22 -5.94 7.86 -11.48
CA SER A 22 -6.89 7.70 -12.57
C SER A 22 -6.35 6.73 -13.60
N THR A 23 -6.66 5.47 -13.44
CA THR A 23 -6.15 4.43 -14.33
C THR A 23 -6.98 4.33 -15.58
N THR A 24 -6.31 4.20 -16.71
CA THR A 24 -6.97 3.97 -17.99
C THR A 24 -7.22 2.51 -18.22
N LYS A 25 -7.60 2.15 -19.43
CA LYS A 25 -7.74 0.75 -19.82
C LYS A 25 -7.18 0.51 -21.20
N LYS A 26 -5.99 -0.08 -21.25
CA LYS A 26 -5.29 -0.31 -22.51
C LYS A 26 -4.04 -1.11 -22.29
N ALA A 27 -3.19 -0.64 -21.40
CA ALA A 27 -1.91 -1.29 -21.12
C ALA A 27 -1.23 -0.67 -19.93
N SER A 28 -1.27 0.65 -19.86
CA SER A 28 -0.57 1.40 -18.82
C SER A 28 -1.20 1.16 -17.47
N ASN A 29 -0.42 1.33 -16.42
CA ASN A 29 -0.90 1.18 -15.06
C ASN A 29 -1.46 -0.21 -14.84
N ARG A 30 -0.57 -1.17 -14.71
CA ARG A 30 -0.95 -2.58 -14.57
C ARG A 30 -1.86 -2.76 -13.37
N SER A 31 -2.43 -3.94 -13.25
CA SER A 31 -3.39 -4.24 -12.18
C SER A 31 -2.67 -4.53 -10.88
N TRP A 32 -3.36 -5.16 -9.95
CA TRP A 32 -2.79 -5.49 -8.65
C TRP A 32 -1.83 -6.64 -8.77
N ASP A 33 -0.77 -6.63 -7.98
CA ASP A 33 0.29 -7.61 -8.10
C ASP A 33 0.54 -8.33 -6.79
N LYS A 34 0.70 -9.64 -6.87
CA LYS A 34 1.08 -10.43 -5.70
C LYS A 34 2.46 -10.05 -5.24
N VAL A 35 2.53 -9.14 -4.29
CA VAL A 35 3.80 -8.55 -3.86
C VAL A 35 4.18 -8.94 -2.45
N TYR A 36 5.48 -8.88 -2.18
CA TYR A 36 5.99 -9.02 -0.81
C TYR A 36 6.23 -7.64 -0.25
N MET A 37 5.13 -7.03 0.18
CA MET A 37 5.14 -5.63 0.61
C MET A 37 5.26 -5.49 2.11
N ALA A 38 6.30 -4.79 2.53
CA ALA A 38 6.49 -4.39 3.92
C ALA A 38 6.14 -2.93 4.05
N ALA A 39 4.86 -2.63 4.16
CA ALA A 39 4.38 -1.26 4.06
C ALA A 39 3.09 -1.04 4.82
N LYS A 40 2.63 0.20 4.77
CA LYS A 40 1.33 0.57 5.30
C LYS A 40 0.97 1.98 4.93
N ALA A 41 -0.15 2.43 5.47
CA ALA A 41 -0.59 3.82 5.34
C ALA A 41 0.53 4.80 5.65
N GLY A 42 1.39 4.44 6.59
CA GLY A 42 2.41 5.32 7.15
C GLY A 42 3.69 5.42 6.37
N ARG A 43 4.28 4.30 5.99
CA ARG A 43 5.49 4.28 5.18
C ARG A 43 5.63 2.95 4.47
N ILE A 44 6.01 2.92 3.20
CA ILE A 44 6.10 1.66 2.46
C ILE A 44 7.51 1.14 2.34
N SER A 45 7.62 -0.16 2.22
CA SER A 45 8.85 -0.89 1.90
C SER A 45 8.52 -1.97 0.88
N PHE A 46 9.09 -1.90 -0.31
CA PHE A 46 8.67 -2.74 -1.43
C PHE A 46 9.66 -3.80 -1.86
N TYR A 47 9.19 -5.02 -2.07
CA TYR A 47 9.97 -6.07 -2.70
C TYR A 47 9.04 -7.14 -3.23
N LYS A 48 8.87 -7.27 -4.54
CA LYS A 48 8.02 -8.31 -5.10
C LYS A 48 8.52 -9.68 -4.71
N ASP A 49 9.83 -9.79 -4.61
CA ASP A 49 10.50 -10.99 -4.14
C ASP A 49 11.92 -10.68 -3.69
N GLN A 50 12.78 -11.67 -3.74
CA GLN A 50 14.21 -11.48 -3.49
C GLN A 50 14.93 -11.15 -4.78
N LYS A 51 14.47 -10.13 -5.48
CA LYS A 51 15.01 -9.79 -6.80
C LYS A 51 16.07 -8.71 -6.67
N GLY A 52 15.73 -7.46 -6.87
CA GLY A 52 16.68 -6.37 -6.57
C GLY A 52 17.16 -6.57 -5.13
N TYR A 53 16.24 -7.05 -4.31
CA TYR A 53 16.55 -7.46 -2.95
C TYR A 53 17.71 -8.42 -2.90
N LYS A 54 17.73 -9.47 -3.70
CA LYS A 54 18.89 -10.36 -3.79
C LYS A 54 20.17 -9.57 -3.96
N SER A 55 20.29 -8.92 -5.10
CA SER A 55 21.54 -8.25 -5.48
C SER A 55 21.92 -7.20 -4.45
N ASN A 56 21.09 -6.18 -4.32
CA ASN A 56 21.42 -5.03 -3.48
C ASN A 56 20.20 -4.54 -2.74
N PRO A 57 20.29 -4.44 -1.43
CA PRO A 57 19.19 -3.93 -0.49
C PRO A 57 18.83 -2.47 -0.62
N GLU A 58 19.40 -1.76 -1.58
CA GLU A 58 19.01 -0.38 -1.87
C GLU A 58 18.00 -0.34 -2.99
N LEU A 59 18.16 -1.23 -3.95
CA LEU A 59 17.25 -1.33 -5.09
C LEU A 59 16.38 -2.57 -4.96
N THR A 60 15.19 -2.53 -5.55
CA THR A 60 14.33 -3.71 -5.57
C THR A 60 13.50 -3.73 -6.85
N PHE A 61 12.47 -4.56 -6.86
CA PHE A 61 11.51 -4.54 -7.96
C PHE A 61 11.07 -3.11 -8.22
N ARG A 62 10.96 -2.66 -9.45
CA ARG A 62 10.64 -1.26 -9.70
C ARG A 62 9.43 -0.86 -8.88
N GLY A 63 9.55 0.26 -8.20
CA GLY A 63 8.57 0.65 -7.15
C GLY A 63 9.25 0.13 -5.84
N GLU A 64 10.55 0.37 -5.81
CA GLU A 64 11.48 -0.22 -4.85
C GLU A 64 11.47 0.52 -3.52
N PRO A 65 12.53 0.98 -2.92
CA PRO A 65 12.72 1.56 -1.51
C PRO A 65 11.49 1.96 -0.72
N SER A 66 11.21 3.19 -0.38
CA SER A 66 10.13 3.49 0.57
C SER A 66 9.41 4.81 0.34
N TYR A 67 8.29 4.93 1.04
CA TYR A 67 7.48 6.14 1.14
C TYR A 67 7.33 6.57 2.58
N ASP A 68 7.19 7.85 2.85
CA ASP A 68 6.90 8.36 4.19
C ASP A 68 5.54 9.03 4.22
N LEU A 69 4.50 8.23 4.09
CA LEU A 69 3.14 8.73 3.93
C LEU A 69 2.34 8.85 5.22
N GLN A 70 2.75 9.67 6.16
CA GLN A 70 1.90 10.00 7.32
C GLN A 70 0.97 11.14 6.98
N ASN A 71 0.86 11.41 5.67
CA ASN A 71 -0.04 12.38 5.06
C ASN A 71 -1.36 11.78 4.63
N ALA A 72 -1.28 10.64 3.99
CA ALA A 72 -2.43 10.00 3.36
C ALA A 72 -3.57 9.77 4.34
N ALA A 73 -4.67 9.28 3.80
CA ALA A 73 -5.84 8.89 4.58
C ALA A 73 -6.10 7.41 4.46
N ILE A 74 -7.35 7.00 4.56
CA ILE A 74 -7.72 5.60 4.37
C ILE A 74 -9.16 5.45 3.95
N GLU A 75 -9.47 4.32 3.35
CA GLU A 75 -10.84 3.95 3.00
C GLU A 75 -10.92 2.48 2.60
N ILE A 76 -12.11 1.92 2.68
CA ILE A 76 -12.32 0.50 2.40
C ILE A 76 -13.21 0.31 1.20
N ALA A 77 -13.10 -0.85 0.57
CA ALA A 77 -13.98 -1.20 -0.54
C ALA A 77 -15.43 -1.14 -0.13
N SER A 78 -16.32 -1.32 -1.09
CA SER A 78 -17.76 -1.14 -0.84
C SER A 78 -18.59 -1.74 -1.94
N ASP A 79 -18.23 -1.47 -3.18
CA ASP A 79 -19.06 -1.88 -4.32
C ASP A 79 -18.62 -3.21 -4.88
N TYR A 80 -17.35 -3.56 -4.74
CA TYR A 80 -16.81 -4.76 -5.36
C TYR A 80 -17.40 -6.02 -4.77
N THR A 81 -16.85 -7.15 -5.17
CA THR A 81 -17.31 -8.46 -4.71
C THR A 81 -16.15 -9.31 -4.25
N LYS A 82 -15.08 -9.31 -5.05
CA LYS A 82 -13.84 -9.98 -4.70
C LYS A 82 -12.90 -9.04 -3.97
N LYS A 83 -12.65 -7.90 -4.58
CA LYS A 83 -11.88 -6.81 -3.99
C LYS A 83 -12.65 -6.05 -2.92
N LYS A 84 -13.88 -6.47 -2.63
CA LYS A 84 -14.66 -5.90 -1.52
C LYS A 84 -14.28 -6.41 -0.15
N HIS A 85 -13.08 -6.98 -0.05
CA HIS A 85 -12.47 -7.38 1.21
C HIS A 85 -11.08 -6.77 1.30
N VAL A 86 -10.99 -5.55 0.78
CA VAL A 86 -9.71 -4.85 0.63
C VAL A 86 -9.67 -3.59 1.46
N LEU A 87 -8.46 -3.17 1.78
CA LEU A 87 -8.21 -1.90 2.45
C LEU A 87 -7.26 -1.04 1.65
N ARG A 88 -7.34 0.26 1.77
CA ARG A 88 -6.57 1.16 0.92
C ARG A 88 -6.29 2.49 1.58
N VAL A 89 -5.04 2.92 1.52
CA VAL A 89 -4.69 4.27 1.98
C VAL A 89 -4.50 5.19 0.80
N LYS A 90 -4.82 6.46 0.99
CA LYS A 90 -4.81 7.42 -0.11
C LYS A 90 -4.03 8.67 0.24
N LEU A 91 -2.84 8.79 -0.32
CA LEU A 91 -2.03 9.99 -0.19
C LEU A 91 -2.72 11.17 -0.83
N ALA A 92 -2.17 12.35 -0.60
CA ALA A 92 -2.64 13.57 -1.26
C ALA A 92 -2.15 13.63 -2.70
N ASN A 93 -0.96 13.11 -2.94
CA ASN A 93 -0.36 13.17 -4.27
C ASN A 93 -1.14 12.35 -5.27
N GLY A 94 -1.93 11.39 -4.82
CA GLY A 94 -2.70 10.54 -5.72
C GLY A 94 -2.38 9.07 -5.52
N ALA A 95 -1.21 8.79 -4.98
CA ALA A 95 -0.83 7.42 -4.65
C ALA A 95 -1.93 6.68 -3.91
N LEU A 96 -2.07 5.41 -4.21
CA LEU A 96 -2.98 4.53 -3.48
C LEU A 96 -2.36 3.17 -3.27
N PHE A 97 -2.55 2.62 -2.09
CA PHE A 97 -2.06 1.30 -1.75
C PHE A 97 -3.19 0.41 -1.26
N LEU A 98 -3.81 -0.32 -2.17
CA LEU A 98 -4.86 -1.27 -1.83
C LEU A 98 -4.28 -2.56 -1.32
N LEU A 99 -5.01 -3.26 -0.46
CA LEU A 99 -4.50 -4.48 0.15
C LEU A 99 -5.53 -5.58 0.13
N GLN A 100 -5.27 -6.64 -0.60
CA GLN A 100 -6.10 -7.84 -0.60
C GLN A 100 -5.42 -8.99 0.10
N ALA A 101 -5.65 -9.13 1.40
CA ALA A 101 -4.93 -10.10 2.21
C ALA A 101 -5.44 -11.52 2.02
N HIS A 102 -4.60 -12.47 2.40
CA HIS A 102 -4.84 -13.88 2.16
C HIS A 102 -5.63 -14.55 3.26
N ASP A 103 -5.36 -14.22 4.51
CA ASP A 103 -5.94 -14.93 5.64
C ASP A 103 -7.36 -14.48 5.95
N ASP A 104 -7.62 -13.21 5.78
CA ASP A 104 -8.87 -12.55 6.16
C ASP A 104 -8.79 -12.04 7.58
N THR A 105 -8.01 -12.68 8.44
CA THR A 105 -7.75 -12.16 9.78
C THR A 105 -6.64 -11.13 9.74
N GLU A 106 -5.71 -11.32 8.83
CA GLU A 106 -4.66 -10.35 8.54
C GLU A 106 -5.20 -9.28 7.63
N MET A 107 -6.20 -9.64 6.84
CA MET A 107 -6.95 -8.71 6.01
C MET A 107 -7.45 -7.54 6.83
N SER A 108 -8.17 -7.83 7.89
CA SER A 108 -8.70 -6.79 8.76
C SER A 108 -7.60 -6.07 9.50
N GLN A 109 -6.72 -6.83 10.13
CA GLN A 109 -5.54 -6.30 10.78
C GLN A 109 -4.80 -5.33 9.88
N TRP A 110 -4.71 -5.58 8.59
CA TRP A 110 -4.12 -4.62 7.66
C TRP A 110 -4.89 -3.32 7.69
N VAL A 111 -6.19 -3.38 7.55
CA VAL A 111 -7.02 -2.17 7.55
C VAL A 111 -6.82 -1.35 8.80
N THR A 112 -6.93 -2.03 9.93
CA THR A 112 -6.64 -1.44 11.24
C THR A 112 -5.25 -0.87 11.31
N SER A 113 -4.23 -1.60 10.92
CA SER A 113 -2.84 -1.16 11.11
C SER A 113 -2.52 0.01 10.20
N LEU A 114 -3.12 -0.01 9.02
CA LEU A 114 -3.06 1.10 8.08
C LEU A 114 -3.71 2.34 8.66
N LYS A 115 -4.84 2.15 9.32
CA LYS A 115 -5.62 3.28 9.83
C LYS A 115 -4.78 4.14 10.75
N ALA A 116 -4.25 3.53 11.79
CA ALA A 116 -3.38 4.25 12.73
C ALA A 116 -2.16 4.82 12.04
N GLN A 117 -1.72 4.20 10.97
CA GLN A 117 -0.46 4.55 10.29
C GLN A 117 -0.57 5.78 9.42
N SER A 118 -1.44 5.76 8.44
CA SER A 118 -1.56 6.81 7.43
C SER A 118 -1.49 8.19 8.06
N ASP A 119 -2.00 8.29 9.27
CA ASP A 119 -1.97 9.53 10.04
C ASP A 119 -0.94 9.45 11.14
N SER A 120 -0.47 10.62 11.57
CA SER A 120 0.44 10.71 12.70
C SER A 120 -0.30 11.06 13.97
N THR A 121 0.24 10.61 15.10
CA THR A 121 -0.39 10.82 16.40
C THR A 121 0.61 10.68 17.51
N ALA A 122 0.50 11.54 18.51
CA ALA A 122 1.32 11.45 19.71
C ALA A 122 0.52 10.87 20.86
N GLY A 1 0.22 -16.21 15.52
CA GLY A 1 1.57 -16.73 15.32
C GLY A 1 2.58 -15.61 15.37
N SER A 2 3.28 -15.51 16.49
CA SER A 2 4.33 -14.52 16.64
C SER A 2 3.78 -13.11 16.64
N GLY A 3 4.64 -12.14 16.78
CA GLY A 3 4.22 -10.74 16.88
C GLY A 3 4.14 -10.31 18.32
N THR A 4 5.30 -10.08 18.93
CA THR A 4 5.35 -9.57 20.30
C THR A 4 4.72 -8.21 20.41
N GLY A 5 5.43 -7.20 19.92
CA GLY A 5 4.90 -5.84 19.88
C GLY A 5 5.84 -4.92 19.15
N ALA A 6 5.85 -5.02 17.83
CA ALA A 6 6.66 -4.15 16.98
C ALA A 6 6.06 -2.76 16.92
N GLY A 7 4.77 -2.70 16.66
CA GLY A 7 4.04 -1.44 16.69
C GLY A 7 4.22 -0.68 15.41
N GLU A 8 4.05 -1.35 14.29
CA GLU A 8 4.34 -0.76 12.99
C GLU A 8 3.29 -1.13 11.96
N GLY A 9 3.61 -0.90 10.69
CA GLY A 9 2.72 -1.36 9.62
C GLY A 9 2.50 -2.86 9.62
N HIS A 10 2.19 -3.36 8.42
CA HIS A 10 2.11 -4.80 8.20
C HIS A 10 2.87 -5.19 6.97
N GLU A 11 3.28 -6.45 6.88
CA GLU A 11 4.02 -6.92 5.72
C GLU A 11 3.66 -8.35 5.40
N GLY A 12 3.06 -8.55 4.24
CA GLY A 12 2.52 -9.85 3.85
C GLY A 12 2.67 -10.09 2.37
N TYR A 13 2.43 -11.32 1.95
CA TYR A 13 2.41 -11.66 0.53
C TYR A 13 0.99 -11.69 0.01
N VAL A 14 0.52 -10.54 -0.44
CA VAL A 14 -0.88 -10.39 -0.84
C VAL A 14 -0.99 -9.83 -2.24
N THR A 15 -2.21 -9.64 -2.68
CA THR A 15 -2.44 -8.93 -3.94
C THR A 15 -2.52 -7.44 -3.66
N ARG A 16 -1.34 -6.86 -3.54
CA ARG A 16 -1.17 -5.46 -3.12
C ARG A 16 -1.29 -4.53 -4.30
N LYS A 17 -1.76 -3.33 -4.03
CA LYS A 17 -1.79 -2.25 -5.01
C LYS A 17 -1.02 -1.05 -4.49
N HIS A 18 -0.43 -0.27 -5.37
CA HIS A 18 0.45 0.81 -4.95
C HIS A 18 0.26 2.04 -5.82
N GLU A 19 0.92 3.12 -5.42
CA GLU A 19 0.98 4.36 -6.19
C GLU A 19 0.90 4.12 -7.68
N TRP A 20 -0.28 4.36 -8.23
CA TRP A 20 -0.53 4.21 -9.66
C TRP A 20 0.02 5.38 -10.43
N ASP A 21 0.48 5.13 -11.64
CA ASP A 21 0.97 6.19 -12.53
C ASP A 21 0.37 6.07 -13.91
N SER A 22 1.02 6.70 -14.87
CA SER A 22 0.63 6.61 -16.28
C SER A 22 -0.56 7.48 -16.56
N THR A 23 -0.71 7.86 -17.83
CA THR A 23 -1.75 8.79 -18.25
C THR A 23 -3.10 8.14 -18.21
N THR A 24 -4.14 8.95 -18.05
CA THR A 24 -5.50 8.45 -17.91
C THR A 24 -6.03 7.95 -19.24
N LYS A 25 -6.49 6.70 -19.25
CA LYS A 25 -6.95 6.07 -20.48
C LYS A 25 -7.79 4.85 -20.17
N LYS A 26 -9.09 5.07 -20.01
CA LYS A 26 -10.00 4.01 -19.58
C LYS A 26 -9.93 2.82 -20.49
N ALA A 27 -9.19 1.80 -20.07
CA ALA A 27 -9.02 0.60 -20.87
C ALA A 27 -8.18 -0.43 -20.14
N SER A 28 -7.04 0.00 -19.64
CA SER A 28 -6.17 -0.87 -18.85
C SER A 28 -6.95 -1.55 -17.74
N ASN A 29 -6.49 -2.71 -17.31
CA ASN A 29 -7.23 -3.51 -16.35
C ASN A 29 -6.31 -4.17 -15.35
N ARG A 30 -6.89 -4.67 -14.28
CA ARG A 30 -6.17 -5.47 -13.29
C ARG A 30 -5.09 -4.64 -12.61
N SER A 31 -3.82 -4.88 -12.81
CA SER A 31 -2.70 -4.06 -12.34
C SER A 31 -2.29 -4.38 -10.91
N TRP A 32 -3.17 -5.02 -10.16
CA TRP A 32 -2.79 -5.52 -8.84
C TRP A 32 -1.71 -6.58 -8.98
N ASP A 33 -0.72 -6.58 -8.10
CA ASP A 33 0.41 -7.48 -8.23
C ASP A 33 0.66 -8.23 -6.94
N LYS A 34 0.85 -9.53 -7.06
CA LYS A 34 1.19 -10.38 -5.92
C LYS A 34 2.63 -10.20 -5.52
N VAL A 35 2.85 -9.47 -4.44
CA VAL A 35 4.20 -9.11 -4.00
C VAL A 35 4.34 -9.24 -2.50
N TYR A 36 5.56 -9.04 -2.03
CA TYR A 36 5.82 -8.96 -0.59
C TYR A 36 5.92 -7.51 -0.16
N MET A 37 4.76 -6.92 0.09
CA MET A 37 4.67 -5.49 0.40
C MET A 37 4.88 -5.26 1.88
N ALA A 38 5.92 -4.52 2.21
CA ALA A 38 6.18 -4.07 3.57
C ALA A 38 5.89 -2.59 3.71
N ALA A 39 4.65 -2.26 4.00
CA ALA A 39 4.22 -0.86 4.00
C ALA A 39 2.97 -0.66 4.81
N LYS A 40 2.46 0.55 4.81
CA LYS A 40 1.17 0.87 5.40
C LYS A 40 0.71 2.27 5.07
N ALA A 41 0.91 3.20 5.99
CA ALA A 41 0.36 4.55 5.90
C ALA A 41 1.24 5.52 6.66
N GLY A 42 2.54 5.27 6.56
CA GLY A 42 3.57 5.98 7.32
C GLY A 42 4.89 5.89 6.58
N ARG A 43 5.16 4.71 6.03
CA ARG A 43 6.27 4.47 5.14
C ARG A 43 6.04 3.21 4.33
N ILE A 44 6.20 3.30 3.02
CA ILE A 44 6.10 2.12 2.15
C ILE A 44 7.46 1.53 1.87
N SER A 45 7.49 0.22 1.75
CA SER A 45 8.70 -0.51 1.34
C SER A 45 8.30 -1.72 0.51
N PHE A 46 8.67 -1.76 -0.76
CA PHE A 46 8.20 -2.81 -1.65
C PHE A 46 9.25 -3.81 -2.07
N TYR A 47 8.86 -5.06 -2.15
CA TYR A 47 9.71 -6.12 -2.71
C TYR A 47 8.86 -7.31 -3.11
N LYS A 48 9.05 -7.82 -4.31
CA LYS A 48 8.29 -8.98 -4.79
C LYS A 48 8.81 -10.26 -4.15
N ASP A 49 10.12 -10.33 -4.04
CA ASP A 49 10.80 -11.41 -3.33
C ASP A 49 12.18 -10.97 -2.88
N GLN A 50 13.07 -11.93 -2.70
CA GLN A 50 14.47 -11.63 -2.42
C GLN A 50 15.28 -11.53 -3.69
N LYS A 51 14.83 -10.69 -4.59
CA LYS A 51 15.40 -10.56 -5.93
C LYS A 51 16.46 -9.49 -5.94
N GLY A 52 16.15 -8.28 -6.34
CA GLY A 52 17.11 -7.17 -6.17
C GLY A 52 17.47 -7.13 -4.69
N TYR A 53 16.47 -7.39 -3.87
CA TYR A 53 16.65 -7.55 -2.43
C TYR A 53 17.85 -8.41 -2.10
N LYS A 54 17.98 -9.56 -2.73
CA LYS A 54 19.19 -10.38 -2.57
C LYS A 54 20.42 -9.53 -2.82
N SER A 55 20.51 -9.01 -4.04
CA SER A 55 21.70 -8.27 -4.46
C SER A 55 21.79 -6.95 -3.74
N ASN A 56 20.95 -6.01 -4.15
CA ASN A 56 21.01 -4.64 -3.64
C ASN A 56 19.74 -4.26 -2.91
N PRO A 57 19.88 -3.74 -1.71
CA PRO A 57 18.75 -3.37 -0.75
C PRO A 57 17.93 -2.17 -1.15
N GLU A 58 18.50 -1.28 -1.94
CA GLU A 58 17.78 -0.15 -2.52
C GLU A 58 17.29 -0.45 -3.93
N LEU A 59 17.17 -1.72 -4.29
CA LEU A 59 16.73 -2.10 -5.63
C LEU A 59 16.06 -3.45 -5.62
N THR A 60 14.81 -3.49 -5.19
CA THR A 60 13.98 -4.69 -5.23
C THR A 60 13.40 -4.88 -6.62
N PHE A 61 12.35 -5.69 -6.74
CA PHE A 61 11.64 -5.78 -8.02
C PHE A 61 11.32 -4.37 -8.50
N ARG A 62 11.29 -4.09 -9.79
CA ARG A 62 11.17 -2.71 -10.26
C ARG A 62 10.00 -1.97 -9.66
N GLY A 63 9.09 -2.60 -8.97
CA GLY A 63 8.10 -1.88 -8.16
C GLY A 63 8.70 -1.78 -6.74
N GLU A 64 9.93 -1.31 -6.74
CA GLU A 64 10.80 -1.30 -5.55
C GLU A 64 10.58 -0.18 -4.55
N PRO A 65 10.12 0.97 -4.97
CA PRO A 65 9.94 2.29 -4.23
C PRO A 65 9.40 2.24 -2.81
N SER A 66 9.43 3.41 -2.18
CA SER A 66 9.05 3.61 -0.78
C SER A 66 8.31 4.91 -0.62
N TYR A 67 7.41 5.02 0.34
CA TYR A 67 6.55 6.20 0.45
C TYR A 67 6.21 6.53 1.89
N ASP A 68 6.89 7.51 2.44
CA ASP A 68 6.56 8.05 3.77
C ASP A 68 5.14 8.56 3.79
N LEU A 69 4.18 7.71 4.12
CA LEU A 69 2.77 8.06 3.99
C LEU A 69 2.06 8.40 5.28
N GLN A 70 2.69 8.94 6.31
CA GLN A 70 1.92 9.47 7.45
C GLN A 70 1.05 10.65 7.02
N ASN A 71 1.18 11.00 5.74
CA ASN A 71 0.36 11.94 5.00
C ASN A 71 -0.98 11.34 4.60
N ALA A 72 -0.90 10.32 3.77
CA ALA A 72 -2.06 9.70 3.11
C ALA A 72 -3.20 9.41 4.07
N ALA A 73 -4.38 9.23 3.49
CA ALA A 73 -5.61 9.03 4.26
C ALA A 73 -6.00 7.58 4.28
N ILE A 74 -7.24 7.32 4.66
CA ILE A 74 -7.73 5.96 4.87
C ILE A 74 -9.05 5.74 4.16
N GLU A 75 -9.23 4.59 3.54
CA GLU A 75 -10.53 4.24 2.95
C GLU A 75 -10.56 2.79 2.52
N ILE A 76 -11.74 2.33 2.15
CA ILE A 76 -11.94 1.02 1.56
C ILE A 76 -12.51 1.16 0.17
N ALA A 77 -12.08 0.30 -0.74
CA ALA A 77 -12.43 0.42 -2.15
C ALA A 77 -13.91 0.64 -2.35
N SER A 78 -14.26 1.71 -3.05
CA SER A 78 -15.65 1.99 -3.38
C SER A 78 -15.93 1.72 -4.83
N ASP A 79 -15.48 0.56 -5.29
CA ASP A 79 -15.66 0.16 -6.68
C ASP A 79 -15.06 -1.21 -6.93
N TYR A 80 -15.81 -2.24 -6.61
CA TYR A 80 -15.31 -3.61 -6.66
C TYR A 80 -16.36 -4.58 -7.13
N THR A 81 -15.89 -5.77 -7.51
CA THR A 81 -16.75 -6.90 -7.83
C THR A 81 -16.70 -7.92 -6.71
N LYS A 82 -15.48 -8.27 -6.34
CA LYS A 82 -15.18 -9.08 -5.17
C LYS A 82 -13.84 -8.69 -4.58
N LYS A 83 -13.44 -7.46 -4.82
CA LYS A 83 -12.28 -6.85 -4.18
C LYS A 83 -12.64 -6.12 -2.92
N LYS A 84 -13.90 -6.21 -2.51
CA LYS A 84 -14.37 -5.68 -1.22
C LYS A 84 -13.78 -6.34 0.02
N HIS A 85 -12.83 -7.23 -0.23
CA HIS A 85 -12.01 -7.84 0.80
C HIS A 85 -10.67 -7.15 0.85
N VAL A 86 -10.69 -5.85 0.58
CA VAL A 86 -9.49 -5.04 0.42
C VAL A 86 -9.56 -3.78 1.26
N LEU A 87 -8.47 -3.05 1.29
CA LEU A 87 -8.29 -1.89 2.16
C LEU A 87 -7.19 -1.00 1.64
N ARG A 88 -7.26 0.31 1.77
CA ARG A 88 -6.25 1.18 1.13
C ARG A 88 -6.13 2.53 1.81
N VAL A 89 -4.93 3.08 1.73
CA VAL A 89 -4.68 4.45 2.19
C VAL A 89 -4.47 5.37 1.01
N LYS A 90 -5.36 6.33 0.83
CA LYS A 90 -5.34 7.18 -0.36
C LYS A 90 -4.31 8.28 -0.23
N LEU A 91 -4.00 8.90 -1.36
CA LEU A 91 -3.06 10.02 -1.41
C LEU A 91 -3.70 11.22 -2.05
N ALA A 92 -3.04 12.37 -1.94
CA ALA A 92 -3.48 13.59 -2.63
C ALA A 92 -3.10 13.55 -4.08
N ASN A 93 -1.96 12.97 -4.37
CA ASN A 93 -1.42 12.94 -5.74
C ASN A 93 -2.34 12.18 -6.66
N GLY A 94 -3.09 11.24 -6.11
CA GLY A 94 -4.11 10.51 -6.87
C GLY A 94 -4.02 9.03 -6.60
N ALA A 95 -2.80 8.54 -6.48
CA ALA A 95 -2.53 7.10 -6.35
C ALA A 95 -2.90 6.62 -4.96
N LEU A 96 -2.74 5.33 -4.73
CA LEU A 96 -3.20 4.71 -3.48
C LEU A 96 -2.37 3.50 -3.13
N PHE A 97 -2.62 2.91 -1.97
CA PHE A 97 -1.98 1.66 -1.60
C PHE A 97 -2.99 0.68 -1.04
N LEU A 98 -3.54 -0.16 -1.90
CA LEU A 98 -4.55 -1.14 -1.52
C LEU A 98 -3.93 -2.33 -0.85
N LEU A 99 -4.72 -3.13 -0.15
CA LEU A 99 -4.24 -4.38 0.44
C LEU A 99 -5.19 -5.51 0.14
N GLN A 100 -4.79 -6.57 -0.55
CA GLN A 100 -5.64 -7.74 -0.71
C GLN A 100 -5.06 -8.97 -0.03
N ALA A 101 -4.90 -8.89 1.29
CA ALA A 101 -4.48 -10.04 2.08
C ALA A 101 -5.62 -10.98 2.33
N HIS A 102 -5.61 -12.09 1.62
CA HIS A 102 -6.73 -13.04 1.63
C HIS A 102 -6.58 -14.10 2.70
N ASP A 103 -6.08 -13.74 3.86
CA ASP A 103 -6.07 -14.66 5.00
C ASP A 103 -7.36 -14.57 5.78
N ASP A 104 -8.04 -13.45 5.67
CA ASP A 104 -9.23 -13.11 6.46
C ASP A 104 -8.81 -12.39 7.73
N THR A 105 -7.77 -12.91 8.37
CA THR A 105 -7.16 -12.22 9.50
C THR A 105 -6.43 -11.00 9.00
N GLU A 106 -5.59 -11.23 8.00
CA GLU A 106 -4.90 -10.17 7.27
C GLU A 106 -5.81 -9.00 6.93
N MET A 107 -7.01 -9.27 6.47
CA MET A 107 -7.86 -8.19 5.93
C MET A 107 -8.00 -7.07 6.93
N SER A 108 -8.53 -7.38 8.09
CA SER A 108 -8.62 -6.40 9.17
C SER A 108 -7.26 -5.99 9.66
N GLN A 109 -6.47 -6.94 10.14
CA GLN A 109 -5.15 -6.68 10.73
C GLN A 109 -4.32 -5.76 9.87
N TRP A 110 -4.56 -5.77 8.57
CA TRP A 110 -3.91 -4.83 7.66
C TRP A 110 -4.47 -3.44 7.86
N VAL A 111 -5.79 -3.34 7.72
CA VAL A 111 -6.48 -2.05 7.82
C VAL A 111 -6.22 -1.37 9.15
N THR A 112 -6.05 -2.20 10.18
CA THR A 112 -5.76 -1.74 11.53
C THR A 112 -4.33 -1.26 11.64
N SER A 113 -3.40 -1.94 10.98
CA SER A 113 -2.02 -1.45 10.89
C SER A 113 -1.97 -0.17 10.09
N LEU A 114 -2.83 -0.08 9.09
CA LEU A 114 -2.98 1.08 8.23
C LEU A 114 -3.60 2.24 8.99
N LYS A 115 -4.61 1.94 9.78
CA LYS A 115 -5.32 2.98 10.53
C LYS A 115 -4.40 3.65 11.51
N ALA A 116 -3.46 2.90 12.06
CA ALA A 116 -2.54 3.42 13.06
C ALA A 116 -1.47 4.27 12.43
N GLN A 117 -1.10 3.96 11.21
CA GLN A 117 -0.02 4.68 10.53
C GLN A 117 -0.56 5.85 9.75
N SER A 118 -1.50 5.57 8.87
CA SER A 118 -2.13 6.59 8.04
C SER A 118 -2.56 7.77 8.88
N ASP A 119 -2.69 8.96 8.34
CA ASP A 119 -3.29 10.08 9.06
C ASP A 119 -4.26 10.83 8.17
N SER A 120 -5.54 10.75 8.45
CA SER A 120 -6.57 11.31 7.59
C SER A 120 -7.30 12.47 8.25
N THR A 121 -7.55 13.50 7.46
CA THR A 121 -8.20 14.72 7.94
C THR A 121 -7.31 15.44 8.94
N ALA A 122 -7.33 16.76 8.86
CA ALA A 122 -6.44 17.60 9.65
C ALA A 122 -7.10 18.05 10.93
N GLY A 1 2.67 -4.82 22.42
CA GLY A 1 2.91 -4.29 23.76
C GLY A 1 4.38 -4.40 24.12
N SER A 2 4.89 -3.38 24.77
CA SER A 2 6.30 -3.31 25.16
C SER A 2 7.19 -3.62 23.98
N GLY A 3 7.30 -2.68 23.07
CA GLY A 3 8.21 -2.80 21.93
C GLY A 3 7.45 -3.20 20.69
N THR A 4 6.65 -2.28 20.18
CA THR A 4 5.94 -2.50 18.92
C THR A 4 6.42 -1.56 17.85
N GLY A 5 7.04 -2.10 16.83
CA GLY A 5 7.66 -1.30 15.78
C GLY A 5 6.68 -1.01 14.67
N ALA A 6 5.90 0.03 14.83
CA ALA A 6 5.00 0.50 13.78
C ALA A 6 5.70 1.45 12.84
N GLY A 7 6.35 2.44 13.41
CA GLY A 7 7.11 3.42 12.62
C GLY A 7 6.18 4.43 11.98
N GLU A 8 5.86 4.19 10.71
CA GLU A 8 5.09 5.14 9.92
C GLU A 8 3.77 4.54 9.47
N GLY A 9 3.37 4.73 8.24
CA GLY A 9 2.18 4.06 7.73
C GLY A 9 2.18 2.54 7.88
N HIS A 10 1.24 1.94 7.17
CA HIS A 10 0.94 0.51 7.26
C HIS A 10 1.42 -0.20 6.02
N GLU A 11 1.70 -1.49 6.07
CA GLU A 11 2.31 -2.18 4.93
C GLU A 11 1.67 -3.53 4.67
N GLY A 12 1.41 -3.79 3.40
CA GLY A 12 0.71 -5.01 3.00
C GLY A 12 0.93 -5.32 1.54
N TYR A 13 0.81 -6.59 1.20
CA TYR A 13 0.84 -7.05 -0.17
C TYR A 13 -0.56 -7.22 -0.71
N VAL A 14 -1.02 -6.27 -1.52
CA VAL A 14 -2.41 -6.27 -1.96
C VAL A 14 -2.60 -5.52 -3.26
N THR A 15 -3.86 -5.16 -3.51
CA THR A 15 -4.21 -4.34 -4.67
C THR A 15 -4.49 -2.91 -4.29
N ARG A 16 -3.53 -2.05 -4.54
CA ARG A 16 -3.67 -0.61 -4.35
C ARG A 16 -3.50 0.12 -5.66
N LYS A 17 -4.00 1.33 -5.78
CA LYS A 17 -3.77 2.16 -6.96
C LYS A 17 -3.01 3.42 -6.60
N HIS A 18 -1.72 3.25 -6.38
CA HIS A 18 -0.86 4.35 -5.93
C HIS A 18 -0.87 5.49 -6.92
N GLU A 19 -0.55 6.68 -6.44
CA GLU A 19 -0.54 7.95 -7.17
C GLU A 19 -0.74 7.82 -8.66
N TRP A 20 -1.85 8.31 -9.15
CA TRP A 20 -2.18 8.29 -10.58
C TRP A 20 -1.54 9.45 -11.29
N ASP A 21 -0.29 9.29 -11.71
CA ASP A 21 0.39 10.29 -12.53
C ASP A 21 1.69 9.75 -13.06
N SER A 22 2.16 10.35 -14.14
CA SER A 22 3.47 10.06 -14.71
C SER A 22 3.52 8.67 -15.33
N THR A 23 4.29 8.56 -16.40
CA THR A 23 4.42 7.31 -17.14
C THR A 23 3.06 6.73 -17.47
N THR A 24 2.24 7.52 -18.14
CA THR A 24 0.94 7.07 -18.60
C THR A 24 0.38 7.99 -19.66
N LYS A 25 0.00 7.42 -20.78
CA LYS A 25 -0.64 8.18 -21.86
C LYS A 25 -1.85 7.46 -22.40
N LYS A 26 -2.55 6.75 -21.53
CA LYS A 26 -3.79 6.08 -21.92
C LYS A 26 -3.59 5.18 -23.12
N ALA A 27 -2.69 4.23 -22.98
CA ALA A 27 -2.43 3.25 -24.05
C ALA A 27 -3.17 1.96 -23.79
N SER A 28 -2.74 1.23 -22.79
CA SER A 28 -3.40 0.00 -22.37
C SER A 28 -3.90 0.12 -20.95
N ASN A 29 -5.20 0.11 -20.77
CA ASN A 29 -5.81 0.20 -19.45
C ASN A 29 -5.38 -0.96 -18.58
N ARG A 30 -4.38 -0.73 -17.75
CA ARG A 30 -3.92 -1.73 -16.79
C ARG A 30 -4.64 -1.61 -15.47
N SER A 31 -4.90 -0.38 -15.07
CA SER A 31 -5.71 -0.12 -13.88
C SER A 31 -4.90 -0.32 -12.62
N TRP A 32 -5.53 -0.68 -11.52
CA TRP A 32 -4.83 -0.79 -10.23
C TRP A 32 -3.77 -1.85 -10.30
N ASP A 33 -2.76 -1.72 -9.45
CA ASP A 33 -1.60 -2.60 -9.46
C ASP A 33 -1.50 -3.39 -8.18
N LYS A 34 -0.81 -4.52 -8.23
CA LYS A 34 -0.52 -5.31 -7.05
C LYS A 34 0.89 -5.08 -6.58
N VAL A 35 1.06 -4.46 -5.42
CA VAL A 35 2.38 -4.06 -4.94
C VAL A 35 2.57 -4.37 -3.47
N TYR A 36 3.83 -4.30 -3.05
CA TYR A 36 4.21 -4.41 -1.65
C TYR A 36 4.52 -3.06 -1.07
N MET A 37 3.47 -2.39 -0.57
CA MET A 37 3.62 -1.00 -0.13
C MET A 37 3.83 -0.88 1.38
N ALA A 38 4.06 0.35 1.79
CA ALA A 38 4.42 0.68 3.16
C ALA A 38 4.13 2.14 3.44
N ALA A 39 2.85 2.47 3.41
CA ALA A 39 2.40 3.86 3.43
C ALA A 39 0.98 3.99 3.92
N LYS A 40 0.49 5.19 4.13
CA LYS A 40 -0.94 5.41 4.34
C LYS A 40 -1.31 6.87 4.26
N ALA A 41 -0.90 7.65 5.25
CA ALA A 41 -1.36 9.03 5.35
C ALA A 41 -0.45 9.89 6.20
N GLY A 42 0.84 9.69 6.08
CA GLY A 42 1.82 10.55 6.78
C GLY A 42 3.11 10.55 5.99
N ARG A 43 3.48 9.36 5.54
CA ARG A 43 4.61 9.18 4.64
C ARG A 43 4.49 7.87 3.89
N ILE A 44 4.77 7.86 2.61
CA ILE A 44 4.62 6.64 1.81
C ILE A 44 5.96 6.02 1.48
N SER A 45 5.96 4.72 1.27
CA SER A 45 7.11 3.97 0.79
C SER A 45 6.67 2.84 -0.11
N PHE A 46 7.05 2.86 -1.37
CA PHE A 46 6.51 1.89 -2.34
C PHE A 46 7.52 0.87 -2.84
N TYR A 47 7.09 -0.37 -3.02
CA TYR A 47 7.91 -1.39 -3.66
C TYR A 47 7.07 -2.53 -4.19
N LYS A 48 7.04 -2.76 -5.49
CA LYS A 48 6.23 -3.84 -6.06
C LYS A 48 6.58 -5.16 -5.42
N ASP A 49 7.87 -5.36 -5.21
CA ASP A 49 8.40 -6.51 -4.48
C ASP A 49 9.76 -6.17 -3.91
N GLN A 50 10.58 -7.17 -3.63
CA GLN A 50 11.96 -6.94 -3.23
C GLN A 50 12.82 -6.46 -4.38
N LYS A 51 12.37 -6.59 -5.60
CA LYS A 51 13.14 -6.30 -6.82
C LYS A 51 14.00 -5.06 -6.74
N GLY A 52 13.38 -3.90 -6.61
CA GLY A 52 14.11 -2.64 -6.56
C GLY A 52 15.00 -2.63 -5.32
N TYR A 53 14.36 -2.86 -4.19
CA TYR A 53 15.06 -3.05 -2.92
C TYR A 53 16.28 -3.93 -3.07
N LYS A 54 16.19 -4.88 -3.98
CA LYS A 54 17.26 -5.84 -4.24
C LYS A 54 18.50 -5.16 -4.76
N SER A 55 18.33 -4.39 -5.82
CA SER A 55 19.44 -3.61 -6.37
C SER A 55 19.84 -2.49 -5.44
N ASN A 56 18.94 -1.55 -5.23
CA ASN A 56 19.17 -0.43 -4.31
C ASN A 56 18.02 -0.28 -3.36
N PRO A 57 18.31 0.12 -2.14
CA PRO A 57 17.32 0.40 -1.01
C PRO A 57 16.48 1.66 -1.18
N GLU A 58 17.01 2.63 -1.89
CA GLU A 58 16.28 3.85 -2.20
C GLU A 58 15.55 3.75 -3.52
N LEU A 59 15.92 2.81 -4.37
CA LEU A 59 15.24 2.61 -5.65
C LEU A 59 14.58 1.24 -5.72
N THR A 60 13.30 1.21 -5.40
CA THR A 60 12.48 0.01 -5.53
C THR A 60 12.01 -0.15 -6.96
N PHE A 61 10.95 -0.89 -7.20
CA PHE A 61 10.36 -0.94 -8.54
C PHE A 61 10.09 0.47 -9.01
N ARG A 62 10.14 0.79 -10.29
CA ARG A 62 10.08 2.18 -10.74
C ARG A 62 8.89 2.94 -10.19
N GLY A 63 7.91 2.30 -9.60
CA GLY A 63 6.87 3.02 -8.83
C GLY A 63 7.39 3.03 -7.38
N GLU A 64 8.60 3.55 -7.27
CA GLU A 64 9.40 3.47 -6.04
C GLU A 64 9.18 4.53 -4.99
N PRO A 65 8.98 5.78 -5.33
CA PRO A 65 8.86 7.04 -4.46
C PRO A 65 8.36 6.91 -3.02
N SER A 66 8.59 7.99 -2.28
CA SER A 66 8.16 8.15 -0.89
C SER A 66 7.58 9.53 -0.66
N TYR A 67 6.50 9.62 0.08
CA TYR A 67 5.82 10.89 0.32
C TYR A 67 5.87 11.26 1.80
N ASP A 68 5.39 12.46 2.09
CA ASP A 68 5.17 12.96 3.44
C ASP A 68 3.76 13.48 3.54
N LEU A 69 2.81 12.55 3.46
CA LEU A 69 1.39 12.87 3.32
C LEU A 69 0.62 13.02 4.61
N GLN A 70 0.92 14.01 5.43
CA GLN A 70 0.10 14.37 6.58
C GLN A 70 -0.91 15.41 6.17
N ASN A 71 -1.21 15.44 4.89
CA ASN A 71 -2.01 16.46 4.22
C ASN A 71 -3.31 15.90 3.68
N ALA A 72 -3.27 14.67 3.20
CA ALA A 72 -4.39 14.04 2.51
C ALA A 72 -5.57 13.83 3.42
N ALA A 73 -6.73 13.61 2.79
CA ALA A 73 -7.96 13.26 3.47
C ALA A 73 -8.21 11.77 3.43
N ILE A 74 -9.44 11.36 3.69
CA ILE A 74 -9.77 9.95 3.79
C ILE A 74 -11.14 9.68 3.22
N GLU A 75 -11.32 8.51 2.61
CA GLU A 75 -12.62 8.16 2.01
C GLU A 75 -12.66 6.70 1.60
N ILE A 76 -13.84 6.27 1.19
CA ILE A 76 -14.09 4.90 0.77
C ILE A 76 -14.58 4.84 -0.66
N ALA A 77 -13.66 4.66 -1.60
CA ALA A 77 -13.99 4.59 -3.02
C ALA A 77 -14.88 5.74 -3.44
N SER A 78 -15.59 5.57 -4.54
CA SER A 78 -16.45 6.62 -5.08
C SER A 78 -17.09 6.18 -6.38
N ASP A 79 -16.28 5.61 -7.25
CA ASP A 79 -16.75 5.04 -8.51
C ASP A 79 -16.15 3.67 -8.73
N TYR A 80 -16.63 2.72 -7.94
CA TYR A 80 -16.07 1.36 -7.89
C TYR A 80 -16.80 0.39 -8.80
N THR A 81 -16.16 -0.74 -9.01
CA THR A 81 -16.71 -1.92 -9.70
C THR A 81 -16.12 -3.16 -9.08
N LYS A 82 -16.67 -3.56 -7.94
CA LYS A 82 -16.10 -4.59 -7.08
C LYS A 82 -14.87 -4.05 -6.37
N LYS A 83 -14.86 -2.74 -6.19
CA LYS A 83 -13.86 -1.99 -5.45
C LYS A 83 -14.47 -1.26 -4.27
N LYS A 84 -15.76 -1.46 -4.03
CA LYS A 84 -16.44 -0.92 -2.83
C LYS A 84 -16.03 -1.57 -1.50
N HIS A 85 -14.97 -2.35 -1.56
CA HIS A 85 -14.32 -2.91 -0.38
C HIS A 85 -12.95 -2.28 -0.21
N VAL A 86 -12.87 -1.01 -0.56
CA VAL A 86 -11.62 -0.28 -0.62
C VAL A 86 -11.62 0.96 0.25
N LEU A 87 -10.45 1.30 0.76
CA LEU A 87 -10.22 2.55 1.49
C LEU A 87 -9.33 3.47 0.68
N ARG A 88 -9.38 4.77 0.92
CA ARG A 88 -8.68 5.72 0.05
C ARG A 88 -8.37 7.04 0.71
N VAL A 89 -7.10 7.40 0.80
CA VAL A 89 -6.72 8.74 1.27
C VAL A 89 -6.29 9.58 0.10
N LYS A 90 -6.94 10.71 -0.09
CA LYS A 90 -6.74 11.55 -1.27
C LYS A 90 -5.87 12.75 -0.97
N LEU A 91 -5.03 13.08 -1.94
CA LEU A 91 -4.17 14.26 -1.88
C LEU A 91 -4.79 15.41 -2.64
N ALA A 92 -4.07 16.52 -2.69
CA ALA A 92 -4.49 17.69 -3.45
C ALA A 92 -3.63 17.89 -4.70
N ASN A 93 -2.55 17.16 -4.84
CA ASN A 93 -1.73 17.23 -6.06
C ASN A 93 -2.41 16.52 -7.21
N GLY A 94 -3.26 15.57 -6.91
CA GLY A 94 -4.05 14.89 -7.93
C GLY A 94 -4.09 13.41 -7.70
N ALA A 95 -2.95 12.84 -7.36
CA ALA A 95 -2.82 11.39 -7.20
C ALA A 95 -3.44 10.93 -5.90
N LEU A 96 -4.00 9.74 -5.92
CA LEU A 96 -4.70 9.20 -4.75
C LEU A 96 -4.22 7.81 -4.43
N PHE A 97 -4.63 7.31 -3.28
CA PHE A 97 -4.14 6.03 -2.77
C PHE A 97 -5.28 5.13 -2.35
N LEU A 98 -5.79 4.34 -3.27
CA LEU A 98 -6.83 3.35 -2.97
C LEU A 98 -6.21 2.12 -2.35
N LEU A 99 -7.00 1.40 -1.55
CA LEU A 99 -6.49 0.22 -0.88
C LEU A 99 -7.49 -0.92 -0.87
N GLN A 100 -7.19 -1.99 -1.60
CA GLN A 100 -7.96 -3.22 -1.55
C GLN A 100 -7.19 -4.27 -0.79
N ALA A 101 -7.39 -4.30 0.52
CA ALA A 101 -6.59 -5.12 1.42
C ALA A 101 -7.02 -6.57 1.43
N HIS A 102 -6.55 -7.29 2.43
CA HIS A 102 -6.73 -8.74 2.53
C HIS A 102 -8.07 -9.11 3.12
N ASP A 103 -8.17 -9.24 4.43
CA ASP A 103 -9.37 -9.76 5.07
C ASP A 103 -10.33 -8.64 5.41
N ASP A 104 -11.10 -8.81 6.46
CA ASP A 104 -11.93 -7.75 7.02
C ASP A 104 -11.23 -7.09 8.19
N THR A 105 -10.31 -7.82 8.82
CA THR A 105 -9.50 -7.25 9.89
C THR A 105 -8.57 -6.21 9.31
N GLU A 106 -7.64 -6.66 8.50
CA GLU A 106 -6.79 -5.76 7.72
C GLU A 106 -7.58 -4.64 7.08
N MET A 107 -8.77 -4.94 6.59
CA MET A 107 -9.51 -3.95 5.80
C MET A 107 -9.72 -2.69 6.61
N SER A 108 -10.11 -2.89 7.86
CA SER A 108 -10.39 -1.80 8.78
C SER A 108 -9.16 -1.41 9.59
N GLN A 109 -8.17 -2.26 9.66
CA GLN A 109 -6.90 -1.93 10.32
C GLN A 109 -6.10 -0.96 9.48
N TRP A 110 -6.27 -1.04 8.18
CA TRP A 110 -5.75 -0.12 7.19
C TRP A 110 -6.55 1.15 7.13
N VAL A 111 -7.85 1.05 7.35
CA VAL A 111 -8.70 2.25 7.41
C VAL A 111 -8.43 3.01 8.68
N THR A 112 -8.25 2.27 9.76
CA THR A 112 -7.85 2.83 11.05
C THR A 112 -6.42 3.31 11.02
N SER A 113 -5.51 2.50 10.47
CA SER A 113 -4.14 2.95 10.27
C SER A 113 -4.17 4.26 9.50
N LEU A 114 -4.77 4.18 8.32
CA LEU A 114 -4.80 5.30 7.38
C LEU A 114 -5.55 6.49 7.96
N LYS A 115 -6.53 6.23 8.81
CA LYS A 115 -7.29 7.29 9.44
C LYS A 115 -6.42 8.08 10.39
N ALA A 116 -5.57 7.39 11.14
CA ALA A 116 -4.75 8.02 12.16
C ALA A 116 -3.68 8.88 11.53
N GLN A 117 -2.96 8.31 10.57
CA GLN A 117 -1.89 9.02 9.89
C GLN A 117 -2.39 10.28 9.21
N SER A 118 -3.32 10.11 8.28
CA SER A 118 -3.82 11.19 7.45
C SER A 118 -4.20 12.39 8.29
N ASP A 119 -4.26 13.59 7.75
CA ASP A 119 -4.50 14.78 8.57
C ASP A 119 -5.93 14.85 9.06
N SER A 120 -6.86 14.72 8.15
CA SER A 120 -8.29 14.90 8.42
C SER A 120 -8.60 16.33 8.81
N THR A 121 -9.60 16.89 8.15
CA THR A 121 -10.01 18.27 8.38
C THR A 121 -11.48 18.36 8.70
N ALA A 122 -11.96 17.44 9.51
CA ALA A 122 -13.35 17.49 10.00
C ALA A 122 -14.32 17.30 8.86
N GLY A 1 15.54 -0.48 27.40
CA GLY A 1 14.77 0.39 26.52
C GLY A 1 15.09 0.10 25.07
N SER A 2 14.10 0.24 24.21
CA SER A 2 14.23 -0.11 22.79
C SER A 2 13.65 0.97 21.91
N GLY A 3 13.99 0.91 20.64
CA GLY A 3 13.53 1.90 19.67
C GLY A 3 12.31 1.42 18.93
N THR A 4 12.37 0.19 18.45
CA THR A 4 11.26 -0.41 17.71
C THR A 4 11.28 -1.91 17.84
N GLY A 5 10.41 -2.43 18.70
CA GLY A 5 10.31 -3.87 18.91
C GLY A 5 9.35 -4.50 17.93
N ALA A 6 8.08 -4.14 18.05
CA ALA A 6 7.05 -4.62 17.14
C ALA A 6 7.08 -3.86 15.83
N GLY A 7 7.33 -2.56 15.92
CA GLY A 7 7.50 -1.72 14.74
C GLY A 7 6.18 -1.14 14.30
N GLU A 8 6.09 -0.79 13.03
CA GLU A 8 4.93 -0.08 12.48
C GLU A 8 4.23 -0.93 11.44
N GLY A 9 3.38 -0.30 10.64
CA GLY A 9 2.47 -0.93 9.70
C GLY A 9 2.42 -2.43 9.61
N HIS A 10 2.45 -2.97 8.39
CA HIS A 10 2.34 -4.41 8.20
C HIS A 10 3.26 -4.89 7.09
N GLU A 11 3.23 -6.19 6.87
CA GLU A 11 4.13 -6.84 5.91
C GLU A 11 3.75 -8.29 5.72
N GLY A 12 3.50 -8.67 4.47
CA GLY A 12 3.24 -10.06 4.13
C GLY A 12 3.49 -10.31 2.66
N TYR A 13 2.69 -11.18 2.07
CA TYR A 13 2.73 -11.41 0.63
C TYR A 13 1.33 -11.57 0.07
N VAL A 14 0.84 -10.53 -0.56
CA VAL A 14 -0.54 -10.50 -1.03
C VAL A 14 -0.67 -9.72 -2.32
N THR A 15 -1.90 -9.35 -2.63
CA THR A 15 -2.18 -8.46 -3.75
C THR A 15 -2.36 -7.04 -3.28
N ARG A 16 -1.77 -6.10 -3.99
CA ARG A 16 -1.78 -4.70 -3.58
C ARG A 16 -1.61 -3.80 -4.78
N LYS A 17 -2.01 -2.54 -4.63
CA LYS A 17 -1.80 -1.53 -5.67
C LYS A 17 -1.50 -0.19 -5.04
N HIS A 18 -0.25 0.23 -5.11
CA HIS A 18 0.19 1.43 -4.40
C HIS A 18 0.40 2.60 -5.33
N GLU A 19 -0.54 2.80 -6.25
CA GLU A 19 -0.43 3.90 -7.21
C GLU A 19 -1.61 3.93 -8.16
N TRP A 20 -2.00 5.12 -8.56
CA TRP A 20 -3.01 5.33 -9.60
C TRP A 20 -3.14 6.81 -9.91
N ASP A 21 -2.03 7.41 -10.33
CA ASP A 21 -1.98 8.84 -10.60
C ASP A 21 -1.41 9.11 -11.97
N SER A 22 -1.98 10.09 -12.65
CA SER A 22 -1.47 10.57 -13.93
C SER A 22 -1.34 9.43 -14.91
N THR A 23 -0.57 9.66 -15.96
CA THR A 23 -0.24 8.61 -16.93
C THR A 23 0.83 7.70 -16.39
N THR A 24 0.50 6.42 -16.29
CA THR A 24 1.41 5.43 -15.70
C THR A 24 2.37 4.89 -16.73
N LYS A 25 3.65 4.89 -16.40
CA LYS A 25 4.68 4.34 -17.27
C LYS A 25 5.03 2.92 -16.86
N LYS A 26 6.16 2.45 -17.36
CA LYS A 26 6.69 1.13 -16.98
C LYS A 26 5.87 0.03 -17.61
N ALA A 27 6.56 -0.99 -18.08
CA ALA A 27 5.91 -2.14 -18.73
C ALA A 27 5.96 -3.35 -17.83
N SER A 28 5.71 -3.14 -16.55
CA SER A 28 5.69 -4.24 -15.58
C SER A 28 4.30 -4.42 -15.01
N ASN A 29 3.80 -5.63 -15.10
CA ASN A 29 2.45 -5.94 -14.61
C ASN A 29 1.44 -5.01 -15.23
N ARG A 30 0.22 -5.03 -14.73
CA ARG A 30 -0.88 -4.26 -15.32
C ARG A 30 -1.85 -3.80 -14.26
N SER A 31 -2.37 -4.76 -13.50
CA SER A 31 -3.33 -4.46 -12.43
C SER A 31 -2.64 -4.46 -11.09
N TRP A 32 -3.34 -4.81 -10.03
CA TRP A 32 -2.72 -4.94 -8.71
C TRP A 32 -1.67 -6.01 -8.73
N ASP A 33 -0.50 -5.75 -8.18
CA ASP A 33 0.63 -6.67 -8.28
C ASP A 33 0.77 -7.52 -7.04
N LYS A 34 1.01 -8.81 -7.26
CA LYS A 34 1.30 -9.74 -6.17
C LYS A 34 2.77 -9.71 -5.83
N VAL A 35 3.09 -9.45 -4.57
CA VAL A 35 4.49 -9.25 -4.17
C VAL A 35 4.68 -9.46 -2.68
N TYR A 36 5.93 -9.35 -2.25
CA TYR A 36 6.27 -9.37 -0.84
C TYR A 36 6.36 -7.96 -0.29
N MET A 37 5.24 -7.46 0.19
CA MET A 37 5.13 -6.07 0.62
C MET A 37 5.64 -5.87 2.02
N ALA A 38 6.24 -4.72 2.24
CA ALA A 38 6.64 -4.25 3.57
C ALA A 38 6.35 -2.78 3.68
N ALA A 39 5.07 -2.47 3.86
CA ALA A 39 4.57 -1.10 3.79
C ALA A 39 3.32 -0.92 4.60
N LYS A 40 2.80 0.31 4.56
CA LYS A 40 1.52 0.65 5.17
C LYS A 40 1.08 2.04 4.78
N ALA A 41 0.08 2.54 5.48
CA ALA A 41 -0.35 3.93 5.34
C ALA A 41 0.78 4.89 5.66
N GLY A 42 1.62 4.46 6.59
CA GLY A 42 2.78 5.24 7.02
C GLY A 42 3.81 5.33 5.92
N ARG A 43 4.65 4.32 5.82
CA ARG A 43 5.80 4.36 4.91
C ARG A 43 5.95 3.07 4.16
N ILE A 44 6.24 3.12 2.87
CA ILE A 44 6.25 1.91 2.04
C ILE A 44 7.64 1.33 1.91
N SER A 45 7.67 0.03 1.68
CA SER A 45 8.89 -0.72 1.36
C SER A 45 8.54 -1.97 0.58
N PHE A 46 8.86 -1.96 -0.69
CA PHE A 46 8.44 -3.00 -1.63
C PHE A 46 9.52 -3.97 -2.05
N TYR A 47 9.14 -5.22 -2.24
CA TYR A 47 10.01 -6.23 -2.84
C TYR A 47 9.20 -7.38 -3.37
N LYS A 48 9.61 -7.95 -4.49
CA LYS A 48 8.97 -9.16 -5.00
C LYS A 48 9.23 -10.32 -4.07
N ASP A 49 10.48 -10.75 -4.05
CA ASP A 49 10.98 -11.75 -3.11
C ASP A 49 12.36 -11.37 -2.62
N GLN A 50 13.22 -12.35 -2.39
CA GLN A 50 14.62 -12.07 -2.07
C GLN A 50 15.45 -11.99 -3.34
N LYS A 51 15.10 -11.08 -4.22
CA LYS A 51 15.69 -11.01 -5.57
C LYS A 51 16.64 -9.84 -5.70
N GLY A 52 16.13 -8.63 -5.61
CA GLY A 52 17.02 -7.44 -5.58
C GLY A 52 17.80 -7.57 -4.25
N TYR A 53 17.04 -7.98 -3.25
CA TYR A 53 17.61 -8.34 -1.95
C TYR A 53 18.76 -9.31 -2.14
N LYS A 54 18.58 -10.31 -3.00
CA LYS A 54 19.66 -11.22 -3.39
C LYS A 54 20.92 -10.44 -3.67
N SER A 55 20.85 -9.52 -4.61
CA SER A 55 21.97 -8.62 -4.90
C SER A 55 22.15 -7.60 -3.82
N ASN A 56 21.45 -6.48 -3.94
CA ASN A 56 21.63 -5.36 -3.03
C ASN A 56 20.47 -5.22 -2.08
N PRO A 57 20.76 -4.96 -0.81
CA PRO A 57 19.77 -4.88 0.35
C PRO A 57 18.79 -3.73 0.32
N GLU A 58 18.92 -2.81 -0.61
CA GLU A 58 17.99 -1.68 -0.73
C GLU A 58 17.28 -1.70 -2.08
N LEU A 59 17.97 -2.16 -3.11
CA LEU A 59 17.39 -2.27 -4.44
C LEU A 59 16.85 -3.67 -4.67
N THR A 60 15.53 -3.80 -4.76
CA THR A 60 14.91 -5.13 -4.84
C THR A 60 14.53 -5.47 -6.26
N PHE A 61 13.27 -5.43 -6.64
CA PHE A 61 12.84 -5.92 -7.95
C PHE A 61 12.56 -4.81 -8.94
N ARG A 62 13.02 -3.61 -8.68
CA ARG A 62 12.60 -2.44 -9.47
C ARG A 62 11.10 -2.34 -9.40
N GLY A 63 10.63 -1.48 -8.53
CA GLY A 63 9.31 -1.34 -7.93
C GLY A 63 9.59 -1.27 -6.38
N GLU A 64 10.74 -1.79 -6.01
CA GLU A 64 11.45 -1.72 -4.75
C GLU A 64 11.11 -0.52 -3.88
N PRO A 65 11.01 0.67 -4.41
CA PRO A 65 10.57 2.01 -3.80
C PRO A 65 9.78 2.01 -2.50
N SER A 66 9.82 3.16 -1.84
CA SER A 66 9.27 3.36 -0.50
C SER A 66 8.32 4.53 -0.46
N TYR A 67 7.89 4.94 0.73
CA TYR A 67 7.09 6.15 0.88
C TYR A 67 7.13 6.67 2.30
N ASP A 68 6.77 7.94 2.44
CA ASP A 68 6.59 8.58 3.74
C ASP A 68 5.27 9.32 3.76
N LEU A 69 4.37 8.98 4.66
CA LEU A 69 3.01 9.52 4.61
C LEU A 69 2.25 9.33 5.90
N GLN A 70 2.57 10.07 6.95
CA GLN A 70 1.74 10.16 8.15
C GLN A 70 0.74 11.28 7.96
N ASN A 71 0.03 11.11 6.84
CA ASN A 71 -0.86 12.11 6.26
C ASN A 71 -2.11 11.50 5.68
N ALA A 72 -1.90 10.50 4.83
CA ALA A 72 -2.97 9.88 4.05
C ALA A 72 -4.14 9.48 4.94
N ALA A 73 -5.26 9.21 4.29
CA ALA A 73 -6.48 8.74 4.96
C ALA A 73 -6.71 7.27 4.73
N ILE A 74 -7.85 6.77 5.15
CA ILE A 74 -8.18 5.36 5.01
C ILE A 74 -9.62 5.16 4.59
N GLU A 75 -9.86 4.11 3.82
CA GLU A 75 -11.19 3.71 3.43
C GLU A 75 -11.25 2.23 3.12
N ILE A 76 -12.44 1.73 2.86
CA ILE A 76 -12.62 0.33 2.46
C ILE A 76 -13.29 0.25 1.11
N ALA A 77 -12.50 0.05 0.08
CA ALA A 77 -13.01 -0.19 -1.27
C ALA A 77 -13.94 0.92 -1.70
N SER A 78 -14.76 0.64 -2.70
CA SER A 78 -15.61 1.65 -3.33
C SER A 78 -16.25 1.10 -4.59
N ASP A 79 -15.40 0.65 -5.50
CA ASP A 79 -15.84 -0.04 -6.72
C ASP A 79 -15.11 -1.36 -6.86
N TYR A 80 -15.45 -2.30 -5.98
CA TYR A 80 -14.73 -3.56 -5.88
C TYR A 80 -15.01 -4.50 -7.03
N THR A 81 -16.14 -5.18 -6.96
CA THR A 81 -16.48 -6.24 -7.90
C THR A 81 -15.67 -7.49 -7.60
N LYS A 82 -16.00 -8.10 -6.47
CA LYS A 82 -15.26 -9.22 -5.90
C LYS A 82 -13.93 -8.77 -5.33
N LYS A 83 -13.70 -7.48 -5.26
CA LYS A 83 -12.55 -6.88 -4.57
C LYS A 83 -12.97 -6.33 -3.22
N LYS A 84 -14.23 -6.52 -2.84
CA LYS A 84 -14.74 -6.10 -1.52
C LYS A 84 -14.12 -6.79 -0.31
N HIS A 85 -13.11 -7.58 -0.57
CA HIS A 85 -12.27 -8.20 0.44
C HIS A 85 -10.94 -7.47 0.49
N VAL A 86 -11.05 -6.14 0.49
CA VAL A 86 -9.88 -5.26 0.37
C VAL A 86 -9.95 -4.09 1.33
N LEU A 87 -8.85 -3.37 1.43
CA LEU A 87 -8.76 -2.11 2.17
C LEU A 87 -8.08 -1.04 1.35
N ARG A 88 -7.98 0.16 1.90
CA ARG A 88 -7.47 1.30 1.13
C ARG A 88 -6.95 2.40 2.03
N VAL A 89 -5.90 3.07 1.60
CA VAL A 89 -5.40 4.27 2.25
C VAL A 89 -5.06 5.32 1.22
N LYS A 90 -5.96 6.28 1.07
CA LYS A 90 -5.86 7.30 0.01
C LYS A 90 -4.88 8.38 0.40
N LEU A 91 -3.89 8.58 -0.45
CA LEU A 91 -2.78 9.49 -0.16
C LEU A 91 -3.16 10.92 -0.49
N ALA A 92 -2.28 11.83 -0.14
CA ALA A 92 -2.42 13.24 -0.51
C ALA A 92 -1.78 13.50 -1.86
N ASN A 93 -0.75 12.72 -2.17
CA ASN A 93 -0.10 12.77 -3.47
C ASN A 93 -0.97 12.13 -4.55
N GLY A 94 -1.83 11.22 -4.16
CA GLY A 94 -2.77 10.61 -5.11
C GLY A 94 -2.68 9.10 -5.08
N ALA A 95 -1.47 8.59 -5.17
CA ALA A 95 -1.25 7.15 -5.23
C ALA A 95 -1.70 6.47 -3.96
N LEU A 96 -2.89 5.90 -4.00
CA LEU A 96 -3.46 5.18 -2.86
C LEU A 96 -2.96 3.76 -2.79
N PHE A 97 -2.85 3.21 -1.60
CA PHE A 97 -2.44 1.82 -1.42
C PHE A 97 -3.60 0.96 -0.99
N LEU A 98 -4.27 0.31 -1.92
CA LEU A 98 -5.32 -0.66 -1.59
C LEU A 98 -4.71 -2.00 -1.26
N LEU A 99 -5.39 -2.84 -0.50
CA LEU A 99 -4.79 -4.09 -0.02
C LEU A 99 -5.72 -5.27 -0.17
N GLN A 100 -5.38 -6.26 -0.96
CA GLN A 100 -6.14 -7.50 -1.01
C GLN A 100 -5.34 -8.63 -0.40
N ALA A 101 -5.57 -8.87 0.88
CA ALA A 101 -4.77 -9.81 1.66
C ALA A 101 -5.17 -11.25 1.43
N HIS A 102 -4.67 -12.12 2.29
CA HIS A 102 -4.83 -13.56 2.15
C HIS A 102 -6.08 -14.05 2.83
N ASP A 103 -6.11 -14.00 4.15
CA ASP A 103 -7.19 -14.61 4.91
C ASP A 103 -8.35 -13.65 5.12
N ASP A 104 -8.20 -12.79 6.12
CA ASP A 104 -9.23 -11.89 6.60
C ASP A 104 -8.91 -11.39 7.98
N THR A 105 -8.10 -12.12 8.71
CA THR A 105 -7.60 -11.66 10.01
C THR A 105 -6.40 -10.76 9.83
N GLU A 106 -5.64 -11.02 8.78
CA GLU A 106 -4.52 -10.16 8.36
C GLU A 106 -5.02 -9.10 7.41
N MET A 107 -6.08 -9.42 6.68
CA MET A 107 -6.70 -8.46 5.77
C MET A 107 -7.17 -7.24 6.52
N SER A 108 -7.96 -7.49 7.56
CA SER A 108 -8.42 -6.42 8.44
C SER A 108 -7.26 -5.80 9.19
N GLN A 109 -6.38 -6.62 9.74
CA GLN A 109 -5.24 -6.11 10.50
C GLN A 109 -4.33 -5.29 9.62
N TRP A 110 -4.30 -5.53 8.32
CA TRP A 110 -3.59 -4.64 7.39
C TRP A 110 -4.22 -3.27 7.47
N VAL A 111 -5.54 -3.23 7.39
CA VAL A 111 -6.27 -1.96 7.47
C VAL A 111 -6.07 -1.31 8.80
N THR A 112 -6.04 -2.13 9.85
CA THR A 112 -5.90 -1.65 11.22
C THR A 112 -4.58 -0.95 11.42
N SER A 113 -3.53 -1.59 10.94
CA SER A 113 -2.19 -1.00 10.92
C SER A 113 -2.20 0.27 10.07
N LEU A 114 -2.63 0.10 8.84
CA LEU A 114 -2.86 1.20 7.89
C LEU A 114 -3.69 2.30 8.50
N LYS A 115 -4.50 1.99 9.49
CA LYS A 115 -5.32 2.99 10.16
C LYS A 115 -4.48 3.90 11.03
N ALA A 116 -3.88 3.33 12.06
CA ALA A 116 -3.02 4.10 12.96
C ALA A 116 -1.87 4.73 12.22
N GLN A 117 -1.52 4.17 11.08
CA GLN A 117 -0.39 4.63 10.27
C GLN A 117 -0.68 5.94 9.57
N SER A 118 -1.52 5.88 8.56
CA SER A 118 -1.81 6.98 7.65
C SER A 118 -1.96 8.30 8.37
N ASP A 119 -3.09 8.52 9.01
CA ASP A 119 -3.40 9.82 9.60
C ASP A 119 -2.90 9.91 11.03
N SER A 120 -1.87 10.70 11.24
CA SER A 120 -1.37 11.02 12.56
C SER A 120 -1.10 9.76 13.37
N THR A 121 -1.01 9.91 14.67
CA THR A 121 -0.91 8.78 15.59
C THR A 121 -1.58 9.11 16.91
N ALA A 122 -1.58 8.13 17.80
CA ALA A 122 -2.23 8.25 19.10
C ALA A 122 -3.73 8.34 18.95
N GLY A 1 18.03 -8.46 14.89
CA GLY A 1 17.88 -9.89 15.12
C GLY A 1 16.88 -10.49 14.15
N SER A 2 15.93 -11.22 14.69
CA SER A 2 14.97 -11.97 13.88
C SER A 2 13.61 -11.31 13.89
N GLY A 3 13.32 -10.60 14.96
CA GLY A 3 12.08 -9.82 15.05
C GLY A 3 11.77 -9.45 16.47
N THR A 4 12.05 -8.21 16.83
CA THR A 4 11.86 -7.73 18.19
C THR A 4 11.14 -6.40 18.21
N GLY A 5 9.84 -6.44 17.98
CA GLY A 5 9.04 -5.22 17.84
C GLY A 5 9.42 -4.47 16.59
N ALA A 6 9.68 -5.20 15.52
CA ALA A 6 10.13 -4.61 14.26
C ALA A 6 8.94 -4.16 13.43
N GLY A 7 9.22 -3.42 12.39
CA GLY A 7 8.20 -3.04 11.41
C GLY A 7 7.34 -1.91 11.96
N GLU A 8 6.13 -1.79 11.43
CA GLU A 8 5.26 -0.67 11.75
C GLU A 8 3.85 -0.94 11.28
N GLY A 9 3.61 -0.63 10.01
CA GLY A 9 2.35 -0.94 9.34
C GLY A 9 2.15 -2.44 9.26
N HIS A 10 2.37 -2.98 8.06
CA HIS A 10 2.32 -4.42 7.89
C HIS A 10 3.04 -4.85 6.64
N GLU A 11 3.30 -6.15 6.52
CA GLU A 11 3.85 -6.71 5.29
C GLU A 11 3.48 -8.17 5.14
N GLY A 12 3.11 -8.55 3.92
CA GLY A 12 2.87 -9.95 3.60
C GLY A 12 2.94 -10.20 2.12
N TYR A 13 2.97 -11.47 1.75
CA TYR A 13 2.88 -11.87 0.35
C TYR A 13 1.43 -11.91 -0.09
N VAL A 14 0.99 -10.83 -0.72
CA VAL A 14 -0.42 -10.66 -1.04
C VAL A 14 -0.65 -10.16 -2.45
N THR A 15 -1.88 -9.73 -2.70
CA THR A 15 -2.24 -9.07 -3.94
C THR A 15 -2.50 -7.59 -3.70
N ARG A 16 -1.43 -6.83 -3.63
CA ARG A 16 -1.48 -5.42 -3.27
C ARG A 16 -1.22 -4.55 -4.48
N LYS A 17 -1.72 -3.33 -4.47
CA LYS A 17 -1.41 -2.36 -5.50
C LYS A 17 -0.51 -1.27 -4.96
N HIS A 18 -0.50 -0.12 -5.59
CA HIS A 18 0.27 1.03 -5.08
C HIS A 18 -0.05 2.29 -5.84
N GLU A 19 0.51 3.39 -5.36
CA GLU A 19 0.48 4.72 -5.98
C GLU A 19 -0.08 4.74 -7.38
N TRP A 20 -1.37 5.03 -7.48
CA TRP A 20 -2.04 5.22 -8.76
C TRP A 20 -2.14 6.70 -9.08
N ASP A 21 -1.04 7.27 -9.55
CA ASP A 21 -0.99 8.70 -9.87
C ASP A 21 0.07 8.96 -10.91
N SER A 22 -0.36 9.21 -12.14
CA SER A 22 0.55 9.54 -13.22
C SER A 22 1.49 8.39 -13.52
N THR A 23 2.53 8.66 -14.28
CA THR A 23 3.47 7.64 -14.70
C THR A 23 2.75 6.45 -15.29
N THR A 24 2.37 6.57 -16.55
CA THR A 24 1.56 5.55 -17.21
C THR A 24 1.84 5.50 -18.69
N LYS A 25 2.03 6.66 -19.29
CA LYS A 25 2.46 6.77 -20.68
C LYS A 25 1.38 6.25 -21.62
N LYS A 26 0.69 7.19 -22.25
CA LYS A 26 -0.39 6.88 -23.19
C LYS A 26 -1.36 5.88 -22.61
N ALA A 27 -1.50 5.88 -21.29
CA ALA A 27 -2.46 5.00 -20.62
C ALA A 27 -2.12 3.55 -20.87
N SER A 28 -1.13 3.05 -20.15
CA SER A 28 -0.75 1.64 -20.23
C SER A 28 -1.63 0.80 -19.31
N ASN A 29 -1.20 -0.42 -19.07
CA ASN A 29 -1.91 -1.32 -18.16
C ASN A 29 -0.96 -1.95 -17.18
N ARG A 30 -1.48 -2.38 -16.04
CA ARG A 30 -0.69 -3.06 -15.03
C ARG A 30 -1.56 -3.66 -13.96
N SER A 31 -2.52 -2.88 -13.47
CA SER A 31 -3.50 -3.38 -12.51
C SER A 31 -2.82 -3.93 -11.28
N TRP A 32 -3.56 -4.67 -10.47
CA TRP A 32 -3.04 -5.14 -9.18
C TRP A 32 -1.95 -6.15 -9.39
N ASP A 33 -1.07 -6.31 -8.42
CA ASP A 33 0.11 -7.17 -8.58
C ASP A 33 0.41 -7.98 -7.34
N LYS A 34 0.84 -9.21 -7.55
CA LYS A 34 1.32 -10.07 -6.46
C LYS A 34 2.74 -9.69 -6.09
N VAL A 35 3.03 -9.59 -4.80
CA VAL A 35 4.31 -9.08 -4.35
C VAL A 35 4.52 -9.31 -2.86
N TYR A 36 5.75 -9.17 -2.41
CA TYR A 36 6.05 -9.16 -0.99
C TYR A 36 6.18 -7.71 -0.55
N MET A 37 5.02 -7.14 -0.23
CA MET A 37 4.85 -5.72 0.04
C MET A 37 4.97 -5.40 1.51
N ALA A 38 6.00 -4.65 1.86
CA ALA A 38 6.14 -4.13 3.21
C ALA A 38 5.85 -2.65 3.24
N ALA A 39 4.56 -2.34 3.37
CA ALA A 39 4.07 -0.97 3.26
C ALA A 39 2.89 -0.75 4.19
N LYS A 40 2.39 0.46 4.15
CA LYS A 40 1.35 0.91 5.08
C LYS A 40 0.78 2.25 4.68
N ALA A 41 -0.10 2.74 5.54
CA ALA A 41 -0.66 4.08 5.43
C ALA A 41 0.36 5.14 5.78
N GLY A 42 1.48 4.75 6.36
CA GLY A 42 2.47 5.67 6.91
C GLY A 42 3.80 5.59 6.21
N ARG A 43 4.06 4.56 5.44
CA ARG A 43 5.25 4.53 4.59
C ARG A 43 5.08 3.54 3.46
N ILE A 44 6.17 3.25 2.78
CA ILE A 44 6.23 2.20 1.76
C ILE A 44 7.61 1.58 1.74
N SER A 45 7.65 0.27 1.54
CA SER A 45 8.88 -0.47 1.32
C SER A 45 8.58 -1.72 0.52
N PHE A 46 8.86 -1.66 -0.77
CA PHE A 46 8.44 -2.69 -1.71
C PHE A 46 9.53 -3.66 -2.11
N TYR A 47 9.16 -4.92 -2.24
CA TYR A 47 10.03 -5.95 -2.79
C TYR A 47 9.21 -7.10 -3.34
N LYS A 48 9.03 -7.16 -4.64
CA LYS A 48 8.18 -8.19 -5.25
C LYS A 48 8.59 -9.57 -4.77
N ASP A 49 9.87 -9.70 -4.49
CA ASP A 49 10.45 -10.88 -3.86
C ASP A 49 11.78 -10.54 -3.23
N GLN A 50 12.53 -11.56 -2.83
CA GLN A 50 13.88 -11.37 -2.32
C GLN A 50 14.79 -10.74 -3.37
N LYS A 51 14.52 -10.96 -4.64
CA LYS A 51 15.34 -10.62 -5.81
C LYS A 51 16.48 -9.65 -5.58
N GLY A 52 16.15 -8.42 -5.24
CA GLY A 52 17.16 -7.33 -5.15
C GLY A 52 17.71 -7.40 -3.73
N TYR A 53 16.78 -7.58 -2.81
CA TYR A 53 17.10 -7.87 -1.41
C TYR A 53 18.03 -9.07 -1.32
N LYS A 54 18.12 -9.87 -2.37
CA LYS A 54 18.95 -11.06 -2.45
C LYS A 54 20.36 -10.72 -2.82
N SER A 55 20.51 -10.00 -3.93
CA SER A 55 21.82 -9.60 -4.41
C SER A 55 22.22 -8.26 -3.83
N ASN A 56 21.57 -7.20 -4.29
CA ASN A 56 21.93 -5.83 -3.95
C ASN A 56 20.84 -5.18 -3.13
N PRO A 57 21.06 -5.00 -1.85
CA PRO A 57 20.06 -4.48 -0.82
C PRO A 57 19.64 -3.03 -0.98
N GLU A 58 20.02 -2.37 -2.06
CA GLU A 58 19.52 -1.02 -2.36
C GLU A 58 18.57 -1.02 -3.53
N LEU A 59 18.15 -2.17 -4.02
CA LEU A 59 17.34 -2.25 -5.23
C LEU A 59 16.62 -3.57 -5.31
N THR A 60 15.35 -3.63 -4.94
CA THR A 60 14.63 -4.90 -4.84
C THR A 60 14.17 -5.35 -6.22
N PHE A 61 12.89 -5.36 -6.53
CA PHE A 61 12.43 -5.83 -7.85
C PHE A 61 12.44 -4.73 -8.89
N ARG A 62 13.03 -3.59 -8.60
CA ARG A 62 12.99 -2.36 -9.41
C ARG A 62 11.70 -1.62 -9.17
N GLY A 63 10.63 -2.27 -8.78
CA GLY A 63 9.40 -1.59 -8.26
C GLY A 63 9.64 -1.57 -6.72
N GLU A 64 10.82 -1.10 -6.40
CA GLU A 64 11.38 -1.18 -5.05
C GLU A 64 11.03 -0.06 -4.10
N PRO A 65 10.70 1.13 -4.56
CA PRO A 65 10.44 2.45 -3.84
C PRO A 65 9.83 2.43 -2.44
N SER A 66 9.83 3.62 -1.83
CA SER A 66 9.42 3.82 -0.45
C SER A 66 8.70 5.15 -0.27
N TYR A 67 7.90 5.28 0.77
CA TYR A 67 7.06 6.47 0.97
C TYR A 67 7.09 6.93 2.42
N ASP A 68 6.81 8.20 2.61
CA ASP A 68 6.63 8.81 3.93
C ASP A 68 5.32 9.55 3.97
N LEU A 69 4.28 8.85 4.36
CA LEU A 69 2.90 9.33 4.29
C LEU A 69 2.19 9.44 5.62
N GLN A 70 2.67 10.20 6.58
CA GLN A 70 1.88 10.51 7.79
C GLN A 70 0.99 11.70 7.46
N ASN A 71 -0.05 11.37 6.71
CA ASN A 71 -0.91 12.34 6.05
C ASN A 71 -2.15 11.70 5.46
N ALA A 72 -1.94 10.60 4.77
CA ALA A 72 -2.97 9.93 4.00
C ALA A 72 -4.15 9.53 4.86
N ALA A 73 -5.11 8.85 4.25
CA ALA A 73 -6.37 8.51 4.89
C ALA A 73 -6.65 7.03 4.78
N ILE A 74 -7.84 6.62 5.19
CA ILE A 74 -8.22 5.20 5.15
C ILE A 74 -9.65 5.04 4.68
N GLU A 75 -9.85 4.08 3.79
CA GLU A 75 -11.19 3.70 3.35
C GLU A 75 -11.16 2.34 2.67
N ILE A 76 -12.28 1.64 2.73
CA ILE A 76 -12.41 0.34 2.06
C ILE A 76 -13.23 0.46 0.80
N ALA A 77 -13.10 -0.53 -0.07
CA ALA A 77 -13.75 -0.51 -1.37
C ALA A 77 -15.23 -0.26 -1.23
N SER A 78 -15.95 -1.27 -0.81
CA SER A 78 -17.41 -1.20 -0.69
C SER A 78 -18.04 -0.89 -2.03
N ASP A 79 -17.66 -1.62 -3.05
CA ASP A 79 -18.11 -1.35 -4.42
C ASP A 79 -17.84 -2.53 -5.32
N TYR A 80 -16.62 -3.05 -5.26
CA TYR A 80 -16.19 -4.10 -6.18
C TYR A 80 -16.60 -5.47 -5.69
N THR A 81 -16.65 -6.41 -6.60
CA THR A 81 -16.96 -7.81 -6.28
C THR A 81 -15.71 -8.66 -6.33
N LYS A 82 -15.46 -9.39 -5.24
CA LYS A 82 -14.26 -10.17 -5.01
C LYS A 82 -13.16 -9.30 -4.41
N LYS A 83 -13.08 -8.04 -4.80
CA LYS A 83 -12.19 -7.07 -4.17
C LYS A 83 -12.85 -6.41 -2.97
N LYS A 84 -14.07 -6.80 -2.65
CA LYS A 84 -14.83 -6.25 -1.50
C LYS A 84 -14.34 -6.67 -0.12
N HIS A 85 -13.17 -7.28 -0.10
CA HIS A 85 -12.49 -7.59 1.15
C HIS A 85 -11.10 -6.97 1.14
N VAL A 86 -11.05 -5.75 0.63
CA VAL A 86 -9.81 -5.03 0.39
C VAL A 86 -9.81 -3.70 1.11
N LEU A 87 -8.65 -3.29 1.61
CA LEU A 87 -8.50 -1.98 2.24
C LEU A 87 -7.60 -1.09 1.42
N ARG A 88 -7.61 0.20 1.71
CA ARG A 88 -6.90 1.19 0.92
C ARG A 88 -6.51 2.41 1.73
N VAL A 89 -5.33 2.94 1.47
CA VAL A 89 -4.88 4.19 2.06
C VAL A 89 -4.53 5.18 0.97
N LYS A 90 -4.99 6.42 1.12
CA LYS A 90 -4.83 7.42 0.07
C LYS A 90 -4.21 8.69 0.60
N LEU A 91 -3.26 9.21 -0.17
CA LEU A 91 -2.47 10.37 0.24
C LEU A 91 -3.12 11.63 -0.28
N ALA A 92 -2.33 12.66 -0.56
CA ALA A 92 -2.85 13.85 -1.23
C ALA A 92 -2.23 14.02 -2.59
N ASN A 93 -1.96 12.90 -3.24
CA ASN A 93 -1.48 12.91 -4.63
C ASN A 93 -2.06 11.75 -5.42
N GLY A 94 -3.16 11.17 -4.98
CA GLY A 94 -3.86 10.16 -5.75
C GLY A 94 -3.27 8.77 -5.58
N ALA A 95 -2.12 8.64 -4.96
CA ALA A 95 -1.43 7.35 -4.89
C ALA A 95 -2.01 6.44 -3.83
N LEU A 96 -2.93 5.58 -4.21
CA LEU A 96 -3.63 4.73 -3.26
C LEU A 96 -2.92 3.41 -3.09
N PHE A 97 -2.79 2.96 -1.85
CA PHE A 97 -2.26 1.64 -1.54
C PHE A 97 -3.38 0.70 -1.14
N LEU A 98 -3.94 0.02 -2.12
CA LEU A 98 -5.02 -0.96 -1.87
C LEU A 98 -4.43 -2.25 -1.36
N LEU A 99 -5.21 -3.05 -0.64
CA LEU A 99 -4.67 -4.25 0.00
C LEU A 99 -5.64 -5.41 -0.02
N GLN A 100 -5.32 -6.43 -0.80
CA GLN A 100 -6.04 -7.68 -0.77
C GLN A 100 -5.23 -8.69 0.02
N ALA A 101 -5.51 -8.85 1.30
CA ALA A 101 -4.64 -9.63 2.18
C ALA A 101 -4.86 -11.12 2.01
N HIS A 102 -3.98 -11.89 2.63
CA HIS A 102 -3.90 -13.33 2.45
C HIS A 102 -5.04 -14.09 3.09
N ASP A 103 -5.13 -14.05 4.40
CA ASP A 103 -6.05 -14.93 5.13
C ASP A 103 -7.41 -14.27 5.34
N ASP A 104 -7.45 -13.39 6.31
CA ASP A 104 -8.66 -12.77 6.83
C ASP A 104 -8.38 -12.10 8.16
N THR A 105 -7.44 -12.70 8.88
CA THR A 105 -6.89 -12.11 10.09
C THR A 105 -6.03 -10.93 9.71
N GLU A 106 -5.15 -11.16 8.76
CA GLU A 106 -4.36 -10.09 8.13
C GLU A 106 -5.27 -9.04 7.54
N MET A 107 -6.37 -9.49 6.95
CA MET A 107 -7.24 -8.59 6.20
C MET A 107 -7.58 -7.38 7.04
N SER A 108 -8.03 -7.65 8.26
CA SER A 108 -8.38 -6.62 9.23
C SER A 108 -7.13 -6.01 9.84
N GLN A 109 -6.29 -6.83 10.45
CA GLN A 109 -5.03 -6.41 11.04
C GLN A 109 -4.27 -5.45 10.16
N TRP A 110 -4.47 -5.54 8.86
CA TRP A 110 -3.92 -4.59 7.90
C TRP A 110 -4.70 -3.30 7.91
N VAL A 111 -6.01 -3.40 7.77
CA VAL A 111 -6.88 -2.23 7.91
C VAL A 111 -6.56 -1.43 9.16
N THR A 112 -6.23 -2.15 10.22
CA THR A 112 -5.93 -1.57 11.53
C THR A 112 -4.50 -1.09 11.58
N SER A 113 -3.59 -1.83 10.99
CA SER A 113 -2.20 -1.39 10.85
C SER A 113 -2.11 -0.11 10.06
N LEU A 114 -3.03 0.05 9.12
CA LEU A 114 -3.12 1.21 8.25
C LEU A 114 -3.67 2.40 9.00
N LYS A 115 -4.60 2.15 9.91
CA LYS A 115 -5.27 3.23 10.63
C LYS A 115 -4.30 3.97 11.52
N ALA A 116 -3.53 3.22 12.31
CA ALA A 116 -2.49 3.81 13.14
C ALA A 116 -1.37 4.38 12.31
N GLN A 117 -1.20 3.92 11.08
CA GLN A 117 -0.12 4.39 10.21
C GLN A 117 -0.39 5.78 9.69
N SER A 118 -1.35 5.86 8.78
CA SER A 118 -1.66 7.08 8.05
C SER A 118 -1.66 8.29 8.95
N ASP A 119 -2.16 8.11 10.17
CA ASP A 119 -2.32 9.20 11.13
C ASP A 119 -2.11 8.71 12.55
N SER A 120 -1.96 9.64 13.47
CA SER A 120 -1.80 9.32 14.88
C SER A 120 -2.49 10.34 15.76
N THR A 121 -2.75 9.97 17.00
CA THR A 121 -3.51 10.80 17.92
C THR A 121 -3.31 10.37 19.35
N ALA A 122 -3.35 11.33 20.26
CA ALA A 122 -3.30 11.04 21.69
C ALA A 122 -4.18 12.00 22.46
N GLY A 1 12.60 -0.31 31.51
CA GLY A 1 13.00 1.07 31.29
C GLY A 1 13.07 1.37 29.81
N SER A 2 12.04 0.97 29.08
CA SER A 2 11.95 1.25 27.65
C SER A 2 10.56 1.72 27.27
N GLY A 3 10.48 2.56 26.26
CA GLY A 3 9.21 3.07 25.78
C GLY A 3 8.87 2.49 24.43
N THR A 4 9.11 1.20 24.26
CA THR A 4 8.71 0.49 23.06
C THR A 4 7.37 -0.19 23.25
N GLY A 5 6.54 -0.12 22.24
CA GLY A 5 5.16 -0.60 22.34
C GLY A 5 4.84 -1.58 21.24
N ALA A 6 3.82 -1.27 20.46
CA ALA A 6 3.31 -2.19 19.45
C ALA A 6 4.36 -2.53 18.43
N GLY A 7 4.51 -1.71 17.41
CA GLY A 7 5.40 -2.01 16.30
C GLY A 7 5.38 -0.92 15.25
N GLU A 8 5.23 -1.33 14.00
CA GLU A 8 5.32 -0.43 12.86
C GLU A 8 4.15 -0.63 11.92
N GLY A 9 4.35 -0.33 10.65
CA GLY A 9 3.34 -0.62 9.65
C GLY A 9 2.99 -2.10 9.55
N HIS A 10 2.78 -2.56 8.33
CA HIS A 10 2.28 -3.91 8.12
C HIS A 10 2.94 -4.56 6.92
N GLU A 11 2.91 -5.88 6.83
CA GLU A 11 3.62 -6.59 5.76
C GLU A 11 3.15 -8.02 5.64
N GLY A 12 2.84 -8.40 4.42
CA GLY A 12 2.50 -9.79 4.09
C GLY A 12 2.66 -10.06 2.61
N TYR A 13 2.28 -11.24 2.19
CA TYR A 13 2.24 -11.58 0.77
C TYR A 13 0.81 -11.68 0.27
N VAL A 14 0.42 -10.73 -0.55
CA VAL A 14 -0.97 -10.67 -1.02
C VAL A 14 -1.07 -9.90 -2.33
N THR A 15 -2.31 -9.61 -2.70
CA THR A 15 -2.56 -8.77 -3.86
C THR A 15 -2.65 -7.30 -3.48
N ARG A 16 -1.55 -6.59 -3.70
CA ARG A 16 -1.41 -5.21 -3.26
C ARG A 16 -0.88 -4.34 -4.38
N LYS A 17 -1.51 -3.22 -4.62
CA LYS A 17 -1.00 -2.23 -5.59
C LYS A 17 -0.28 -1.12 -4.87
N HIS A 18 -0.16 0.04 -5.49
CA HIS A 18 0.38 1.22 -4.83
C HIS A 18 0.33 2.43 -5.73
N GLU A 19 -0.71 2.51 -6.54
CA GLU A 19 -0.82 3.55 -7.56
C GLU A 19 -2.11 3.41 -8.35
N TRP A 20 -2.63 4.53 -8.82
CA TRP A 20 -3.90 4.54 -9.54
C TRP A 20 -4.34 5.95 -9.86
N ASP A 21 -4.96 6.13 -11.01
CA ASP A 21 -5.46 7.42 -11.45
C ASP A 21 -6.96 7.37 -11.67
N SER A 22 -7.49 8.29 -12.46
CA SER A 22 -8.93 8.35 -12.71
C SER A 22 -9.24 8.97 -14.05
N THR A 23 -8.38 8.73 -15.04
CA THR A 23 -8.65 9.16 -16.40
C THR A 23 -9.02 7.99 -17.28
N THR A 24 -8.03 7.35 -17.86
CA THR A 24 -8.25 6.24 -18.78
C THR A 24 -7.01 5.38 -18.91
N LYS A 25 -6.84 4.45 -18.00
CA LYS A 25 -5.72 3.52 -18.04
C LYS A 25 -6.17 2.14 -18.45
N LYS A 26 -6.00 1.82 -19.72
CA LYS A 26 -6.33 0.50 -20.24
C LYS A 26 -5.63 0.25 -21.56
N ALA A 27 -4.39 -0.19 -21.49
CA ALA A 27 -3.62 -0.52 -22.68
C ALA A 27 -2.53 -1.52 -22.36
N SER A 28 -2.78 -2.39 -21.40
CA SER A 28 -1.77 -3.33 -20.93
C SER A 28 -2.39 -4.37 -20.02
N ASN A 29 -1.54 -5.13 -19.35
CA ASN A 29 -1.98 -6.09 -18.35
C ASN A 29 -1.08 -6.07 -17.14
N ARG A 30 -1.31 -5.12 -16.25
CA ARG A 30 -0.45 -4.93 -15.09
C ARG A 30 -1.07 -3.97 -14.11
N SER A 31 -1.40 -4.46 -12.92
CA SER A 31 -2.12 -3.69 -11.92
C SER A 31 -1.85 -4.23 -10.53
N TRP A 32 -2.82 -4.89 -9.93
CA TRP A 32 -2.62 -5.51 -8.62
C TRP A 32 -1.51 -6.54 -8.66
N ASP A 33 -0.45 -6.27 -7.92
CA ASP A 33 0.74 -7.11 -7.96
C ASP A 33 0.79 -8.06 -6.79
N LYS A 34 0.68 -9.35 -7.06
CA LYS A 34 0.84 -10.37 -6.03
C LYS A 34 2.30 -10.45 -5.60
N VAL A 35 2.68 -9.67 -4.61
CA VAL A 35 4.08 -9.57 -4.22
C VAL A 35 4.27 -9.75 -2.72
N TYR A 36 5.49 -9.49 -2.29
CA TYR A 36 5.85 -9.44 -0.87
C TYR A 36 5.97 -8.00 -0.42
N MET A 37 4.83 -7.38 -0.18
CA MET A 37 4.77 -5.95 0.12
C MET A 37 4.96 -5.69 1.60
N ALA A 38 6.01 -4.96 1.91
CA ALA A 38 6.28 -4.46 3.25
C ALA A 38 6.09 -2.96 3.29
N ALA A 39 4.85 -2.55 3.48
CA ALA A 39 4.47 -1.15 3.35
C ALA A 39 3.33 -0.81 4.29
N LYS A 40 2.98 0.46 4.28
CA LYS A 40 1.85 0.97 5.05
C LYS A 40 1.55 2.39 4.68
N ALA A 41 0.76 3.06 5.51
CA ALA A 41 0.58 4.50 5.39
C ALA A 41 1.92 5.17 5.66
N GLY A 42 2.47 4.82 6.82
CA GLY A 42 3.68 5.44 7.35
C GLY A 42 4.81 5.40 6.35
N ARG A 43 5.12 4.26 5.76
CA ARG A 43 6.09 4.20 4.66
C ARG A 43 5.94 2.95 3.85
N ILE A 44 6.08 3.02 2.53
CA ILE A 44 6.09 1.81 1.69
C ILE A 44 7.45 1.19 1.59
N SER A 45 7.46 -0.10 1.27
CA SER A 45 8.66 -0.87 0.94
C SER A 45 8.28 -2.07 0.10
N PHE A 46 8.76 -2.17 -1.12
CA PHE A 46 8.28 -3.19 -2.07
C PHE A 46 9.25 -4.30 -2.40
N TYR A 47 8.80 -5.53 -2.45
CA TYR A 47 9.60 -6.64 -2.97
C TYR A 47 8.73 -7.80 -3.36
N LYS A 48 8.97 -8.36 -4.54
CA LYS A 48 8.27 -9.58 -4.98
C LYS A 48 8.90 -10.80 -4.33
N ASP A 49 10.21 -10.88 -4.44
CA ASP A 49 11.05 -11.87 -3.77
C ASP A 49 12.50 -11.43 -3.78
N GLN A 50 13.09 -11.34 -2.61
CA GLN A 50 14.42 -10.77 -2.37
C GLN A 50 15.36 -10.84 -3.56
N LYS A 51 15.18 -9.90 -4.48
CA LYS A 51 15.89 -9.91 -5.75
C LYS A 51 16.87 -8.76 -5.82
N GLY A 52 16.39 -7.52 -5.75
CA GLY A 52 17.31 -6.37 -5.60
C GLY A 52 17.95 -6.54 -4.21
N TYR A 53 17.10 -6.97 -3.29
CA TYR A 53 17.55 -7.35 -1.96
C TYR A 53 18.64 -8.40 -2.06
N LYS A 54 18.47 -9.37 -2.93
CA LYS A 54 19.53 -10.33 -3.24
C LYS A 54 20.87 -9.64 -3.38
N SER A 55 20.89 -8.61 -4.21
CA SER A 55 22.11 -7.86 -4.49
C SER A 55 22.37 -6.82 -3.42
N ASN A 56 21.55 -5.78 -3.41
CA ASN A 56 21.68 -4.73 -2.41
C ASN A 56 20.35 -4.47 -1.74
N PRO A 57 20.32 -4.50 -0.42
CA PRO A 57 19.07 -4.39 0.46
C PRO A 57 18.34 -3.06 0.36
N GLU A 58 18.79 -2.12 -0.44
CA GLU A 58 18.06 -0.89 -0.70
C GLU A 58 17.30 -0.98 -2.01
N LEU A 59 17.87 -1.68 -2.98
CA LEU A 59 17.18 -1.97 -4.23
C LEU A 59 16.42 -3.26 -4.16
N THR A 60 15.46 -3.46 -5.05
CA THR A 60 14.58 -4.61 -4.98
C THR A 60 13.92 -4.94 -6.30
N PHE A 61 12.86 -5.74 -6.22
CA PHE A 61 12.01 -6.00 -7.37
C PHE A 61 11.76 -4.75 -8.16
N ARG A 62 12.05 -4.70 -9.45
CA ARG A 62 11.66 -3.52 -10.23
C ARG A 62 10.25 -3.15 -9.85
N GLY A 63 10.10 -1.94 -9.36
CA GLY A 63 8.91 -1.47 -8.65
C GLY A 63 9.31 -1.61 -7.14
N GLU A 64 10.55 -1.24 -6.91
CA GLU A 64 11.27 -1.48 -5.67
C GLU A 64 11.12 -0.44 -4.59
N PRO A 65 10.81 0.79 -4.92
CA PRO A 65 10.70 2.05 -4.06
C PRO A 65 10.11 1.91 -2.66
N SER A 66 10.12 3.05 -1.96
CA SER A 66 9.50 3.23 -0.66
C SER A 66 8.73 4.54 -0.61
N TYR A 67 7.77 4.63 0.29
CA TYR A 67 7.05 5.88 0.55
C TYR A 67 7.20 6.27 2.01
N ASP A 68 6.73 7.46 2.35
CA ASP A 68 6.72 7.94 3.72
C ASP A 68 5.46 8.72 3.99
N LEU A 69 4.35 8.04 4.20
CA LEU A 69 3.03 8.70 4.27
C LEU A 69 2.28 8.60 5.59
N GLN A 70 2.79 9.17 6.66
CA GLN A 70 2.00 9.36 7.88
C GLN A 70 1.07 10.55 7.74
N ASN A 71 1.04 11.10 6.53
CA ASN A 71 0.14 12.14 6.06
C ASN A 71 -1.12 11.57 5.45
N ALA A 72 -0.97 10.42 4.82
CA ALA A 72 -2.03 9.79 4.03
C ALA A 72 -3.35 9.72 4.77
N ALA A 73 -4.40 9.44 4.01
CA ALA A 73 -5.73 9.17 4.53
C ALA A 73 -6.05 7.70 4.47
N ILE A 74 -7.28 7.33 4.76
CA ILE A 74 -7.70 5.93 4.75
C ILE A 74 -9.16 5.77 4.40
N GLU A 75 -9.49 4.58 3.89
CA GLU A 75 -10.86 4.17 3.64
C GLU A 75 -10.94 2.69 3.37
N ILE A 76 -12.05 2.23 2.82
CA ILE A 76 -12.21 0.81 2.50
C ILE A 76 -12.78 0.62 1.11
N ALA A 77 -11.98 0.07 0.22
CA ALA A 77 -12.44 -0.32 -1.12
C ALA A 77 -13.18 0.80 -1.80
N SER A 78 -14.08 0.46 -2.70
CA SER A 78 -14.88 1.45 -3.42
C SER A 78 -16.20 0.87 -3.85
N ASP A 79 -16.19 0.12 -4.94
CA ASP A 79 -17.41 -0.48 -5.48
C ASP A 79 -17.10 -1.79 -6.16
N TYR A 80 -16.11 -2.50 -5.65
CA TYR A 80 -15.67 -3.76 -6.25
C TYR A 80 -16.58 -4.90 -5.86
N THR A 81 -16.28 -6.09 -6.36
CA THR A 81 -17.13 -7.25 -6.16
C THR A 81 -16.42 -8.34 -5.38
N LYS A 82 -15.20 -8.63 -5.77
CA LYS A 82 -14.35 -9.56 -5.02
C LYS A 82 -13.22 -8.81 -4.34
N LYS A 83 -12.64 -7.87 -5.06
CA LYS A 83 -11.65 -6.95 -4.54
C LYS A 83 -12.25 -5.90 -3.62
N LYS A 84 -13.54 -5.95 -3.37
CA LYS A 84 -14.16 -5.04 -2.39
C LYS A 84 -13.94 -5.39 -0.92
N HIS A 85 -13.05 -6.33 -0.68
CA HIS A 85 -12.60 -6.68 0.66
C HIS A 85 -11.21 -6.12 0.89
N VAL A 86 -10.96 -4.97 0.28
CA VAL A 86 -9.64 -4.35 0.25
C VAL A 86 -9.58 -3.11 1.13
N LEU A 87 -8.36 -2.66 1.36
CA LEU A 87 -8.07 -1.57 2.29
C LEU A 87 -7.26 -0.51 1.60
N ARG A 88 -7.63 0.76 1.73
CA ARG A 88 -7.01 1.83 0.96
C ARG A 88 -6.43 2.94 1.83
N VAL A 89 -5.12 3.08 1.81
CA VAL A 89 -4.45 4.21 2.45
C VAL A 89 -3.96 5.16 1.39
N LYS A 90 -4.75 6.19 1.14
CA LYS A 90 -4.51 7.13 0.04
C LYS A 90 -3.47 8.17 0.39
N LEU A 91 -2.75 8.62 -0.62
CA LEU A 91 -1.67 9.58 -0.48
C LEU A 91 -2.16 10.97 -0.80
N ALA A 92 -1.24 11.87 -1.07
CA ALA A 92 -1.59 13.20 -1.58
C ALA A 92 -1.02 13.40 -2.96
N ASN A 93 -0.67 12.33 -3.65
CA ASN A 93 -0.25 12.42 -5.06
C ASN A 93 -1.18 11.62 -5.94
N GLY A 94 -2.40 11.39 -5.51
CA GLY A 94 -3.40 10.69 -6.32
C GLY A 94 -3.39 9.20 -6.08
N ALA A 95 -2.21 8.61 -5.99
CA ALA A 95 -2.08 7.15 -5.92
C ALA A 95 -2.53 6.63 -4.57
N LEU A 96 -3.12 5.45 -4.56
CA LEU A 96 -3.55 4.81 -3.31
C LEU A 96 -2.88 3.47 -3.12
N PHE A 97 -2.68 3.05 -1.88
CA PHE A 97 -2.16 1.71 -1.61
C PHE A 97 -3.29 0.78 -1.22
N LEU A 98 -3.76 0.00 -2.18
CA LEU A 98 -4.86 -0.94 -1.97
C LEU A 98 -4.34 -2.28 -1.50
N LEU A 99 -5.03 -2.92 -0.59
CA LEU A 99 -4.55 -4.16 0.02
C LEU A 99 -5.61 -5.23 0.04
N GLN A 100 -5.49 -6.22 -0.82
CA GLN A 100 -6.36 -7.41 -0.77
C GLN A 100 -5.62 -8.56 -0.13
N ALA A 101 -5.90 -8.78 1.15
CA ALA A 101 -5.15 -9.77 1.93
C ALA A 101 -5.67 -11.17 1.69
N HIS A 102 -4.95 -12.14 2.21
CA HIS A 102 -5.33 -13.55 2.08
C HIS A 102 -6.57 -13.85 2.89
N ASP A 103 -6.41 -13.94 4.20
CA ASP A 103 -7.48 -14.38 5.09
C ASP A 103 -8.28 -13.20 5.59
N ASP A 104 -9.39 -13.47 6.26
CA ASP A 104 -10.15 -12.42 6.93
C ASP A 104 -9.55 -12.13 8.29
N THR A 105 -8.52 -12.85 8.70
CA THR A 105 -7.81 -12.53 9.93
C THR A 105 -6.79 -11.43 9.68
N GLU A 106 -6.01 -11.61 8.64
CA GLU A 106 -4.95 -10.67 8.30
C GLU A 106 -5.55 -9.51 7.52
N MET A 107 -6.70 -9.72 6.88
CA MET A 107 -7.27 -8.68 6.01
C MET A 107 -7.61 -7.47 6.84
N SER A 108 -8.28 -7.75 7.97
CA SER A 108 -8.59 -6.74 8.97
C SER A 108 -7.33 -6.20 9.61
N GLN A 109 -6.47 -7.08 10.10
CA GLN A 109 -5.21 -6.66 10.71
C GLN A 109 -4.46 -5.72 9.79
N TRP A 110 -4.56 -5.86 8.49
CA TRP A 110 -3.98 -4.88 7.57
C TRP A 110 -4.63 -3.53 7.76
N VAL A 111 -5.96 -3.49 7.73
CA VAL A 111 -6.68 -2.24 7.89
C VAL A 111 -6.40 -1.58 9.22
N THR A 112 -6.61 -2.30 10.31
CA THR A 112 -6.29 -1.82 11.66
C THR A 112 -4.90 -1.25 11.72
N SER A 113 -3.89 -1.90 11.16
CA SER A 113 -2.54 -1.39 11.17
C SER A 113 -2.42 -0.12 10.36
N LEU A 114 -2.90 -0.19 9.12
CA LEU A 114 -3.01 0.93 8.20
C LEU A 114 -3.53 2.17 8.91
N LYS A 115 -4.50 1.97 9.78
CA LYS A 115 -5.20 3.08 10.43
C LYS A 115 -4.31 3.75 11.45
N ALA A 116 -3.55 2.96 12.19
CA ALA A 116 -2.55 3.49 13.10
C ALA A 116 -1.59 4.41 12.39
N GLN A 117 -1.36 4.18 11.11
CA GLN A 117 -0.34 4.90 10.36
C GLN A 117 -0.89 6.15 9.68
N SER A 118 -1.58 5.92 8.58
CA SER A 118 -2.08 6.93 7.64
C SER A 118 -2.30 8.28 8.28
N ASP A 119 -3.41 8.41 8.98
CA ASP A 119 -3.81 9.68 9.59
C ASP A 119 -4.06 9.51 11.07
N SER A 120 -3.04 9.77 11.87
CA SER A 120 -3.12 9.56 13.31
C SER A 120 -2.24 10.54 14.06
N THR A 121 -2.80 11.14 15.08
CA THR A 121 -2.11 12.20 15.82
C THR A 121 -0.99 11.65 16.69
N ALA A 122 -0.84 10.35 16.77
CA ALA A 122 0.28 9.75 17.50
C ALA A 122 0.39 8.27 17.25
N GLY A 1 16.99 -6.06 15.59
CA GLY A 1 16.11 -5.13 14.90
C GLY A 1 15.26 -4.36 15.88
N SER A 2 15.92 -3.64 16.77
CA SER A 2 15.24 -2.76 17.71
C SER A 2 15.14 -1.35 17.16
N GLY A 3 13.95 -0.97 16.78
CA GLY A 3 13.67 0.40 16.33
C GLY A 3 12.83 0.41 15.08
N THR A 4 13.01 -0.60 14.25
CA THR A 4 12.22 -0.75 13.02
C THR A 4 11.10 -1.73 13.23
N GLY A 5 10.33 -1.52 14.29
CA GLY A 5 9.28 -2.45 14.67
C GLY A 5 7.95 -1.75 14.90
N ALA A 6 7.99 -0.58 15.49
CA ALA A 6 6.79 0.16 15.86
C ALA A 6 5.81 0.25 14.72
N GLY A 7 6.31 0.55 13.53
CA GLY A 7 5.47 0.75 12.36
C GLY A 7 4.68 2.03 12.48
N GLU A 8 3.86 2.31 11.48
CA GLU A 8 3.14 3.58 11.39
C GLU A 8 1.71 3.35 10.94
N GLY A 9 1.27 3.90 9.84
CA GLY A 9 -0.07 3.56 9.32
C GLY A 9 -0.18 2.04 9.22
N HIS A 10 0.27 1.53 8.07
CA HIS A 10 0.36 0.08 7.89
C HIS A 10 1.21 -0.29 6.70
N GLU A 11 1.55 -1.56 6.60
CA GLU A 11 2.39 -2.04 5.50
C GLU A 11 2.02 -3.44 5.11
N GLY A 12 1.71 -3.64 3.83
CA GLY A 12 1.20 -4.93 3.37
C GLY A 12 1.39 -5.12 1.89
N TYR A 13 0.88 -6.24 1.39
CA TYR A 13 0.85 -6.56 -0.03
C TYR A 13 -0.58 -6.72 -0.51
N VAL A 14 -0.94 -5.89 -1.48
CA VAL A 14 -2.32 -5.81 -1.94
C VAL A 14 -2.45 -5.08 -3.26
N THR A 15 -3.65 -4.58 -3.52
CA THR A 15 -3.91 -3.71 -4.67
C THR A 15 -4.16 -2.29 -4.22
N ARG A 16 -3.56 -1.33 -4.89
CA ARG A 16 -3.61 0.07 -4.47
C ARG A 16 -3.79 1.00 -5.65
N LYS A 17 -4.32 2.18 -5.40
CA LYS A 17 -4.40 3.23 -6.42
C LYS A 17 -3.64 4.45 -5.98
N HIS A 18 -2.33 4.36 -6.03
CA HIS A 18 -1.44 5.40 -5.50
C HIS A 18 -0.89 6.28 -6.59
N GLU A 19 -1.76 7.00 -7.29
CA GLU A 19 -1.34 7.77 -8.46
C GLU A 19 -2.50 8.54 -9.07
N TRP A 20 -2.58 8.60 -10.39
CA TRP A 20 -3.71 9.17 -11.13
C TRP A 20 -3.74 10.68 -11.01
N ASP A 21 -3.49 11.34 -12.14
CA ASP A 21 -3.62 12.79 -12.28
C ASP A 21 -2.41 13.50 -11.72
N SER A 22 -2.11 14.66 -12.28
CA SER A 22 -1.03 15.51 -11.79
C SER A 22 0.32 14.94 -12.15
N THR A 23 1.15 15.75 -12.79
CA THR A 23 2.49 15.35 -13.18
C THR A 23 2.46 14.05 -13.94
N THR A 24 3.58 13.34 -13.95
CA THR A 24 3.64 12.02 -14.56
C THR A 24 3.52 12.11 -16.07
N LYS A 25 3.23 10.99 -16.71
CA LYS A 25 3.05 10.96 -18.16
C LYS A 25 1.85 10.12 -18.54
N LYS A 26 1.53 10.12 -19.82
CA LYS A 26 0.33 9.46 -20.33
C LYS A 26 0.59 7.98 -20.55
N ALA A 27 0.33 7.18 -19.54
CA ALA A 27 0.64 5.75 -19.58
C ALA A 27 -0.60 4.94 -19.88
N SER A 28 -0.40 3.69 -20.26
CA SER A 28 -1.51 2.79 -20.57
C SER A 28 -2.19 2.29 -19.31
N ASN A 29 -1.46 2.21 -18.22
CA ASN A 29 -2.00 1.66 -16.97
C ASN A 29 -3.26 2.39 -16.55
N ARG A 30 -4.40 1.78 -16.80
CA ARG A 30 -5.68 2.30 -16.31
C ARG A 30 -6.27 1.39 -15.26
N SER A 31 -5.40 0.77 -14.47
CA SER A 31 -5.84 -0.13 -13.41
C SER A 31 -4.91 -0.06 -12.22
N TRP A 32 -5.37 -0.54 -11.09
CA TRP A 32 -4.62 -0.44 -9.84
C TRP A 32 -3.43 -1.37 -9.84
N ASP A 33 -2.34 -0.94 -9.25
CA ASP A 33 -1.11 -1.72 -9.23
C ASP A 33 -1.01 -2.58 -7.99
N LYS A 34 -0.56 -3.80 -8.16
CA LYS A 34 -0.29 -4.70 -7.05
C LYS A 34 1.16 -4.58 -6.61
N VAL A 35 1.41 -4.42 -5.32
CA VAL A 35 2.76 -4.15 -4.82
C VAL A 35 2.89 -4.46 -3.36
N TYR A 36 4.12 -4.38 -2.88
CA TYR A 36 4.43 -4.48 -1.45
C TYR A 36 4.81 -3.11 -0.92
N MET A 37 3.80 -2.31 -0.59
CA MET A 37 4.03 -0.93 -0.21
C MET A 37 3.87 -0.74 1.29
N ALA A 38 4.83 -0.05 1.87
CA ALA A 38 4.81 0.37 3.27
C ALA A 38 4.42 1.82 3.35
N ALA A 39 3.15 2.12 3.56
CA ALA A 39 2.65 3.48 3.46
C ALA A 39 1.39 3.72 4.27
N LYS A 40 0.93 4.97 4.17
CA LYS A 40 -0.35 5.36 4.76
C LYS A 40 -0.77 6.76 4.36
N ALA A 41 -1.78 7.25 5.09
CA ALA A 41 -2.24 8.63 5.00
C ALA A 41 -1.18 9.62 5.42
N GLY A 42 -0.18 9.15 6.13
CA GLY A 42 0.98 9.97 6.50
C GLY A 42 1.94 10.03 5.34
N ARG A 43 2.83 9.06 5.23
CA ARG A 43 3.90 9.07 4.25
C ARG A 43 4.03 7.72 3.57
N ILE A 44 4.13 7.69 2.26
CA ILE A 44 4.20 6.40 1.54
C ILE A 44 5.62 5.90 1.42
N SER A 45 5.73 4.60 1.22
CA SER A 45 6.97 3.90 0.88
C SER A 45 6.65 2.78 -0.09
N PHE A 46 7.42 2.53 -1.12
CA PHE A 46 7.02 1.61 -2.19
C PHE A 46 8.06 0.57 -2.58
N TYR A 47 7.60 -0.66 -2.76
CA TYR A 47 8.42 -1.73 -3.33
C TYR A 47 7.55 -2.84 -3.86
N LYS A 48 7.50 -3.09 -5.16
CA LYS A 48 6.65 -4.16 -5.70
C LYS A 48 6.92 -5.47 -5.00
N ASP A 49 8.18 -5.65 -4.64
CA ASP A 49 8.61 -6.78 -3.82
C ASP A 49 10.07 -6.64 -3.45
N GLN A 50 10.96 -7.53 -3.84
CA GLN A 50 12.38 -7.40 -3.53
C GLN A 50 13.13 -6.64 -4.61
N LYS A 51 12.83 -6.96 -5.85
CA LYS A 51 13.51 -6.49 -7.06
C LYS A 51 14.42 -5.30 -6.88
N GLY A 52 13.82 -4.17 -6.56
CA GLY A 52 14.52 -2.88 -6.49
C GLY A 52 15.32 -2.83 -5.20
N TYR A 53 14.62 -3.19 -4.12
CA TYR A 53 15.26 -3.37 -2.82
C TYR A 53 16.32 -4.45 -2.88
N LYS A 54 16.35 -5.25 -3.92
CA LYS A 54 17.32 -6.34 -4.09
C LYS A 54 18.67 -5.80 -4.53
N SER A 55 18.66 -5.06 -5.64
CA SER A 55 19.89 -4.51 -6.19
C SER A 55 20.24 -3.20 -5.53
N ASN A 56 19.37 -2.22 -5.69
CA ASN A 56 19.62 -0.88 -5.17
C ASN A 56 18.47 -0.43 -4.29
N PRO A 57 18.63 -0.59 -2.98
CA PRO A 57 17.61 -0.25 -1.90
C PRO A 57 16.95 1.09 -2.04
N GLU A 58 17.71 2.08 -2.49
CA GLU A 58 17.23 3.45 -2.59
C GLU A 58 16.28 3.61 -3.75
N LEU A 59 16.53 2.87 -4.82
CA LEU A 59 15.63 2.81 -5.96
C LEU A 59 14.85 1.51 -5.97
N THR A 60 13.65 1.54 -5.41
CA THR A 60 12.76 0.39 -5.44
C THR A 60 12.23 0.16 -6.84
N PHE A 61 11.10 -0.53 -6.95
CA PHE A 61 10.47 -0.74 -8.25
C PHE A 61 9.94 0.55 -8.81
N ARG A 62 9.37 0.54 -10.01
CA ARG A 62 8.98 1.77 -10.69
C ARG A 62 7.74 2.42 -10.13
N GLY A 63 7.13 1.87 -9.10
CA GLY A 63 6.11 2.58 -8.30
C GLY A 63 6.89 3.18 -7.10
N GLU A 64 8.12 3.56 -7.39
CA GLU A 64 9.21 3.91 -6.49
C GLU A 64 8.87 4.72 -5.24
N PRO A 65 9.87 4.76 -4.37
CA PRO A 65 9.98 5.33 -2.93
C PRO A 65 8.79 5.99 -2.26
N SER A 66 8.85 7.21 -1.76
CA SER A 66 7.83 7.75 -0.87
C SER A 66 6.98 8.88 -1.42
N TYR A 67 5.95 9.20 -0.61
CA TYR A 67 5.08 10.35 -0.81
C TYR A 67 4.81 11.02 0.52
N ASP A 68 5.29 12.24 0.68
CA ASP A 68 4.95 13.04 1.86
C ASP A 68 3.57 13.63 1.72
N LEU A 69 2.64 13.08 2.50
CA LEU A 69 1.23 13.42 2.38
C LEU A 69 0.60 13.81 3.70
N GLN A 70 1.11 13.43 4.85
CA GLN A 70 0.42 13.50 6.13
C GLN A 70 -0.56 14.65 6.25
N ASN A 71 -1.71 14.45 5.62
CA ASN A 71 -2.72 15.50 5.46
C ASN A 71 -3.90 14.97 4.67
N ALA A 72 -3.61 14.46 3.48
CA ALA A 72 -4.60 13.99 2.52
C ALA A 72 -5.82 13.35 3.16
N ALA A 73 -6.99 13.84 2.81
CA ALA A 73 -8.25 13.38 3.37
C ALA A 73 -8.46 11.91 3.10
N ILE A 74 -9.61 11.40 3.51
CA ILE A 74 -9.89 9.97 3.43
C ILE A 74 -11.34 9.69 3.16
N GLU A 75 -11.61 8.58 2.49
CA GLU A 75 -12.97 8.09 2.28
C GLU A 75 -12.96 6.70 1.72
N ILE A 76 -14.14 6.19 1.40
CA ILE A 76 -14.29 4.91 0.72
C ILE A 76 -14.70 5.11 -0.72
N ALA A 77 -14.31 4.20 -1.59
CA ALA A 77 -14.56 4.34 -3.02
C ALA A 77 -16.03 4.54 -3.31
N SER A 78 -16.32 5.43 -4.24
CA SER A 78 -17.70 5.68 -4.69
C SER A 78 -18.00 4.95 -5.98
N ASP A 79 -17.00 4.74 -6.80
CA ASP A 79 -17.12 4.00 -8.06
C ASP A 79 -16.32 2.72 -7.99
N TYR A 80 -16.76 1.83 -7.11
CA TYR A 80 -16.01 0.62 -6.77
C TYR A 80 -16.38 -0.60 -7.60
N THR A 81 -17.66 -0.86 -7.79
CA THR A 81 -18.14 -2.09 -8.42
C THR A 81 -17.75 -3.28 -7.56
N LYS A 82 -16.56 -3.82 -7.72
CA LYS A 82 -16.01 -4.83 -6.82
C LYS A 82 -14.78 -4.31 -6.12
N LYS A 83 -14.85 -3.05 -5.76
CA LYS A 83 -13.85 -2.38 -4.93
C LYS A 83 -14.42 -1.93 -3.60
N LYS A 84 -15.70 -2.19 -3.35
CA LYS A 84 -16.30 -1.91 -2.03
C LYS A 84 -15.63 -2.60 -0.85
N HIS A 85 -14.58 -3.32 -1.15
CA HIS A 85 -13.68 -3.92 -0.18
C HIS A 85 -12.39 -3.11 -0.12
N VAL A 86 -12.53 -1.80 -0.13
CA VAL A 86 -11.38 -0.89 -0.24
C VAL A 86 -11.48 0.30 0.70
N LEU A 87 -10.41 1.08 0.71
CA LEU A 87 -10.32 2.36 1.41
C LEU A 87 -9.36 3.30 0.71
N ARG A 88 -9.34 4.56 1.05
CA ARG A 88 -8.50 5.54 0.35
C ARG A 88 -8.21 6.78 1.17
N VAL A 89 -7.00 7.29 1.01
CA VAL A 89 -6.59 8.56 1.58
C VAL A 89 -6.24 9.53 0.48
N LYS A 90 -7.17 10.42 0.17
CA LYS A 90 -7.06 11.33 -0.98
C LYS A 90 -6.33 12.61 -0.62
N LEU A 91 -5.58 13.13 -1.59
CA LEU A 91 -4.78 14.33 -1.36
C LEU A 91 -5.56 15.60 -1.64
N ALA A 92 -4.90 16.72 -1.46
CA ALA A 92 -5.44 18.02 -1.84
C ALA A 92 -5.02 18.39 -3.26
N ASN A 93 -4.24 17.56 -3.92
CA ASN A 93 -3.76 17.86 -5.28
C ASN A 93 -4.26 16.85 -6.28
N GLY A 94 -5.21 16.00 -5.91
CA GLY A 94 -5.84 15.10 -6.88
C GLY A 94 -5.43 13.66 -6.63
N ALA A 95 -4.13 13.41 -6.68
CA ALA A 95 -3.62 12.05 -6.60
C ALA A 95 -4.06 11.39 -5.30
N LEU A 96 -4.49 10.14 -5.38
CA LEU A 96 -5.07 9.46 -4.24
C LEU A 96 -4.26 8.25 -3.85
N PHE A 97 -4.63 7.60 -2.76
CA PHE A 97 -4.02 6.34 -2.36
C PHE A 97 -5.07 5.38 -1.85
N LEU A 98 -5.70 4.68 -2.78
CA LEU A 98 -6.71 3.68 -2.45
C LEU A 98 -6.08 2.41 -1.95
N LEU A 99 -6.85 1.53 -1.33
CA LEU A 99 -6.28 0.35 -0.67
C LEU A 99 -7.22 -0.83 -0.74
N GLN A 100 -7.12 -1.69 -1.74
CA GLN A 100 -7.88 -2.94 -1.76
C GLN A 100 -7.12 -4.00 -1.00
N ALA A 101 -7.34 -4.08 0.29
CA ALA A 101 -6.55 -4.92 1.18
C ALA A 101 -6.96 -6.38 1.10
N HIS A 102 -6.39 -7.17 2.00
CA HIS A 102 -6.54 -8.63 1.98
C HIS A 102 -7.82 -9.08 2.65
N ASP A 103 -7.78 -9.31 3.95
CA ASP A 103 -8.90 -9.92 4.65
C ASP A 103 -9.86 -8.89 5.19
N ASP A 104 -10.69 -9.32 6.11
CA ASP A 104 -11.58 -8.43 6.87
C ASP A 104 -10.87 -7.90 8.09
N THR A 105 -9.82 -8.57 8.51
CA THR A 105 -8.97 -8.04 9.59
C THR A 105 -8.18 -6.88 9.06
N GLU A 106 -7.32 -7.16 8.09
CA GLU A 106 -6.61 -6.14 7.34
C GLU A 106 -7.51 -5.04 6.83
N MET A 107 -8.70 -5.36 6.37
CA MET A 107 -9.51 -4.33 5.70
C MET A 107 -9.70 -3.11 6.57
N SER A 108 -10.48 -3.28 7.62
CA SER A 108 -10.82 -2.16 8.52
C SER A 108 -9.61 -1.71 9.31
N GLN A 109 -8.57 -2.51 9.41
CA GLN A 109 -7.34 -2.14 10.10
C GLN A 109 -6.56 -1.12 9.32
N TRP A 110 -6.49 -1.26 8.01
CA TRP A 110 -5.91 -0.27 7.11
C TRP A 110 -6.69 1.02 7.13
N VAL A 111 -8.00 0.91 7.13
CA VAL A 111 -8.88 2.07 7.18
C VAL A 111 -8.67 2.84 8.47
N THR A 112 -8.65 2.12 9.58
CA THR A 112 -8.31 2.71 10.87
C THR A 112 -6.91 3.29 10.85
N SER A 113 -5.97 2.52 10.31
CA SER A 113 -4.56 2.88 10.36
C SER A 113 -4.32 4.17 9.59
N LEU A 114 -4.95 4.28 8.44
CA LEU A 114 -4.76 5.43 7.56
C LEU A 114 -5.46 6.65 8.09
N LYS A 115 -6.62 6.47 8.70
CA LYS A 115 -7.39 7.59 9.24
C LYS A 115 -6.64 8.30 10.34
N ALA A 116 -5.96 7.54 11.18
CA ALA A 116 -5.09 8.09 12.21
C ALA A 116 -3.91 8.81 11.59
N GLN A 117 -3.46 8.33 10.44
CA GLN A 117 -2.24 8.81 9.79
C GLN A 117 -2.43 10.15 9.10
N SER A 118 -3.38 10.20 8.19
CA SER A 118 -3.69 11.35 7.35
C SER A 118 -3.39 12.65 8.06
N ASP A 119 -4.33 13.09 8.89
CA ASP A 119 -4.18 14.31 9.68
C ASP A 119 -4.02 13.99 11.15
N SER A 120 -3.63 14.98 11.92
CA SER A 120 -3.38 14.82 13.36
C SER A 120 -4.36 15.64 14.17
N THR A 121 -4.77 16.77 13.65
CA THR A 121 -5.59 17.72 14.39
C THR A 121 -6.97 17.15 14.66
N ALA A 122 -7.17 16.71 15.89
CA ALA A 122 -8.49 16.26 16.33
C ALA A 122 -9.56 17.29 16.02
N GLY A 1 20.00 2.98 26.64
CA GLY A 1 19.49 4.32 26.35
C GLY A 1 17.98 4.37 26.52
N SER A 2 17.28 4.47 25.41
CA SER A 2 15.83 4.65 25.42
C SER A 2 15.19 3.96 24.24
N GLY A 3 15.09 4.68 23.14
CA GLY A 3 14.41 4.17 21.95
C GLY A 3 12.95 4.58 21.94
N THR A 4 12.69 5.78 21.45
CA THR A 4 11.35 6.37 21.52
C THR A 4 10.81 6.62 20.14
N GLY A 5 10.00 5.71 19.63
CA GLY A 5 9.38 5.85 18.32
C GLY A 5 8.59 4.63 17.95
N ALA A 6 7.35 4.84 17.54
CA ALA A 6 6.44 3.75 17.21
C ALA A 6 6.54 3.37 15.76
N GLY A 7 5.57 2.60 15.29
CA GLY A 7 5.48 2.27 13.87
C GLY A 7 5.42 0.77 13.67
N GLU A 8 4.23 0.27 13.37
CA GLU A 8 4.01 -1.18 13.23
C GLU A 8 2.91 -1.46 12.23
N GLY A 9 3.18 -1.20 10.96
CA GLY A 9 2.22 -1.52 9.91
C GLY A 9 1.99 -3.02 9.74
N HIS A 10 2.06 -3.47 8.48
CA HIS A 10 2.00 -4.90 8.17
C HIS A 10 2.94 -5.22 7.04
N GLU A 11 3.28 -6.48 6.88
CA GLU A 11 4.28 -6.89 5.90
C GLU A 11 4.16 -8.36 5.56
N GLY A 12 3.60 -8.63 4.39
CA GLY A 12 3.28 -9.98 3.96
C GLY A 12 3.19 -10.07 2.46
N TYR A 13 3.19 -11.27 1.91
CA TYR A 13 2.96 -11.47 0.49
C TYR A 13 1.49 -11.52 0.18
N VAL A 14 0.97 -10.40 -0.30
CA VAL A 14 -0.43 -10.29 -0.69
C VAL A 14 -0.57 -9.70 -2.07
N THR A 15 -1.81 -9.42 -2.45
CA THR A 15 -2.06 -8.74 -3.73
C THR A 15 -2.41 -7.28 -3.50
N ARG A 16 -1.38 -6.45 -3.47
CA ARG A 16 -1.55 -5.00 -3.39
C ARG A 16 -1.28 -4.36 -4.73
N LYS A 17 -1.96 -3.25 -5.01
CA LYS A 17 -1.69 -2.43 -6.19
C LYS A 17 -1.44 -0.99 -5.78
N HIS A 18 -0.18 -0.65 -5.64
CA HIS A 18 0.23 0.65 -5.10
C HIS A 18 -0.19 1.78 -6.01
N GLU A 19 0.36 2.95 -5.74
CA GLU A 19 0.21 4.14 -6.58
C GLU A 19 -0.06 3.82 -8.03
N TRP A 20 -1.30 4.05 -8.44
CA TRP A 20 -1.74 3.76 -9.80
C TRP A 20 -1.45 4.92 -10.72
N ASP A 21 -1.52 6.12 -10.18
CA ASP A 21 -1.13 7.34 -10.88
C ASP A 21 -2.27 7.92 -11.69
N SER A 22 -3.32 7.17 -11.94
CA SER A 22 -4.54 7.64 -12.60
C SER A 22 -4.40 7.55 -14.10
N THR A 23 -3.73 8.51 -14.72
CA THR A 23 -3.66 8.58 -16.18
C THR A 23 -2.63 7.61 -16.72
N THR A 24 -3.02 6.81 -17.68
CA THR A 24 -2.15 5.79 -18.27
C THR A 24 -2.60 5.43 -19.67
N LYS A 25 -1.73 4.74 -20.39
CA LYS A 25 -2.02 4.34 -21.76
C LYS A 25 -2.82 3.05 -21.80
N LYS A 26 -3.44 2.80 -22.93
CA LYS A 26 -4.22 1.57 -23.12
C LYS A 26 -5.40 1.53 -22.18
N ALA A 27 -5.91 0.33 -21.93
CA ALA A 27 -7.04 0.17 -21.01
C ALA A 27 -6.62 -0.58 -19.77
N SER A 28 -5.67 -0.01 -19.04
CA SER A 28 -5.10 -0.68 -17.87
C SER A 28 -4.27 -1.88 -18.30
N ASN A 29 -3.09 -1.99 -17.71
CA ASN A 29 -2.17 -3.07 -18.07
C ASN A 29 -2.09 -4.10 -16.95
N ARG A 30 -2.41 -5.33 -17.29
CA ARG A 30 -2.34 -6.44 -16.34
C ARG A 30 -3.28 -6.21 -15.17
N SER A 31 -2.78 -5.85 -14.00
CA SER A 31 -3.62 -5.76 -12.81
C SER A 31 -2.80 -5.46 -11.57
N TRP A 32 -3.35 -5.74 -10.41
CA TRP A 32 -2.62 -5.60 -9.15
C TRP A 32 -1.43 -6.55 -9.12
N ASP A 33 -0.62 -6.45 -8.09
CA ASP A 33 0.63 -7.20 -8.01
C ASP A 33 0.68 -8.06 -6.76
N LYS A 34 1.03 -9.32 -6.95
CA LYS A 34 1.28 -10.23 -5.83
C LYS A 34 2.70 -10.10 -5.34
N VAL A 35 2.96 -9.07 -4.55
CA VAL A 35 4.31 -8.74 -4.13
C VAL A 35 4.50 -8.96 -2.64
N TYR A 36 5.75 -9.03 -2.23
CA TYR A 36 6.10 -9.08 -0.81
C TYR A 36 6.37 -7.69 -0.28
N MET A 37 5.34 -7.09 0.31
CA MET A 37 5.44 -5.70 0.72
C MET A 37 5.74 -5.60 2.21
N ALA A 38 6.32 -4.46 2.57
CA ALA A 38 6.55 -4.06 3.94
C ALA A 38 6.16 -2.60 4.10
N ALA A 39 4.86 -2.38 4.09
CA ALA A 39 4.29 -1.04 4.03
C ALA A 39 2.98 -0.96 4.78
N LYS A 40 2.35 0.20 4.65
CA LYS A 40 1.00 0.43 5.14
C LYS A 40 0.46 1.76 4.64
N ALA A 41 0.91 2.79 5.35
CA ALA A 41 0.46 4.17 5.23
C ALA A 41 1.63 5.10 5.51
N GLY A 42 2.15 4.94 6.73
CA GLY A 42 3.16 5.82 7.29
C GLY A 42 4.43 5.76 6.47
N ARG A 43 4.65 4.62 5.85
CA ARG A 43 5.74 4.47 4.88
C ARG A 43 5.51 3.27 3.99
N ILE A 44 6.26 3.12 2.92
CA ILE A 44 6.20 1.91 2.10
C ILE A 44 7.58 1.34 1.86
N SER A 45 7.64 0.02 1.73
CA SER A 45 8.87 -0.66 1.32
C SER A 45 8.53 -1.83 0.42
N PHE A 46 8.93 -1.77 -0.84
CA PHE A 46 8.50 -2.76 -1.82
C PHE A 46 9.57 -3.77 -2.17
N TYR A 47 9.16 -5.03 -2.26
CA TYR A 47 10.01 -6.10 -2.75
C TYR A 47 9.17 -7.28 -3.22
N LYS A 48 8.89 -7.31 -4.51
CA LYS A 48 8.13 -8.39 -5.12
C LYS A 48 8.66 -9.74 -4.69
N ASP A 49 9.93 -9.77 -4.32
CA ASP A 49 10.55 -10.95 -3.73
C ASP A 49 11.93 -10.61 -3.19
N GLN A 50 12.73 -11.62 -2.90
CA GLN A 50 14.12 -11.40 -2.51
C GLN A 50 15.02 -11.39 -3.72
N LYS A 51 14.83 -10.41 -4.60
CA LYS A 51 15.53 -10.38 -5.88
C LYS A 51 16.51 -9.23 -5.91
N GLY A 52 16.08 -8.06 -6.34
CA GLY A 52 16.94 -6.87 -6.19
C GLY A 52 17.45 -6.87 -4.74
N TYR A 53 16.56 -7.29 -3.87
CA TYR A 53 16.88 -7.51 -2.45
C TYR A 53 17.98 -8.53 -2.26
N LYS A 54 17.85 -9.72 -2.80
CA LYS A 54 18.94 -10.72 -2.80
C LYS A 54 20.26 -10.05 -3.10
N SER A 55 20.38 -9.45 -4.27
CA SER A 55 21.62 -8.79 -4.68
C SER A 55 21.98 -7.68 -3.71
N ASN A 56 21.21 -6.61 -3.75
CA ASN A 56 21.52 -5.41 -2.98
C ASN A 56 20.37 -5.04 -2.07
N PRO A 57 20.67 -4.63 -0.85
CA PRO A 57 19.68 -4.17 0.21
C PRO A 57 19.00 -2.83 -0.07
N GLU A 58 19.56 -2.02 -0.94
CA GLU A 58 18.94 -0.78 -1.38
C GLU A 58 18.22 -0.93 -2.69
N LEU A 59 18.00 -2.13 -3.18
CA LEU A 59 17.26 -2.35 -4.42
C LEU A 59 16.35 -3.55 -4.31
N THR A 60 15.36 -3.62 -5.18
CA THR A 60 14.48 -4.77 -5.29
C THR A 60 13.94 -4.90 -6.69
N PHE A 61 12.87 -5.64 -6.87
CA PHE A 61 12.16 -5.65 -8.16
C PHE A 61 11.95 -4.24 -8.64
N ARG A 62 12.01 -3.92 -9.91
CA ARG A 62 12.00 -2.53 -10.37
C ARG A 62 10.81 -1.76 -9.85
N GLY A 63 9.85 -2.38 -9.21
CA GLY A 63 8.80 -1.69 -8.44
C GLY A 63 9.33 -1.60 -7.00
N GLU A 64 10.57 -1.17 -6.93
CA GLU A 64 11.39 -1.19 -5.71
C GLU A 64 11.08 -0.12 -4.67
N PRO A 65 10.64 1.04 -5.08
CA PRO A 65 10.38 2.33 -4.30
C PRO A 65 9.71 2.21 -2.94
N SER A 66 9.60 3.36 -2.29
CA SER A 66 9.09 3.48 -0.93
C SER A 66 8.17 4.67 -0.81
N TYR A 67 7.70 4.90 0.41
CA TYR A 67 6.92 6.09 0.75
C TYR A 67 7.06 6.40 2.22
N ASP A 68 6.60 7.58 2.61
CA ASP A 68 6.58 8.01 4.00
C ASP A 68 5.33 8.80 4.29
N LEU A 69 4.21 8.12 4.43
CA LEU A 69 2.90 8.78 4.53
C LEU A 69 2.20 8.63 5.86
N GLN A 70 2.58 9.36 6.89
CA GLN A 70 1.77 9.46 8.11
C GLN A 70 0.74 10.56 7.95
N ASN A 71 0.55 10.99 6.72
CA ASN A 71 -0.37 12.03 6.25
C ASN A 71 -1.58 11.47 5.55
N ALA A 72 -1.45 10.28 4.98
CA ALA A 72 -2.48 9.68 4.12
C ALA A 72 -3.82 9.57 4.83
N ALA A 73 -4.80 9.13 4.06
CA ALA A 73 -6.18 8.98 4.53
C ALA A 73 -6.69 7.58 4.24
N ILE A 74 -7.32 6.95 5.22
CA ILE A 74 -7.70 5.54 5.10
C ILE A 74 -9.14 5.40 4.64
N GLU A 75 -9.38 4.36 3.86
CA GLU A 75 -10.74 4.01 3.44
C GLU A 75 -10.76 2.66 2.76
N ILE A 76 -11.94 2.07 2.66
CA ILE A 76 -12.13 0.84 1.89
C ILE A 76 -12.76 1.14 0.56
N ALA A 77 -12.67 0.23 -0.39
CA ALA A 77 -13.37 0.37 -1.66
C ALA A 77 -14.87 0.42 -1.45
N SER A 78 -15.60 0.78 -2.47
CA SER A 78 -17.05 0.94 -2.37
C SER A 78 -17.78 0.16 -3.44
N ASP A 79 -17.37 0.35 -4.68
CA ASP A 79 -18.00 -0.27 -5.84
C ASP A 79 -17.08 -1.33 -6.43
N TYR A 80 -16.80 -2.34 -5.64
CA TYR A 80 -15.81 -3.36 -5.98
C TYR A 80 -16.25 -4.25 -7.12
N THR A 81 -17.37 -4.94 -7.00
CA THR A 81 -17.71 -5.98 -7.97
C THR A 81 -16.54 -6.93 -8.04
N LYS A 82 -15.98 -7.21 -6.88
CA LYS A 82 -14.72 -7.89 -6.61
C LYS A 82 -13.68 -6.84 -6.31
N LYS A 83 -12.99 -7.00 -5.21
CA LYS A 83 -12.10 -6.08 -4.52
C LYS A 83 -12.70 -5.76 -3.14
N LYS A 84 -13.87 -6.32 -2.84
CA LYS A 84 -14.49 -6.24 -1.50
C LYS A 84 -13.78 -7.05 -0.42
N HIS A 85 -12.61 -7.55 -0.77
CA HIS A 85 -11.71 -8.23 0.15
C HIS A 85 -10.43 -7.43 0.28
N VAL A 86 -10.59 -6.11 0.41
CA VAL A 86 -9.46 -5.19 0.36
C VAL A 86 -9.66 -3.95 1.21
N LEU A 87 -8.56 -3.29 1.51
CA LEU A 87 -8.50 -1.98 2.16
C LEU A 87 -7.73 -0.99 1.32
N ARG A 88 -7.64 0.27 1.70
CA ARG A 88 -6.76 1.22 0.99
C ARG A 88 -6.43 2.45 1.81
N VAL A 89 -5.27 3.02 1.54
CA VAL A 89 -4.88 4.32 2.09
C VAL A 89 -4.59 5.28 0.95
N LYS A 90 -4.79 6.55 1.20
CA LYS A 90 -4.70 7.57 0.17
C LYS A 90 -3.61 8.58 0.50
N LEU A 91 -2.71 8.79 -0.44
CA LEU A 91 -1.70 9.84 -0.31
C LEU A 91 -2.28 11.18 -0.67
N ALA A 92 -1.41 12.15 -0.87
CA ALA A 92 -1.80 13.44 -1.42
C ALA A 92 -1.10 13.69 -2.73
N ASN A 93 -0.93 12.63 -3.49
CA ASN A 93 -0.39 12.72 -4.85
C ASN A 93 -1.25 11.95 -5.83
N GLY A 94 -2.45 11.56 -5.46
CA GLY A 94 -3.39 10.93 -6.40
C GLY A 94 -3.41 9.43 -6.30
N ALA A 95 -2.33 8.84 -5.80
CA ALA A 95 -2.19 7.38 -5.80
C ALA A 95 -2.78 6.76 -4.55
N LEU A 96 -2.96 5.44 -4.58
CA LEU A 96 -3.46 4.71 -3.42
C LEU A 96 -2.81 3.35 -3.28
N PHE A 97 -2.75 2.85 -2.07
CA PHE A 97 -2.28 1.49 -1.81
C PHE A 97 -3.44 0.61 -1.41
N LEU A 98 -4.01 -0.11 -2.36
CA LEU A 98 -5.12 -1.03 -2.11
C LEU A 98 -4.62 -2.38 -1.69
N LEU A 99 -4.99 -2.86 -0.52
CA LEU A 99 -4.42 -4.08 0.05
C LEU A 99 -5.36 -5.26 -0.06
N GLN A 100 -5.23 -6.16 -1.02
CA GLN A 100 -6.00 -7.40 -1.01
C GLN A 100 -5.28 -8.44 -0.18
N ALA A 101 -5.63 -8.54 1.09
CA ALA A 101 -4.87 -9.38 2.02
C ALA A 101 -5.22 -10.84 1.87
N HIS A 102 -4.82 -11.63 2.85
CA HIS A 102 -4.94 -13.09 2.74
C HIS A 102 -6.30 -13.62 3.12
N ASP A 103 -6.53 -13.87 4.40
CA ASP A 103 -7.73 -14.57 4.84
C ASP A 103 -8.86 -13.61 5.17
N ASP A 104 -8.74 -12.98 6.32
CA ASP A 104 -9.78 -12.15 6.89
C ASP A 104 -9.30 -11.51 8.19
N THR A 105 -8.47 -12.25 8.89
CA THR A 105 -7.76 -11.71 10.06
C THR A 105 -6.75 -10.70 9.57
N GLU A 106 -5.85 -11.15 8.71
CA GLU A 106 -4.95 -10.27 7.98
C GLU A 106 -5.67 -9.13 7.33
N MET A 107 -6.82 -9.41 6.74
CA MET A 107 -7.53 -8.38 5.96
C MET A 107 -7.74 -7.15 6.83
N SER A 108 -8.34 -7.42 7.99
CA SER A 108 -8.65 -6.40 8.97
C SER A 108 -7.39 -5.85 9.61
N GLN A 109 -6.49 -6.73 10.05
CA GLN A 109 -5.28 -6.31 10.75
C GLN A 109 -4.48 -5.34 9.90
N TRP A 110 -4.37 -5.59 8.61
CA TRP A 110 -3.77 -4.63 7.69
C TRP A 110 -4.46 -3.30 7.79
N VAL A 111 -5.79 -3.28 7.79
CA VAL A 111 -6.53 -2.02 7.90
C VAL A 111 -6.22 -1.30 9.20
N THR A 112 -6.38 -2.00 10.32
CA THR A 112 -5.98 -1.53 11.64
C THR A 112 -4.52 -1.21 11.69
N SER A 113 -3.69 -1.83 10.88
CA SER A 113 -2.27 -1.51 10.82
C SER A 113 -2.04 -0.14 10.23
N LEU A 114 -2.60 0.06 9.04
CA LEU A 114 -2.59 1.34 8.35
C LEU A 114 -3.30 2.40 9.15
N LYS A 115 -4.31 1.99 9.89
CA LYS A 115 -5.04 2.88 10.79
C LYS A 115 -4.09 3.54 11.77
N ALA A 116 -3.27 2.73 12.41
CA ALA A 116 -2.21 3.24 13.27
C ALA A 116 -1.36 4.27 12.55
N GLN A 117 -1.12 4.03 11.27
CA GLN A 117 -0.26 4.92 10.49
C GLN A 117 -1.04 6.02 9.82
N SER A 118 -1.59 5.72 8.66
CA SER A 118 -2.27 6.67 7.78
C SER A 118 -2.97 7.73 8.57
N ASP A 119 -2.40 8.88 8.86
CA ASP A 119 -2.98 9.85 9.79
C ASP A 119 -2.96 11.25 9.24
N SER A 120 -3.58 12.17 9.97
CA SER A 120 -3.51 13.60 9.65
C SER A 120 -2.49 14.30 10.51
N THR A 121 -2.88 15.21 11.38
CA THR A 121 -1.92 15.94 12.23
C THR A 121 -2.62 16.64 13.37
N ALA A 122 -2.00 16.65 14.53
CA ALA A 122 -2.55 17.33 15.70
C ALA A 122 -2.61 18.82 15.48
#